data_6PO4
#
_entry.id   6PO4
#
_cell.length_a   124.536
_cell.length_b   214.743
_cell.length_c   146.904
_cell.angle_alpha   90.000
_cell.angle_beta   90.000
_cell.angle_gamma   90.000
#
_symmetry.space_group_name_H-M   'C 2 2 21'
#
loop_
_entity.id
_entity.type
_entity.pdbx_description
1 polymer "5'-methylthioadenosine/S-adenosylhomocysteine nucleosidase"
2 non-polymer '2-AMINO-4-MERCAPTO-BUTYRIC ACID'
3 non-polymer ADENINE
4 non-polymer 'BORIC ACID'
5 water water
#
_entity_poly.entity_id   1
_entity_poly.type   'polypeptide(L)'
_entity_poly.pdbx_seq_one_letter_code
;SNAMKIGIVGAMAQEVEILKNLMTERTETRVASAVIFEGKINGKDIALLQSGIGKVAAAIGTTALLQLAKPDCVINTGSA
GGVAKGLKVGDIVISDETRYHDADVTAFGYEKGQLPANPAAFLSDKKLADLAQEMAEKQGQSVKRGLICSGDSFINSEDK
IAQIQADFPNVMGVEMEATAIAQVCYAFNVPFVVVRAISDGGDGKASISFEEFLPLAAKQSSALVLEMIDRLSS
;
_entity_poly.pdbx_strand_id   A,B,C,D,E,F
#
loop_
_chem_comp.id
_chem_comp.type
_chem_comp.name
_chem_comp.formula
ADE non-polymer ADENINE 'C5 H5 N5'
BO3 non-polymer 'BORIC ACID' 'B H3 O3'
#
# COMPACT_ATOMS: atom_id res chain seq x y z
N ASN A 2 33.93 13.36 46.38
CA ASN A 2 33.08 14.48 46.88
C ASN A 2 31.75 13.93 47.42
N ALA A 3 31.37 14.32 48.64
CA ALA A 3 30.09 13.90 49.27
C ALA A 3 28.93 14.63 48.58
N MET A 4 27.69 14.26 48.88
CA MET A 4 26.53 14.92 48.21
C MET A 4 26.55 16.42 48.49
N LYS A 5 26.10 17.21 47.51
CA LYS A 5 26.02 18.68 47.68
C LYS A 5 24.59 19.11 47.33
N ILE A 6 23.88 19.69 48.29
CA ILE A 6 22.48 20.14 48.04
C ILE A 6 22.51 21.58 47.52
N GLY A 7 21.91 21.80 46.36
CA GLY A 7 21.80 23.17 45.83
C GLY A 7 20.52 23.81 46.34
N ILE A 8 20.61 25.04 46.87
CA ILE A 8 19.40 25.77 47.36
C ILE A 8 19.37 27.12 46.68
N VAL A 9 18.21 27.50 46.14
CA VAL A 9 18.08 28.78 45.41
C VAL A 9 16.98 29.63 46.05
N GLY A 10 17.32 30.86 46.38
CA GLY A 10 16.35 31.88 46.84
C GLY A 10 16.55 33.14 46.00
N ALA A 11 15.49 33.89 45.74
CA ALA A 11 15.61 35.08 44.87
C ALA A 11 16.16 36.26 45.67
N MET A 12 15.57 36.48 46.84
CA MET A 12 15.90 37.69 47.65
C MET A 12 16.82 37.36 48.82
N ALA A 13 17.52 38.38 49.30
CA ALA A 13 18.40 38.24 50.48
C ALA A 13 17.60 37.66 51.64
N GLN A 14 16.38 38.15 51.85
CA GLN A 14 15.54 37.74 53.00
C GLN A 14 15.20 36.26 52.90
N GLU A 15 15.10 35.72 51.69
CA GLU A 15 14.71 34.29 51.49
C GLU A 15 15.91 33.37 51.77
N VAL A 16 17.15 33.86 51.71
CA VAL A 16 18.32 32.96 51.94
C VAL A 16 19.03 33.28 53.27
N GLU A 17 18.60 34.34 53.97
N GLU A 17 18.60 34.35 53.96
CA GLU A 17 19.29 34.90 55.18
CA GLU A 17 19.30 34.79 55.19
C GLU A 17 19.43 33.83 56.29
C GLU A 17 19.45 33.62 56.18
N ILE A 18 18.37 33.05 56.55
N ILE A 18 18.33 33.08 56.68
CA ILE A 18 18.42 32.04 57.65
CA ILE A 18 18.35 31.98 57.69
C ILE A 18 19.42 30.94 57.28
C ILE A 18 19.40 30.94 57.30
N LEU A 19 19.30 30.35 56.09
CA LEU A 19 20.24 29.29 55.65
C LEU A 19 21.67 29.85 55.56
N LYS A 20 21.82 31.03 54.95
CA LYS A 20 23.14 31.68 54.84
C LYS A 20 23.79 31.83 56.23
N ASN A 21 23.06 32.35 57.22
CA ASN A 21 23.67 32.64 58.55
C ASN A 21 23.98 31.34 59.32
N LEU A 22 23.55 30.17 58.84
CA LEU A 22 23.83 28.89 59.55
C LEU A 22 24.99 28.15 58.89
N MET A 23 25.46 28.60 57.72
CA MET A 23 26.54 27.85 57.05
C MET A 23 27.89 28.14 57.73
N THR A 24 28.69 27.11 57.96
CA THR A 24 30.07 27.32 58.49
C THR A 24 31.04 27.17 57.33
N GLU A 25 32.27 27.70 57.48
CA GLU A 25 33.28 27.64 56.38
C GLU A 25 32.64 28.21 55.12
N ARG A 26 31.84 29.25 55.32
CA ARG A 26 31.07 29.82 54.19
C ARG A 26 31.99 30.68 53.31
N THR A 27 31.99 30.39 52.01
CA THR A 27 32.70 31.22 51.01
C THR A 27 31.60 31.89 50.17
N GLU A 28 31.89 33.05 49.61
CA GLU A 28 30.93 33.86 48.83
C GLU A 28 31.56 34.14 47.48
N THR A 29 30.90 33.71 46.40
CA THR A 29 31.36 33.98 45.02
C THR A 29 30.28 34.80 44.30
N ARG A 30 30.64 35.96 43.77
CA ARG A 30 29.66 36.76 42.99
C ARG A 30 29.88 36.43 41.51
N VAL A 31 28.84 35.99 40.81
CA VAL A 31 28.93 35.78 39.33
C VAL A 31 27.83 36.64 38.71
N ALA A 32 28.24 37.70 38.00
CA ALA A 32 27.29 38.67 37.40
C ALA A 32 26.28 39.11 38.47
N SER A 33 24.99 38.81 38.29
CA SER A 33 23.92 39.27 39.23
C SER A 33 23.66 38.24 40.33
N ALA A 34 24.45 37.17 40.37
CA ALA A 34 24.18 36.09 41.34
C ALA A 34 25.24 36.04 42.43
N VAL A 35 24.83 35.64 43.63
CA VAL A 35 25.78 35.41 44.75
C VAL A 35 25.61 33.95 45.15
N ILE A 36 26.72 33.20 45.15
CA ILE A 36 26.70 31.76 45.53
C ILE A 36 27.51 31.60 46.82
N PHE A 37 26.86 31.01 47.84
CA PHE A 37 27.54 30.71 49.12
C PHE A 37 27.78 29.21 49.17
N GLU A 38 29.00 28.83 49.54
CA GLU A 38 29.30 27.39 49.70
C GLU A 38 29.83 27.20 51.12
N GLY A 39 29.37 26.16 51.79
CA GLY A 39 29.80 25.89 53.17
C GLY A 39 29.03 24.72 53.74
N LYS A 40 29.05 24.57 55.06
CA LYS A 40 28.41 23.39 55.66
C LYS A 40 27.30 23.80 56.62
N ILE A 41 26.25 22.98 56.62
CA ILE A 41 25.11 23.06 57.57
C ILE A 41 24.99 21.67 58.18
N ASN A 42 25.27 21.53 59.48
CA ASN A 42 25.13 20.20 60.14
C ASN A 42 26.03 19.21 59.39
N GLY A 43 27.27 19.62 59.08
CA GLY A 43 28.30 18.80 58.40
C GLY A 43 27.97 18.48 56.93
N LYS A 44 26.94 19.08 56.36
CA LYS A 44 26.56 18.77 54.95
C LYS A 44 27.00 19.91 54.03
N ASP A 45 27.57 19.58 52.87
CA ASP A 45 27.97 20.60 51.87
C ASP A 45 26.73 21.21 51.25
N ILE A 46 26.66 22.55 51.29
CA ILE A 46 25.52 23.34 50.73
C ILE A 46 26.07 24.37 49.73
N ALA A 47 25.37 24.53 48.60
CA ALA A 47 25.64 25.61 47.63
C ALA A 47 24.35 26.43 47.61
N LEU A 48 24.40 27.63 48.19
CA LEU A 48 23.20 28.49 48.34
C LEU A 48 23.26 29.64 47.34
N LEU A 49 22.29 29.69 46.43
CA LEU A 49 22.25 30.77 45.41
C LEU A 49 21.22 31.84 45.80
N GLN A 50 21.70 33.08 45.80
CA GLN A 50 20.83 34.28 45.92
C GLN A 50 20.79 34.85 44.50
N SER A 51 19.69 34.60 43.78
CA SER A 51 19.66 34.91 42.33
C SER A 51 19.25 36.35 41.99
N GLY A 52 18.41 36.96 42.82
CA GLY A 52 17.74 38.18 42.34
C GLY A 52 16.38 37.78 41.79
N ILE A 53 15.51 38.75 41.52
CA ILE A 53 14.09 38.50 41.15
C ILE A 53 13.86 38.31 39.66
N GLY A 54 13.01 37.33 39.34
CA GLY A 54 12.56 37.14 37.95
C GLY A 54 13.24 35.99 37.26
N LYS A 55 12.72 35.70 36.07
CA LYS A 55 13.10 34.52 35.24
C LYS A 55 14.56 34.62 34.80
N VAL A 56 14.97 35.76 34.28
CA VAL A 56 16.35 35.86 33.73
C VAL A 56 17.35 35.86 34.89
N ALA A 57 17.07 36.58 35.99
CA ALA A 57 18.00 36.58 37.15
C ALA A 57 18.16 35.14 37.67
N ALA A 58 17.05 34.42 37.79
CA ALA A 58 17.07 33.03 38.25
C ALA A 58 17.85 32.15 37.26
N ALA A 59 17.66 32.36 35.95
CA ALA A 59 18.37 31.55 34.94
C ALA A 59 19.88 31.83 34.97
N ILE A 60 20.27 33.09 35.03
CA ILE A 60 21.72 33.44 35.17
C ILE A 60 22.30 32.73 36.39
N GLY A 61 21.64 32.89 37.53
CA GLY A 61 22.17 32.36 38.80
C GLY A 61 22.20 30.85 38.84
N THR A 62 21.13 30.20 38.37
CA THR A 62 21.11 28.71 38.39
C THR A 62 22.18 28.17 37.44
N THR A 63 22.32 28.82 36.27
CA THR A 63 23.38 28.39 35.32
C THR A 63 24.74 28.53 36.02
N ALA A 64 25.02 29.68 36.64
CA ALA A 64 26.30 29.89 37.36
C ALA A 64 26.44 28.85 38.49
N LEU A 65 25.36 28.58 39.22
CA LEU A 65 25.37 27.62 40.36
C LEU A 65 25.75 26.23 39.83
N LEU A 66 25.06 25.78 38.80
CA LEU A 66 25.28 24.41 38.28
C LEU A 66 26.69 24.27 37.70
N GLN A 67 27.18 25.32 37.03
CA GLN A 67 28.53 25.23 36.42
C GLN A 67 29.61 25.35 37.51
N LEU A 68 29.40 26.18 38.54
CA LEU A 68 30.46 26.38 39.56
C LEU A 68 30.44 25.31 40.65
N ALA A 69 29.29 25.12 41.30
CA ALA A 69 29.17 24.24 42.49
C ALA A 69 28.77 22.82 42.12
N LYS A 70 28.15 22.65 40.94
CA LYS A 70 27.69 21.31 40.47
C LYS A 70 26.94 20.59 41.59
N PRO A 71 25.84 21.16 42.15
CA PRO A 71 25.09 20.47 43.19
C PRO A 71 24.41 19.21 42.58
N ASP A 72 24.07 18.24 43.42
CA ASP A 72 23.42 16.97 42.98
C ASP A 72 21.91 17.19 42.84
N CYS A 73 21.38 18.23 43.48
CA CYS A 73 19.93 18.54 43.39
C CYS A 73 19.72 20.03 43.65
N VAL A 74 18.58 20.57 43.25
CA VAL A 74 18.27 22.00 43.52
C VAL A 74 16.91 22.10 44.22
N ILE A 75 16.89 22.77 45.38
CA ILE A 75 15.63 23.05 46.13
C ILE A 75 15.40 24.57 46.03
N ASN A 76 14.26 24.98 45.49
CA ASN A 76 13.92 26.42 45.38
C ASN A 76 13.16 26.80 46.64
N THR A 77 13.80 27.61 47.51
CA THR A 77 13.21 28.06 48.80
C THR A 77 12.65 29.49 48.65
N GLY A 78 11.86 29.95 49.62
CA GLY A 78 11.34 31.33 49.55
C GLY A 78 9.83 31.43 49.71
N SER A 79 9.30 32.57 49.25
CA SER A 79 7.88 32.97 49.41
C SER A 79 7.09 32.63 48.14
N ALA A 80 5.76 32.64 48.25
CA ALA A 80 4.90 32.40 47.06
C ALA A 80 3.52 32.98 47.34
N GLY A 81 2.80 33.33 46.28
CA GLY A 81 1.40 33.76 46.42
C GLY A 81 0.52 32.53 46.48
N GLY A 82 -0.34 32.44 47.51
CA GLY A 82 -1.24 31.29 47.69
C GLY A 82 -2.55 31.53 46.97
N VAL A 83 -2.75 30.85 45.85
CA VAL A 83 -3.96 31.06 45.01
C VAL A 83 -4.99 29.97 45.30
N ALA A 84 -4.56 28.81 45.81
CA ALA A 84 -5.50 27.71 46.12
C ALA A 84 -6.24 28.01 47.44
N LYS A 85 -7.52 27.66 47.48
CA LYS A 85 -8.38 27.84 48.68
C LYS A 85 -7.77 27.03 49.83
N GLY A 86 -7.79 27.58 51.05
CA GLY A 86 -7.23 26.88 52.25
C GLY A 86 -5.79 27.28 52.56
N LEU A 87 -5.11 27.95 51.62
CA LEU A 87 -3.70 28.37 51.91
C LEU A 87 -3.70 29.63 52.79
N LYS A 88 -2.87 29.62 53.82
CA LYS A 88 -2.72 30.79 54.72
C LYS A 88 -1.24 31.14 54.78
N VAL A 89 -0.92 32.39 55.11
CA VAL A 89 0.50 32.83 55.22
C VAL A 89 1.25 31.83 56.11
N GLY A 90 2.44 31.39 55.71
CA GLY A 90 3.21 30.44 56.52
C GLY A 90 3.08 29.02 55.99
N ASP A 91 1.97 28.71 55.32
CA ASP A 91 1.74 27.35 54.76
C ASP A 91 2.83 26.99 53.74
N ILE A 92 3.23 25.72 53.74
CA ILE A 92 4.29 25.21 52.81
C ILE A 92 3.64 24.82 51.48
N VAL A 93 4.25 25.21 50.37
CA VAL A 93 3.78 24.77 49.02
C VAL A 93 4.94 24.03 48.35
N ILE A 94 4.68 22.79 47.93
CA ILE A 94 5.69 21.92 47.25
C ILE A 94 5.23 21.72 45.81
N SER A 95 6.16 21.82 44.85
CA SER A 95 5.80 21.64 43.42
C SER A 95 5.79 20.17 43.01
N ASP A 96 4.71 19.78 42.30
CA ASP A 96 4.64 18.50 41.56
C ASP A 96 5.18 18.84 40.18
N GLU A 97 4.84 20.05 39.72
CA GLU A 97 5.30 20.52 38.40
C GLU A 97 5.27 22.05 38.40
N THR A 98 5.98 22.64 37.43
CA THR A 98 6.02 24.11 37.29
C THR A 98 5.68 24.46 35.84
N ARG A 99 4.97 25.56 35.65
CA ARG A 99 4.62 26.03 34.28
C ARG A 99 4.71 27.54 34.29
N TYR A 100 5.06 28.14 33.15
CA TYR A 100 5.00 29.62 33.00
C TYR A 100 3.55 30.02 32.76
N HIS A 101 3.04 30.98 33.55
CA HIS A 101 1.67 31.48 33.28
C HIS A 101 1.74 32.61 32.24
N ASP A 102 2.93 33.10 31.91
CA ASP A 102 3.05 34.26 31.00
C ASP A 102 3.75 33.87 29.68
N ALA A 103 3.80 32.59 29.32
CA ALA A 103 4.44 32.24 28.03
C ALA A 103 3.34 31.87 27.03
N ASP A 104 3.49 32.32 25.78
CA ASP A 104 2.43 32.01 24.80
C ASP A 104 3.02 31.89 23.38
N VAL A 105 3.16 30.65 22.93
CA VAL A 105 3.57 30.37 21.52
C VAL A 105 2.47 29.51 20.89
N THR A 106 1.21 29.78 21.27
CA THR A 106 0.06 29.02 20.75
C THR A 106 -0.07 29.29 19.25
N ALA A 107 0.53 30.39 18.79
CA ALA A 107 0.47 30.73 17.35
C ALA A 107 1.05 29.57 16.52
N PHE A 108 1.89 28.71 17.12
CA PHE A 108 2.50 27.59 16.36
C PHE A 108 2.06 26.24 16.95
N GLY A 109 0.93 26.22 17.66
CA GLY A 109 0.36 24.95 18.15
C GLY A 109 0.88 24.52 19.51
N TYR A 110 1.81 25.28 20.11
CA TYR A 110 2.28 24.89 21.47
C TYR A 110 1.18 25.12 22.51
N GLU A 111 1.21 24.34 23.58
CA GLU A 111 0.29 24.46 24.73
C GLU A 111 0.55 25.80 25.43
N LYS A 112 -0.45 26.40 26.06
CA LYS A 112 -0.17 27.70 26.75
C LYS A 112 0.83 27.46 27.87
N GLY A 113 1.79 28.37 28.02
CA GLY A 113 2.83 28.25 29.07
C GLY A 113 4.04 27.48 28.58
N GLN A 114 3.92 26.83 27.42
CA GLN A 114 5.02 25.99 26.89
C GLN A 114 5.96 26.78 25.96
N LEU A 115 7.26 26.61 26.17
CA LEU A 115 8.26 27.21 25.25
C LEU A 115 8.79 26.11 24.33
N PRO A 116 9.05 26.41 23.05
CA PRO A 116 9.62 25.43 22.13
C PRO A 116 10.84 24.73 22.73
N ALA A 117 10.98 23.44 22.42
CA ALA A 117 12.08 22.53 22.87
C ALA A 117 11.94 22.18 24.36
N ASN A 118 10.83 22.58 25.01
CA ASN A 118 10.66 22.24 26.44
C ASN A 118 9.30 21.57 26.64
N PRO A 119 9.11 20.80 27.72
CA PRO A 119 7.81 20.21 27.97
C PRO A 119 6.89 21.38 28.38
N ALA A 120 5.59 21.20 28.22
CA ALA A 120 4.64 22.25 28.65
C ALA A 120 4.79 22.46 30.16
N ALA A 121 5.13 21.39 30.90
CA ALA A 121 5.28 21.46 32.37
C ALA A 121 6.59 20.79 32.78
N PHE A 122 7.38 21.43 33.64
CA PHE A 122 8.60 20.77 34.18
C PHE A 122 8.17 19.92 35.37
N LEU A 123 8.34 18.60 35.27
CA LEU A 123 7.92 17.72 36.39
C LEU A 123 8.99 17.81 37.48
N SER A 124 8.56 18.12 38.72
CA SER A 124 9.47 18.25 39.87
C SER A 124 10.01 16.85 40.23
N ASP A 125 11.11 16.78 40.97
CA ASP A 125 11.66 15.45 41.35
C ASP A 125 10.73 14.80 42.37
N LYS A 126 10.24 13.59 42.05
CA LYS A 126 9.31 12.82 42.91
C LYS A 126 9.91 12.61 44.31
N LYS A 127 11.16 12.12 44.38
CA LYS A 127 11.80 11.79 45.69
C LYS A 127 11.98 13.05 46.55
N LEU A 128 12.32 14.19 45.94
CA LEU A 128 12.51 15.42 46.77
C LEU A 128 11.15 15.89 47.27
N ALA A 129 10.16 15.89 46.37
CA ALA A 129 8.80 16.37 46.72
C ALA A 129 8.22 15.49 47.84
N ASP A 130 8.40 14.17 47.75
CA ASP A 130 7.89 13.24 48.80
C ASP A 130 8.63 13.52 50.12
N LEU A 131 9.95 13.77 50.04
CA LEU A 131 10.74 14.04 51.28
C LEU A 131 10.23 15.33 51.92
N ALA A 132 10.02 16.37 51.11
CA ALA A 132 9.52 17.66 51.63
C ALA A 132 8.17 17.44 52.35
N GLN A 133 7.23 16.77 51.68
CA GLN A 133 5.88 16.57 52.29
C GLN A 133 6.01 15.72 53.55
N GLU A 134 6.86 14.69 53.52
CA GLU A 134 7.09 13.81 54.69
C GLU A 134 7.67 14.64 55.85
N MET A 135 8.75 15.38 55.60
CA MET A 135 9.36 16.20 56.68
C MET A 135 8.34 17.23 57.19
N ALA A 136 7.58 17.86 56.28
CA ALA A 136 6.54 18.85 56.66
C ALA A 136 5.49 18.21 57.57
N GLU A 137 5.07 16.99 57.27
CA GLU A 137 4.04 16.32 58.11
C GLU A 137 4.64 16.02 59.48
N LYS A 138 5.88 15.55 59.53
CA LYS A 138 6.55 15.23 60.82
C LYS A 138 6.70 16.51 61.65
N GLN A 139 7.01 17.65 61.01
CA GLN A 139 7.17 18.95 61.71
C GLN A 139 5.78 19.51 62.09
N GLY A 140 4.69 18.93 61.58
CA GLY A 140 3.34 19.47 61.84
C GLY A 140 3.08 20.76 61.07
N GLN A 141 3.83 21.00 59.98
CA GLN A 141 3.62 22.21 59.14
C GLN A 141 2.49 21.97 58.14
N SER A 142 1.54 22.91 58.05
CA SER A 142 0.46 22.83 57.03
C SER A 142 1.15 22.81 55.66
N VAL A 143 0.82 21.83 54.81
CA VAL A 143 1.56 21.65 53.53
C VAL A 143 0.59 21.34 52.39
N LYS A 144 0.87 21.87 51.20
CA LYS A 144 0.03 21.61 50.01
C LYS A 144 1.00 21.34 48.85
N ARG A 145 0.63 20.42 47.97
CA ARG A 145 1.53 19.97 46.88
C ARG A 145 0.80 20.06 45.53
N GLY A 146 1.42 20.71 44.55
CA GLY A 146 0.74 20.81 43.24
C GLY A 146 1.48 21.69 42.23
N LEU A 147 0.70 22.45 41.45
CA LEU A 147 1.20 23.28 40.34
C LEU A 147 1.67 24.65 40.84
N ILE A 148 2.90 24.98 40.52
CA ILE A 148 3.44 26.34 40.79
C ILE A 148 3.58 27.02 39.43
N CYS A 149 2.91 28.16 39.25
CA CYS A 149 3.05 28.92 37.98
C CYS A 149 3.98 30.10 38.20
N SER A 150 4.98 30.26 37.32
CA SER A 150 5.93 31.39 37.39
C SER A 150 5.67 32.38 36.24
N GLY A 151 6.08 33.62 36.48
CA GLY A 151 6.03 34.70 35.48
C GLY A 151 6.78 35.91 35.99
N ASP A 152 7.18 36.80 35.10
CA ASP A 152 7.89 38.03 35.52
C ASP A 152 6.87 39.07 36.01
N SER A 153 5.91 38.63 36.82
CA SER A 153 4.88 39.54 37.37
C SER A 153 4.62 39.23 38.85
N PHE A 154 4.46 40.29 39.64
CA PHE A 154 4.00 40.13 41.03
C PHE A 154 2.47 40.20 40.96
N ILE A 155 1.80 39.09 41.27
CA ILE A 155 0.31 39.01 41.13
C ILE A 155 -0.33 39.73 42.32
N ASN A 156 -1.08 40.80 42.04
CA ASN A 156 -1.72 41.62 43.11
C ASN A 156 -3.16 42.00 42.76
N SER A 157 -3.94 41.11 42.13
CA SER A 157 -5.38 41.44 41.93
C SER A 157 -6.18 40.16 41.69
N GLU A 158 -7.48 40.18 42.00
CA GLU A 158 -8.35 39.00 41.77
C GLU A 158 -8.49 38.78 40.26
N ASP A 159 -8.47 39.87 39.48
CA ASP A 159 -8.54 39.75 38.00
C ASP A 159 -7.31 38.98 37.51
N LYS A 160 -6.11 39.38 37.94
CA LYS A 160 -4.87 38.68 37.47
C LYS A 160 -4.92 37.21 37.93
N ILE A 161 -5.38 36.96 39.15
CA ILE A 161 -5.47 35.54 39.64
C ILE A 161 -6.41 34.76 38.71
N ALA A 162 -7.55 35.37 38.36
CA ALA A 162 -8.57 34.70 37.50
C ALA A 162 -8.01 34.42 36.11
N GLN A 163 -7.26 35.35 35.52
CA GLN A 163 -6.65 35.14 34.17
C GLN A 163 -5.76 33.89 34.20
N ILE A 164 -4.92 33.76 35.23
CA ILE A 164 -4.01 32.59 35.41
C ILE A 164 -4.85 31.32 35.61
N GLN A 165 -5.91 31.38 36.42
CA GLN A 165 -6.75 30.18 36.69
C GLN A 165 -7.53 29.76 35.44
N ALA A 166 -7.85 30.71 34.55
CA ALA A 166 -8.57 30.38 33.30
C ALA A 166 -7.65 29.57 32.38
N ASP A 167 -6.33 29.81 32.45
CA ASP A 167 -5.34 29.08 31.62
C ASP A 167 -4.85 27.84 32.38
N PHE A 168 -4.75 27.93 33.71
CA PHE A 168 -4.19 26.83 34.55
C PHE A 168 -5.09 26.61 35.76
N PRO A 169 -6.26 25.99 35.55
CA PRO A 169 -7.24 25.79 36.63
C PRO A 169 -6.69 25.22 37.95
N ASN A 170 -5.71 24.32 37.88
CA ASN A 170 -5.20 23.65 39.10
C ASN A 170 -4.05 24.43 39.74
N VAL A 171 -3.87 25.70 39.36
CA VAL A 171 -2.72 26.49 39.89
C VAL A 171 -2.86 26.62 41.42
N MET A 172 -1.81 26.22 42.14
CA MET A 172 -1.79 26.25 43.62
C MET A 172 -1.05 27.52 44.11
N GLY A 173 0.13 27.81 43.55
CA GLY A 173 0.90 28.99 43.98
C GLY A 173 1.51 29.72 42.80
N VAL A 174 1.80 31.00 43.00
CA VAL A 174 2.43 31.82 41.92
C VAL A 174 3.68 32.48 42.48
N GLU A 175 4.69 32.63 41.64
CA GLU A 175 5.91 33.35 42.07
C GLU A 175 6.67 33.73 40.79
N MET A 176 7.95 34.09 40.90
CA MET A 176 8.62 34.67 39.71
C MET A 176 9.92 33.95 39.29
N GLU A 177 10.24 32.78 39.84
CA GLU A 177 11.53 32.14 39.45
C GLU A 177 11.43 30.61 39.30
N ALA A 178 10.49 29.97 39.99
CA ALA A 178 10.47 28.49 40.09
C ALA A 178 10.58 27.84 38.71
N THR A 179 9.69 28.19 37.79
CA THR A 179 9.68 27.55 36.44
C THR A 179 11.02 27.83 35.71
N ALA A 180 11.57 29.02 35.87
CA ALA A 180 12.87 29.34 35.23
C ALA A 180 13.96 28.43 35.83
N ILE A 181 13.98 28.29 37.16
CA ILE A 181 15.01 27.39 37.79
C ILE A 181 14.79 25.97 37.26
N ALA A 182 13.53 25.54 37.19
CA ALA A 182 13.21 24.19 36.69
C ALA A 182 13.70 24.04 35.25
N GLN A 183 13.47 25.06 34.39
CA GLN A 183 13.94 24.99 32.98
C GLN A 183 15.47 24.81 32.94
N VAL A 184 16.19 25.59 33.74
CA VAL A 184 17.69 25.43 33.78
C VAL A 184 18.02 24.00 34.26
N CYS A 185 17.34 23.52 35.31
CA CYS A 185 17.66 22.17 35.85
C CYS A 185 17.26 21.09 34.83
N TYR A 186 16.17 21.33 34.09
CA TYR A 186 15.77 20.38 33.02
C TYR A 186 16.90 20.31 31.98
N ALA A 187 17.39 21.47 31.55
CA ALA A 187 18.44 21.56 30.50
C ALA A 187 19.76 20.96 30.99
N PHE A 188 20.09 21.07 32.29
CA PHE A 188 21.35 20.48 32.84
C PHE A 188 21.10 19.07 33.40
N ASN A 189 19.85 18.61 33.35
CA ASN A 189 19.48 17.26 33.87
C ASN A 189 19.84 17.17 35.37
N VAL A 190 19.33 18.09 36.20
CA VAL A 190 19.57 18.07 37.67
C VAL A 190 18.22 18.02 38.38
N PRO A 191 18.00 17.08 39.32
CA PRO A 191 16.73 17.00 40.06
C PRO A 191 16.37 18.34 40.71
N PHE A 192 15.09 18.72 40.63
CA PHE A 192 14.65 20.05 41.13
C PHE A 192 13.31 19.94 41.86
N VAL A 193 13.10 20.79 42.85
CA VAL A 193 11.77 20.87 43.53
C VAL A 193 11.62 22.25 44.14
N VAL A 194 10.38 22.72 44.20
CA VAL A 194 10.02 23.99 44.88
C VAL A 194 9.58 23.62 46.30
N VAL A 195 10.13 24.32 47.30
CA VAL A 195 9.71 24.16 48.72
C VAL A 195 9.61 25.59 49.26
N ARG A 196 8.50 26.25 48.96
CA ARG A 196 8.29 27.66 49.38
C ARG A 196 7.18 27.73 50.44
N ALA A 197 6.93 28.93 50.97
CA ALA A 197 5.85 29.14 51.96
C ALA A 197 5.06 30.38 51.53
N ILE A 198 3.79 30.43 51.92
CA ILE A 198 2.88 31.54 51.50
C ILE A 198 3.16 32.82 52.28
N SER A 199 3.23 33.92 51.53
CA SER A 199 3.47 35.27 52.11
C SER A 199 2.23 36.14 51.85
N ASP A 200 1.37 35.70 50.93
CA ASP A 200 0.19 36.50 50.53
C ASP A 200 -0.77 35.65 49.69
N GLY A 201 -1.92 36.20 49.32
CA GLY A 201 -2.93 35.49 48.50
C GLY A 201 -2.91 35.95 47.04
N GLY A 202 -1.96 36.83 46.68
CA GLY A 202 -1.85 37.31 45.28
C GLY A 202 -3.02 38.21 44.87
N ASP A 203 -3.81 38.67 45.84
CA ASP A 203 -5.01 39.53 45.59
C ASP A 203 -4.66 41.02 45.76
N GLY A 204 -5.68 41.88 45.89
CA GLY A 204 -5.47 43.33 46.03
C GLY A 204 -4.69 43.71 47.28
N LYS A 205 -4.47 42.79 48.21
CA LYS A 205 -3.75 43.11 49.47
C LYS A 205 -2.40 42.39 49.49
N ALA A 206 -2.02 41.81 48.35
CA ALA A 206 -0.77 41.01 48.25
C ALA A 206 0.47 41.84 48.59
N SER A 207 0.55 43.11 48.19
CA SER A 207 1.83 43.83 48.43
C SER A 207 2.03 44.11 49.92
N ILE A 208 0.94 44.46 50.64
CA ILE A 208 1.00 44.71 52.12
C ILE A 208 1.33 43.40 52.84
N SER A 209 0.57 42.35 52.51
CA SER A 209 0.74 41.00 53.12
C SER A 209 2.19 40.52 52.91
N PHE A 210 2.67 40.62 51.67
CA PHE A 210 4.05 40.20 51.32
C PHE A 210 5.08 40.90 52.23
N GLU A 211 5.00 42.23 52.37
CA GLU A 211 5.92 43.02 53.23
C GLU A 211 5.82 42.56 54.69
N GLU A 212 4.62 42.18 55.12
CA GLU A 212 4.41 41.77 56.54
C GLU A 212 4.78 40.30 56.75
N PHE A 213 4.61 39.43 55.75
CA PHE A 213 4.81 37.98 56.03
C PHE A 213 5.96 37.34 55.26
N LEU A 214 6.80 38.12 54.56
CA LEU A 214 7.94 37.48 53.86
C LEU A 214 8.83 36.80 54.90
N PRO A 215 9.10 37.41 56.07
CA PRO A 215 9.97 36.78 57.07
C PRO A 215 9.39 35.45 57.55
N LEU A 216 8.09 35.42 57.82
CA LEU A 216 7.42 34.16 58.24
C LEU A 216 7.62 33.09 57.17
N ALA A 217 7.37 33.46 55.90
CA ALA A 217 7.48 32.49 54.79
C ALA A 217 8.92 31.97 54.71
N ALA A 218 9.91 32.85 54.84
CA ALA A 218 11.34 32.44 54.79
C ALA A 218 11.64 31.50 55.98
N LYS A 219 11.10 31.81 57.15
CA LYS A 219 11.38 30.97 58.35
C LYS A 219 10.78 29.57 58.19
N GLN A 220 9.52 29.50 57.76
CA GLN A 220 8.82 28.20 57.62
C GLN A 220 9.47 27.39 56.50
N SER A 221 9.76 28.06 55.37
CA SER A 221 10.43 27.43 54.20
C SER A 221 11.82 26.92 54.61
N SER A 222 12.60 27.76 55.28
CA SER A 222 13.97 27.38 55.69
C SER A 222 13.94 26.21 56.68
N ALA A 223 12.97 26.19 57.61
CA ALA A 223 12.91 25.10 58.61
C ALA A 223 12.69 23.75 57.89
N LEU A 224 11.81 23.73 56.89
CA LEU A 224 11.59 22.47 56.13
C LEU A 224 12.85 22.10 55.34
N VAL A 225 13.47 23.08 54.68
CA VAL A 225 14.70 22.79 53.89
C VAL A 225 15.79 22.22 54.82
N LEU A 226 15.98 22.84 55.99
CA LEU A 226 17.04 22.36 56.93
C LEU A 226 16.79 20.89 57.31
N GLU A 227 15.51 20.52 57.46
CA GLU A 227 15.12 19.12 57.78
C GLU A 227 15.52 18.23 56.59
N MET A 228 15.28 18.70 55.36
CA MET A 228 15.61 17.90 54.15
C MET A 228 17.14 17.74 54.06
N ILE A 229 17.89 18.78 54.45
CA ILE A 229 19.38 18.74 54.35
C ILE A 229 19.90 17.59 55.23
N ASP A 230 19.35 17.45 56.44
CA ASP A 230 19.84 16.40 57.39
C ASP A 230 19.57 15.00 56.80
N ARG A 231 18.47 14.84 56.08
CA ARG A 231 18.07 13.53 55.50
C ARG A 231 18.85 13.20 54.22
N LEU A 232 19.26 14.20 53.44
CA LEU A 232 19.95 13.92 52.15
C LEU A 232 21.45 13.72 52.38
N SER A 233 21.89 12.46 52.38
CA SER A 233 23.31 12.06 52.60
C SER A 233 23.81 11.22 51.41
N SER A 234 25.14 11.12 51.27
CA SER A 234 25.81 10.32 50.20
C SER A 234 27.32 10.46 50.32
N ASN B 2 43.43 37.75 23.30
CA ASN B 2 43.82 39.18 23.28
C ASN B 2 43.17 39.90 22.08
N ALA B 3 43.06 39.24 20.92
CA ALA B 3 42.40 39.84 19.73
C ALA B 3 40.90 39.98 20.01
N MET B 4 40.23 40.95 19.38
CA MET B 4 38.79 41.15 19.71
C MET B 4 37.98 39.91 19.32
N LYS B 5 37.08 39.50 20.20
CA LYS B 5 36.18 38.36 19.92
C LYS B 5 34.75 38.89 19.94
N ILE B 6 34.01 38.67 18.85
CA ILE B 6 32.62 39.18 18.71
C ILE B 6 31.66 38.05 19.07
N GLY B 7 30.82 38.30 20.06
CA GLY B 7 29.78 37.31 20.41
C GLY B 7 28.53 37.58 19.57
N ILE B 8 27.92 36.54 19.03
CA ILE B 8 26.68 36.72 18.23
C ILE B 8 25.64 35.75 18.78
N VAL B 9 24.43 36.21 19.03
CA VAL B 9 23.39 35.31 19.61
C VAL B 9 22.17 35.29 18.68
N GLY B 10 21.72 34.07 18.39
CA GLY B 10 20.46 33.86 17.66
C GLY B 10 19.67 32.81 18.40
N ALA B 11 18.34 32.90 18.39
CA ALA B 11 17.52 31.92 19.14
C ALA B 11 17.37 30.61 18.35
N MET B 12 17.04 30.72 17.07
CA MET B 12 16.69 29.52 16.25
C MET B 12 17.85 29.08 15.38
N ALA B 13 17.84 27.80 14.99
CA ALA B 13 18.86 27.27 14.05
C ALA B 13 18.87 28.12 12.77
N GLN B 14 17.69 28.48 12.25
CA GLN B 14 17.62 29.28 11.01
C GLN B 14 18.24 30.66 11.24
N GLU B 15 18.16 31.20 12.44
CA GLU B 15 18.73 32.57 12.63
C GLU B 15 20.26 32.56 12.72
N VAL B 16 20.90 31.43 13.02
CA VAL B 16 22.40 31.41 13.15
C VAL B 16 23.05 30.63 12.00
N GLU B 17 22.27 29.91 11.18
CA GLU B 17 22.91 29.01 10.20
C GLU B 17 23.78 29.77 9.18
N ILE B 18 23.37 30.93 8.73
CA ILE B 18 24.22 31.67 7.72
C ILE B 18 25.59 31.91 8.33
N LEU B 19 25.65 32.39 9.57
CA LEU B 19 26.94 32.72 10.22
C LEU B 19 27.68 31.42 10.57
N LYS B 20 26.96 30.42 11.05
CA LYS B 20 27.57 29.10 11.40
C LYS B 20 28.29 28.53 10.17
N ASN B 21 27.69 28.70 8.98
CA ASN B 21 28.22 28.13 7.72
C ASN B 21 29.36 28.97 7.13
N LEU B 22 29.74 30.08 7.75
CA LEU B 22 30.86 30.92 7.24
C LEU B 22 32.04 30.85 8.21
N MET B 23 31.89 30.14 9.31
CA MET B 23 32.98 30.08 10.31
C MET B 23 34.04 29.06 9.88
N THR B 24 35.31 29.45 10.03
CA THR B 24 36.48 28.59 9.78
C THR B 24 37.04 28.20 11.16
N GLU B 25 37.94 27.20 11.21
CA GLU B 25 38.54 26.69 12.47
C GLU B 25 37.40 26.51 13.48
N ARG B 26 36.27 26.00 13.01
CA ARG B 26 35.07 25.99 13.87
C ARG B 26 35.08 24.82 14.86
N THR B 27 34.72 25.14 16.11
CA THR B 27 34.54 24.15 17.19
C THR B 27 33.08 24.33 17.64
N GLU B 28 32.50 23.27 18.19
CA GLU B 28 31.10 23.29 18.66
C GLU B 28 31.08 22.77 20.09
N THR B 29 30.47 23.54 21.00
CA THR B 29 30.34 23.14 22.42
C THR B 29 28.86 23.22 22.81
N ARG B 30 28.36 22.18 23.46
CA ARG B 30 26.96 22.11 23.93
C ARG B 30 27.01 22.25 25.45
N VAL B 31 26.28 23.24 25.97
CA VAL B 31 26.14 23.49 27.43
C VAL B 31 24.64 23.54 27.68
N ALA B 32 24.09 22.52 28.34
CA ALA B 32 22.64 22.50 28.61
C ALA B 32 21.87 22.67 27.30
N SER B 33 20.97 23.66 27.23
CA SER B 33 20.11 23.90 26.04
C SER B 33 20.82 24.73 24.97
N ALA B 34 22.09 25.11 25.21
CA ALA B 34 22.80 26.04 24.32
C ALA B 34 23.86 25.35 23.45
N VAL B 35 24.02 25.86 22.22
CA VAL B 35 25.09 25.43 21.28
C VAL B 35 25.96 26.65 20.99
N ILE B 36 27.27 26.52 21.21
CA ILE B 36 28.23 27.64 21.01
C ILE B 36 29.27 27.21 19.98
N PHE B 37 29.35 27.96 18.88
CA PHE B 37 30.40 27.69 17.87
C PHE B 37 31.51 28.73 18.08
N GLU B 38 32.76 28.28 18.02
CA GLU B 38 33.89 29.22 18.09
C GLU B 38 34.71 29.03 16.82
N GLY B 39 35.23 30.12 16.31
CA GLY B 39 36.03 30.07 15.09
C GLY B 39 36.21 31.45 14.55
N LYS B 40 36.41 31.56 13.25
CA LYS B 40 36.66 32.87 12.64
C LYS B 40 35.75 33.08 11.44
N ILE B 41 35.45 34.34 11.17
CA ILE B 41 34.75 34.79 9.93
C ILE B 41 35.63 35.92 9.38
N ASN B 42 36.12 35.74 8.15
CA ASN B 42 37.00 36.74 7.49
C ASN B 42 38.18 37.05 8.42
N GLY B 43 38.70 36.04 9.13
CA GLY B 43 39.88 36.18 10.02
C GLY B 43 39.58 36.74 11.40
N LYS B 44 38.32 37.08 11.70
CA LYS B 44 37.94 37.67 13.02
C LYS B 44 37.41 36.59 13.96
N ASP B 45 37.84 36.59 15.23
CA ASP B 45 37.37 35.59 16.22
C ASP B 45 35.87 35.81 16.49
N ILE B 46 35.10 34.74 16.46
CA ILE B 46 33.62 34.77 16.67
C ILE B 46 33.23 33.72 17.70
N ALA B 47 32.27 34.08 18.56
CA ALA B 47 31.63 33.11 19.47
C ALA B 47 30.15 33.20 19.13
N LEU B 48 29.62 32.18 18.45
CA LEU B 48 28.21 32.23 17.96
C LEU B 48 27.36 31.32 18.84
N LEU B 49 26.32 31.90 19.44
CA LEU B 49 25.41 31.13 20.33
C LEU B 49 24.06 30.91 19.65
N GLN B 50 23.63 29.64 19.64
CA GLN B 50 22.25 29.24 19.26
C GLN B 50 21.61 28.91 20.62
N SER B 51 20.73 29.79 21.10
CA SER B 51 20.25 29.68 22.51
C SER B 51 18.97 28.89 22.65
N GLY B 52 18.15 28.89 21.60
CA GLY B 52 16.79 28.36 21.81
C GLY B 52 15.87 29.54 22.03
N ILE B 53 14.56 29.31 21.99
CA ILE B 53 13.56 30.40 22.06
C ILE B 53 13.21 30.78 23.50
N GLY B 54 13.09 32.10 23.75
CA GLY B 54 12.56 32.56 25.04
C GLY B 54 13.62 33.15 25.95
N LYS B 55 13.14 33.79 27.01
CA LYS B 55 13.96 34.55 27.98
C LYS B 55 14.93 33.63 28.73
N VAL B 56 14.45 32.47 29.20
CA VAL B 56 15.31 31.58 30.04
C VAL B 56 16.34 30.89 29.16
N ALA B 57 15.91 30.40 27.97
CA ALA B 57 16.83 29.74 27.02
C ALA B 57 17.93 30.75 26.64
N ALA B 58 17.54 31.99 26.35
CA ALA B 58 18.53 33.05 26.02
C ALA B 58 19.45 33.34 27.21
N ALA B 59 18.91 33.29 28.43
CA ALA B 59 19.73 33.64 29.63
C ALA B 59 20.75 32.53 29.90
N ILE B 60 20.29 31.28 29.84
CA ILE B 60 21.20 30.10 30.02
C ILE B 60 22.32 30.23 29.00
N GLY B 61 21.93 30.39 27.73
CA GLY B 61 22.88 30.43 26.61
C GLY B 61 23.85 31.57 26.73
N THR B 62 23.34 32.78 26.98
CA THR B 62 24.23 33.96 27.06
C THR B 62 25.14 33.83 28.30
N THR B 63 24.63 33.31 29.41
CA THR B 63 25.52 33.13 30.60
C THR B 63 26.66 32.18 30.23
N ALA B 64 26.33 31.07 29.55
CA ALA B 64 27.34 30.06 29.18
C ALA B 64 28.33 30.67 28.19
N LEU B 65 27.82 31.48 27.26
CA LEU B 65 28.65 32.12 26.21
C LEU B 65 29.67 33.06 26.86
N LEU B 66 29.24 33.90 27.79
CA LEU B 66 30.15 34.91 28.40
C LEU B 66 31.15 34.18 29.30
N GLN B 67 30.74 33.11 29.99
CA GLN B 67 31.69 32.41 30.90
C GLN B 67 32.69 31.59 30.09
N LEU B 68 32.26 31.01 28.97
CA LEU B 68 33.15 30.13 28.17
C LEU B 68 34.02 30.94 27.21
N ALA B 69 33.41 31.79 26.37
CA ALA B 69 34.12 32.46 25.26
C ALA B 69 34.65 33.86 25.64
N LYS B 70 34.01 34.54 26.60
CA LYS B 70 34.42 35.89 27.06
C LYS B 70 34.50 36.84 25.86
N PRO B 71 33.43 36.95 25.04
CA PRO B 71 33.43 37.87 23.91
C PRO B 71 33.49 39.31 24.41
N ASP B 72 34.06 40.21 23.59
CA ASP B 72 34.17 41.65 23.98
C ASP B 72 32.82 42.35 23.76
N CYS B 73 31.96 41.80 22.93
CA CYS B 73 30.62 42.43 22.75
C CYS B 73 29.63 41.36 22.33
N VAL B 74 28.35 41.67 22.34
CA VAL B 74 27.31 40.66 21.96
C VAL B 74 26.33 41.35 21.02
N ILE B 75 26.12 40.72 19.86
CA ILE B 75 25.15 41.21 18.83
C ILE B 75 24.06 40.16 18.72
N ASN B 76 22.82 40.55 18.98
CA ASN B 76 21.65 39.63 18.84
C ASN B 76 21.13 39.75 17.40
N THR B 77 21.25 38.67 16.63
CA THR B 77 20.79 38.59 15.22
C THR B 77 19.50 37.77 15.16
N GLY B 78 18.77 37.86 14.05
CA GLY B 78 17.53 37.05 13.91
C GLY B 78 16.33 37.85 13.44
N SER B 79 15.14 37.34 13.76
CA SER B 79 13.86 37.92 13.30
C SER B 79 13.15 38.68 14.42
N ALA B 80 12.13 39.44 14.03
CA ALA B 80 11.32 40.25 14.95
C ALA B 80 10.00 40.64 14.28
N GLY B 81 8.98 40.89 15.11
CA GLY B 81 7.70 41.44 14.64
C GLY B 81 7.84 42.94 14.51
N GLY B 82 7.54 43.49 13.35
CA GLY B 82 7.62 44.95 13.14
C GLY B 82 6.29 45.58 13.52
N VAL B 83 6.27 46.42 14.56
CA VAL B 83 5.00 47.03 15.01
C VAL B 83 4.99 48.52 14.63
N ALA B 84 6.16 49.16 14.56
CA ALA B 84 6.22 50.58 14.14
C ALA B 84 5.68 50.71 12.73
N LYS B 85 5.00 51.81 12.44
CA LYS B 85 4.44 52.02 11.08
C LYS B 85 5.59 52.12 10.05
N GLY B 86 5.36 51.55 8.86
CA GLY B 86 6.35 51.61 7.77
C GLY B 86 7.28 50.39 7.72
N LEU B 87 7.28 49.55 8.76
CA LEU B 87 8.17 48.36 8.75
C LEU B 87 7.62 47.32 7.78
N LYS B 88 8.47 46.84 6.87
CA LYS B 88 8.15 45.79 5.87
C LYS B 88 9.08 44.61 6.13
N VAL B 89 8.67 43.40 5.74
CA VAL B 89 9.49 42.17 5.97
C VAL B 89 10.87 42.40 5.34
N GLY B 90 11.93 42.10 6.08
CA GLY B 90 13.29 42.29 5.56
C GLY B 90 13.94 43.55 6.09
N ASP B 91 13.15 44.50 6.60
CA ASP B 91 13.74 45.76 7.15
C ASP B 91 14.55 45.44 8.41
N ILE B 92 15.63 46.18 8.60
CA ILE B 92 16.53 46.03 9.78
C ILE B 92 15.94 46.82 10.95
N VAL B 93 15.94 46.23 12.13
CA VAL B 93 15.58 46.96 13.38
C VAL B 93 16.82 46.90 14.30
N ILE B 94 17.34 48.07 14.66
CA ILE B 94 18.50 48.20 15.60
C ILE B 94 17.99 48.71 16.96
N SER B 95 18.46 48.11 18.06
CA SER B 95 17.97 48.59 19.38
C SER B 95 18.78 49.78 19.88
N ASP B 96 18.08 50.81 20.35
CA ASP B 96 18.71 51.86 21.20
C ASP B 96 18.51 51.39 22.65
N GLU B 97 17.42 50.66 22.91
CA GLU B 97 17.19 50.14 24.28
C GLU B 97 16.27 48.93 24.19
N THR B 98 16.26 48.13 25.25
CA THR B 98 15.38 46.93 25.31
C THR B 98 14.59 46.99 26.60
N ARG B 99 13.34 46.53 26.56
CA ARG B 99 12.46 46.51 27.73
C ARG B 99 11.58 45.26 27.62
N TYR B 100 11.27 44.65 28.75
CA TYR B 100 10.32 43.52 28.76
C TYR B 100 8.90 44.06 28.65
N HIS B 101 8.13 43.63 27.66
CA HIS B 101 6.72 44.07 27.58
C HIS B 101 5.90 43.19 28.53
N ASP B 102 6.49 42.13 29.11
CA ASP B 102 5.67 41.20 29.95
C ASP B 102 6.17 41.18 31.40
N ALA B 103 6.99 42.15 31.82
CA ALA B 103 7.43 42.19 33.24
C ALA B 103 6.58 43.22 33.99
N ASP B 104 6.10 42.86 35.18
CA ASP B 104 5.26 43.81 35.96
C ASP B 104 5.44 43.59 37.46
N VAL B 105 6.18 44.51 38.09
CA VAL B 105 6.36 44.59 39.56
C VAL B 105 5.93 46.01 39.96
N THR B 106 4.93 46.55 39.25
CA THR B 106 4.39 47.88 39.61
C THR B 106 3.77 47.82 41.00
N ALA B 107 3.38 46.62 41.48
CA ALA B 107 2.81 46.54 42.84
C ALA B 107 3.80 47.13 43.86
N PHE B 108 5.10 47.11 43.54
CA PHE B 108 6.10 47.67 44.49
C PHE B 108 6.71 48.95 43.92
N GLY B 109 6.06 49.59 42.94
CA GLY B 109 6.57 50.91 42.51
C GLY B 109 7.68 50.83 41.48
N TYR B 110 7.95 49.66 40.93
CA TYR B 110 8.93 49.58 39.82
C TYR B 110 8.17 50.00 38.56
N GLU B 111 8.92 50.52 37.59
CA GLU B 111 8.37 50.95 36.30
C GLU B 111 7.89 49.71 35.53
N LYS B 112 6.79 49.83 34.81
CA LYS B 112 6.29 48.71 33.96
C LYS B 112 7.44 48.22 33.08
N GLY B 113 7.64 46.89 33.05
CA GLY B 113 8.72 46.26 32.27
C GLY B 113 10.00 46.11 33.04
N GLN B 114 10.14 46.81 34.18
CA GLN B 114 11.41 46.77 34.96
C GLN B 114 11.44 45.60 35.95
N LEU B 115 12.57 44.90 36.01
CA LEU B 115 12.81 43.89 37.09
C LEU B 115 13.68 44.56 38.14
N PRO B 116 13.41 44.33 39.45
CA PRO B 116 14.23 44.91 40.51
C PRO B 116 15.72 44.61 40.32
N ALA B 117 16.56 45.59 40.67
CA ALA B 117 18.04 45.54 40.57
C ALA B 117 18.46 45.70 39.11
N ASN B 118 17.52 46.10 38.24
CA ASN B 118 17.83 46.33 36.82
C ASN B 118 17.30 47.70 36.41
N PRO B 119 17.92 48.34 35.40
CA PRO B 119 17.39 49.60 34.88
C PRO B 119 16.04 49.26 34.24
N ALA B 120 15.14 50.23 34.14
CA ALA B 120 13.82 49.96 33.53
C ALA B 120 14.03 49.52 32.08
N ALA B 121 15.06 50.07 31.44
CA ALA B 121 15.38 49.72 30.05
C ALA B 121 16.88 49.48 29.97
N PHE B 122 17.28 48.47 29.21
CA PHE B 122 18.73 48.23 29.03
C PHE B 122 19.20 49.08 27.84
N LEU B 123 20.14 49.98 28.09
CA LEU B 123 20.64 50.85 27.00
C LEU B 123 21.58 50.06 26.10
N SER B 124 21.26 50.00 24.80
CA SER B 124 22.15 49.26 23.86
C SER B 124 23.46 50.04 23.72
N ASP B 125 24.55 49.36 23.33
CA ASP B 125 25.86 50.04 23.15
C ASP B 125 25.75 50.99 21.95
N LYS B 126 25.99 52.28 22.19
CA LYS B 126 25.84 53.32 21.13
C LYS B 126 26.80 53.05 19.97
N LYS B 127 28.04 52.65 20.26
CA LYS B 127 29.01 52.46 19.15
C LYS B 127 28.56 51.30 18.26
N LEU B 128 28.07 50.21 18.85
CA LEU B 128 27.60 49.08 18.01
C LEU B 128 26.33 49.49 17.23
N ALA B 129 25.37 50.15 17.87
CA ALA B 129 24.14 50.57 17.15
C ALA B 129 24.51 51.54 16.01
N ASP B 130 25.38 52.52 16.28
CA ASP B 130 25.87 53.47 15.24
C ASP B 130 26.52 52.67 14.09
N LEU B 131 27.36 51.70 14.42
CA LEU B 131 28.02 50.90 13.35
C LEU B 131 26.95 50.16 12.52
N ALA B 132 25.99 49.54 13.19
CA ALA B 132 24.92 48.80 12.48
C ALA B 132 24.20 49.73 11.49
N GLN B 133 23.87 50.95 11.93
CA GLN B 133 23.09 51.89 11.09
C GLN B 133 23.99 52.42 9.96
N GLU B 134 25.29 52.60 10.23
CA GLU B 134 26.22 53.08 9.19
C GLU B 134 26.29 52.01 8.10
N MET B 135 26.58 50.76 8.48
CA MET B 135 26.69 49.65 7.50
C MET B 135 25.37 49.46 6.75
N ALA B 136 24.23 49.52 7.46
CA ALA B 136 22.90 49.32 6.83
C ALA B 136 22.66 50.39 5.76
N GLU B 137 22.90 51.66 6.10
CA GLU B 137 22.69 52.79 5.17
C GLU B 137 23.67 52.68 3.99
N LYS B 138 24.88 52.18 4.26
CA LYS B 138 25.94 52.05 3.22
C LYS B 138 25.49 51.04 2.14
N GLN B 139 24.63 50.09 2.51
CA GLN B 139 24.12 49.05 1.55
C GLN B 139 22.67 49.36 1.15
N GLY B 140 22.18 50.59 1.35
CA GLY B 140 20.78 50.94 1.01
C GLY B 140 19.79 49.97 1.64
N GLN B 141 20.15 49.41 2.80
CA GLN B 141 19.29 48.45 3.54
C GLN B 141 18.30 49.28 4.38
N SER B 142 16.99 49.03 4.25
CA SER B 142 15.98 49.79 5.04
C SER B 142 16.20 49.48 6.53
N VAL B 143 16.35 50.52 7.36
CA VAL B 143 16.70 50.36 8.80
C VAL B 143 15.88 51.32 9.68
N LYS B 144 15.47 50.82 10.85
CA LYS B 144 14.80 51.64 11.89
C LYS B 144 15.53 51.35 13.21
N ARG B 145 15.69 52.37 14.03
CA ARG B 145 16.45 52.27 15.29
C ARG B 145 15.55 52.72 16.44
N GLY B 146 15.48 51.93 17.52
CA GLY B 146 14.62 52.37 18.63
C GLY B 146 14.42 51.28 19.67
N LEU B 147 13.22 51.24 20.24
CA LEU B 147 12.88 50.34 21.37
C LEU B 147 12.48 48.97 20.84
N ILE B 148 13.16 47.94 21.34
CA ILE B 148 12.76 46.53 21.07
C ILE B 148 12.17 46.01 22.38
N CYS B 149 10.98 45.43 22.32
CA CYS B 149 10.33 44.86 23.52
C CYS B 149 10.34 43.35 23.43
N SER B 150 10.84 42.68 24.46
CA SER B 150 10.88 41.20 24.49
C SER B 150 9.80 40.65 25.42
N GLY B 151 9.43 39.40 25.18
CA GLY B 151 8.47 38.69 26.03
C GLY B 151 8.47 37.23 25.66
N ASP B 152 8.05 36.37 26.59
CA ASP B 152 7.95 34.92 26.30
C ASP B 152 6.68 34.67 25.48
N SER B 153 6.38 35.54 24.50
CA SER B 153 5.16 35.33 23.68
C SER B 153 5.43 35.66 22.22
N PHE B 154 4.86 34.85 21.33
CA PHE B 154 4.88 35.18 19.90
C PHE B 154 3.64 36.05 19.66
N ILE B 155 3.86 37.32 19.34
CA ILE B 155 2.74 38.30 19.17
C ILE B 155 2.02 37.99 17.86
N ASN B 156 0.73 37.64 17.95
CA ASN B 156 -0.02 37.26 16.73
C ASN B 156 -1.42 37.87 16.70
N SER B 157 -1.60 39.10 17.18
CA SER B 157 -2.93 39.73 17.06
C SER B 157 -2.81 41.24 17.23
N GLU B 158 -3.74 41.97 16.62
CA GLU B 158 -3.76 43.45 16.70
C GLU B 158 -4.01 43.86 18.16
N ASP B 159 -4.81 43.09 18.90
CA ASP B 159 -5.09 43.39 20.33
C ASP B 159 -3.82 43.24 21.16
N LYS B 160 -3.05 42.18 20.95
CA LYS B 160 -1.81 42.02 21.75
C LYS B 160 -0.86 43.17 21.41
N ILE B 161 -0.78 43.56 20.14
CA ILE B 161 0.08 44.71 19.75
C ILE B 161 -0.43 45.96 20.46
N ALA B 162 -1.76 46.16 20.46
CA ALA B 162 -2.35 47.36 21.10
C ALA B 162 -2.00 47.38 22.59
N GLN B 163 -2.12 46.25 23.28
CA GLN B 163 -1.80 46.24 24.74
C GLN B 163 -0.31 46.57 24.93
N ILE B 164 0.57 46.02 24.08
CA ILE B 164 2.03 46.32 24.22
C ILE B 164 2.24 47.81 23.94
N GLN B 165 1.60 48.34 22.89
CA GLN B 165 1.76 49.78 22.57
C GLN B 165 1.21 50.67 23.69
N ALA B 166 0.14 50.23 24.35
CA ALA B 166 -0.41 51.04 25.47
C ALA B 166 0.62 51.11 26.60
N ASP B 167 1.40 50.06 26.83
CA ASP B 167 2.42 50.07 27.92
C ASP B 167 3.73 50.69 27.43
N PHE B 168 4.06 50.53 26.14
CA PHE B 168 5.33 51.04 25.54
C PHE B 168 5.00 51.73 24.22
N PRO B 169 4.51 52.97 24.26
CA PRO B 169 4.04 53.65 23.05
C PRO B 169 5.07 53.69 21.91
N ASN B 170 6.38 53.72 22.23
CA ASN B 170 7.41 53.85 21.17
C ASN B 170 7.90 52.48 20.70
N VAL B 171 7.25 51.39 21.13
CA VAL B 171 7.77 50.05 20.70
C VAL B 171 7.89 50.01 19.18
N MET B 172 9.04 49.56 18.69
CA MET B 172 9.37 49.49 17.24
C MET B 172 9.22 48.05 16.78
N GLY B 173 9.72 47.12 17.59
CA GLY B 173 9.66 45.69 17.26
C GLY B 173 9.53 44.84 18.50
N VAL B 174 9.02 43.63 18.31
CA VAL B 174 8.82 42.67 19.43
C VAL B 174 9.49 41.35 19.06
N GLU B 175 10.07 40.71 20.06
CA GLU B 175 10.67 39.37 19.84
C GLU B 175 10.73 38.70 21.21
N MET B 176 11.51 37.63 21.39
CA MET B 176 11.38 36.84 22.63
C MET B 176 12.72 36.67 23.37
N GLU B 177 13.82 37.32 22.96
CA GLU B 177 15.11 37.03 23.65
C GLU B 177 15.94 38.31 23.88
N ALA B 178 15.73 39.34 23.07
CA ALA B 178 16.64 40.52 23.08
C ALA B 178 16.88 41.08 24.48
N THR B 179 15.79 41.32 25.23
CA THR B 179 15.92 41.95 26.56
C THR B 179 16.60 41.00 27.55
N ALA B 180 16.36 39.69 27.41
CA ALA B 180 17.01 38.70 28.28
C ALA B 180 18.52 38.73 28.03
N ILE B 181 18.94 38.72 26.76
CA ILE B 181 20.40 38.79 26.44
C ILE B 181 20.98 40.09 27.01
N ALA B 182 20.23 41.20 26.87
CA ALA B 182 20.66 42.52 27.39
C ALA B 182 20.82 42.45 28.92
N GLN B 183 19.90 41.77 29.60
CA GLN B 183 19.97 41.69 31.08
C GLN B 183 21.24 40.90 31.46
N VAL B 184 21.50 39.79 30.78
CA VAL B 184 22.74 39.00 31.06
C VAL B 184 23.97 39.89 30.78
N CYS B 185 23.98 40.56 29.63
CA CYS B 185 25.15 41.40 29.26
C CYS B 185 25.31 42.56 30.23
N TYR B 186 24.18 43.03 30.76
CA TYR B 186 24.22 44.12 31.76
C TYR B 186 24.85 43.58 33.03
N ALA B 187 24.43 42.40 33.45
CA ALA B 187 24.95 41.80 34.71
C ALA B 187 26.44 41.47 34.56
N PHE B 188 26.90 41.17 33.36
CA PHE B 188 28.33 40.80 33.13
C PHE B 188 29.12 42.02 32.63
N ASN B 189 28.45 43.15 32.43
CA ASN B 189 29.10 44.39 31.95
C ASN B 189 29.71 44.19 30.55
N VAL B 190 28.94 43.61 29.63
CA VAL B 190 29.42 43.37 28.23
C VAL B 190 28.54 44.19 27.29
N PRO B 191 29.14 45.01 26.38
CA PRO B 191 28.38 45.81 25.42
C PRO B 191 27.45 44.94 24.55
N PHE B 192 26.24 45.42 24.34
CA PHE B 192 25.19 44.64 23.64
C PHE B 192 24.40 45.51 22.66
N VAL B 193 23.87 44.88 21.60
CA VAL B 193 22.98 45.58 20.63
C VAL B 193 22.15 44.52 19.90
N VAL B 194 20.94 44.92 19.50
CA VAL B 194 20.03 44.07 18.69
C VAL B 194 20.17 44.53 17.26
N VAL B 195 20.42 43.60 16.34
CA VAL B 195 20.45 43.86 14.88
C VAL B 195 19.63 42.74 14.24
N ARG B 196 18.31 42.92 14.25
CA ARG B 196 17.36 41.90 13.74
C ARG B 196 16.66 42.44 12.49
N ALA B 197 15.79 41.63 11.89
CA ALA B 197 15.07 42.05 10.67
C ALA B 197 13.64 41.55 10.78
N ILE B 198 12.73 42.27 10.15
CA ILE B 198 11.28 41.98 10.25
C ILE B 198 10.92 40.74 9.44
N SER B 199 10.13 39.85 10.05
CA SER B 199 9.61 38.62 9.40
C SER B 199 8.08 38.70 9.33
N ASP B 200 7.49 39.62 10.09
CA ASP B 200 6.02 39.75 10.17
C ASP B 200 5.65 41.04 10.92
N GLY B 201 4.35 41.30 11.06
CA GLY B 201 3.84 42.51 11.75
C GLY B 201 3.28 42.20 13.13
N GLY B 202 3.46 40.98 13.65
CA GLY B 202 2.92 40.63 14.97
C GLY B 202 1.39 40.68 15.02
N ASP B 203 0.74 40.69 13.85
CA ASP B 203 -0.75 40.76 13.77
C ASP B 203 -1.34 39.36 13.58
N GLY B 204 -2.61 39.29 13.16
CA GLY B 204 -3.30 38.00 12.98
C GLY B 204 -2.65 37.11 11.91
N LYS B 205 -1.88 37.73 11.01
CA LYS B 205 -1.20 37.02 9.88
C LYS B 205 0.27 36.74 10.22
N ALA B 206 0.71 37.09 11.43
CA ALA B 206 2.14 36.99 11.80
C ALA B 206 2.69 35.57 11.60
N SER B 207 1.97 34.54 12.05
CA SER B 207 2.55 33.16 11.96
C SER B 207 2.81 32.76 10.50
N ILE B 208 1.85 33.02 9.60
CA ILE B 208 2.04 32.68 8.16
C ILE B 208 3.17 33.53 7.57
N SER B 209 3.18 34.83 7.88
CA SER B 209 4.26 35.71 7.37
C SER B 209 5.61 35.21 7.87
N PHE B 210 5.67 34.86 9.15
CA PHE B 210 6.92 34.36 9.78
C PHE B 210 7.46 33.17 8.99
N GLU B 211 6.60 32.19 8.72
CA GLU B 211 6.99 30.97 7.97
C GLU B 211 7.57 31.33 6.59
N GLU B 212 7.02 32.35 5.92
CA GLU B 212 7.58 32.73 4.60
C GLU B 212 8.80 33.64 4.76
N PHE B 213 8.80 34.57 5.72
CA PHE B 213 9.89 35.59 5.74
C PHE B 213 10.94 35.41 6.84
N LEU B 214 10.82 34.38 7.70
CA LEU B 214 11.93 34.14 8.65
C LEU B 214 13.26 34.05 7.88
N PRO B 215 13.35 33.28 6.77
CA PRO B 215 14.60 33.18 6.01
C PRO B 215 15.10 34.54 5.47
N LEU B 216 14.19 35.37 4.96
CA LEU B 216 14.59 36.73 4.47
C LEU B 216 15.13 37.55 5.64
N ALA B 217 14.47 37.45 6.80
CA ALA B 217 14.90 38.20 8.00
C ALA B 217 16.31 37.72 8.43
N ALA B 218 16.51 36.40 8.44
CA ALA B 218 17.81 35.83 8.82
C ALA B 218 18.87 36.29 7.81
N LYS B 219 18.54 36.24 6.51
CA LYS B 219 19.50 36.69 5.47
C LYS B 219 19.85 38.19 5.65
N GLN B 220 18.86 39.06 5.83
CA GLN B 220 19.15 40.52 5.95
C GLN B 220 19.89 40.82 7.27
N SER B 221 19.45 40.22 8.38
CA SER B 221 20.13 40.40 9.69
C SER B 221 21.59 39.92 9.61
N SER B 222 21.78 38.70 9.11
CA SER B 222 23.12 38.08 9.05
C SER B 222 24.03 38.88 8.12
N ALA B 223 23.47 39.38 7.01
CA ALA B 223 24.28 40.16 6.05
C ALA B 223 24.84 41.40 6.75
N LEU B 224 24.01 42.05 7.56
CA LEU B 224 24.43 43.29 8.26
C LEU B 224 25.44 42.97 9.38
N VAL B 225 25.21 41.86 10.09
CA VAL B 225 26.15 41.45 11.18
C VAL B 225 27.50 41.13 10.54
N LEU B 226 27.51 40.52 9.35
CA LEU B 226 28.79 40.23 8.65
C LEU B 226 29.52 41.54 8.36
N GLU B 227 28.80 42.56 7.86
CA GLU B 227 29.45 43.87 7.59
C GLU B 227 30.03 44.40 8.91
N MET B 228 29.32 44.23 10.03
CA MET B 228 29.82 44.73 11.35
C MET B 228 31.10 43.99 11.74
N ILE B 229 31.11 42.66 11.63
CA ILE B 229 32.31 41.83 11.97
C ILE B 229 33.54 42.40 11.26
N ASP B 230 33.46 42.61 9.94
CA ASP B 230 34.60 43.12 9.13
C ASP B 230 35.11 44.48 9.62
N ARG B 231 34.23 45.34 10.16
CA ARG B 231 34.62 46.71 10.60
C ARG B 231 35.10 46.72 12.06
N LEU B 232 34.69 45.75 12.87
CA LEU B 232 35.05 45.78 14.32
C LEU B 232 36.52 45.39 14.52
N SER B 233 37.17 46.04 15.49
CA SER B 233 38.58 45.85 15.91
C SER B 233 38.82 46.58 17.23
N ASN C 2 17.41 5.44 13.94
CA ASN C 2 17.06 6.74 13.30
C ASN C 2 15.72 7.24 13.86
N ALA C 3 15.62 8.56 14.11
CA ALA C 3 14.37 9.19 14.59
C ALA C 3 13.37 9.25 13.43
N MET C 4 12.08 9.51 13.71
CA MET C 4 11.06 9.55 12.64
C MET C 4 11.45 10.56 11.55
N LYS C 5 11.22 10.19 10.29
CA LYS C 5 11.52 11.09 9.15
C LYS C 5 10.22 11.31 8.37
N ILE C 6 9.77 12.58 8.29
CA ILE C 6 8.51 12.89 7.55
C ILE C 6 8.86 13.13 6.08
N GLY C 7 8.18 12.41 5.20
CA GLY C 7 8.37 12.64 3.75
C GLY C 7 7.35 13.64 3.26
N ILE C 8 7.78 14.67 2.53
CA ILE C 8 6.82 15.67 1.98
C ILE C 8 7.09 15.79 0.49
N VAL C 9 6.03 15.70 -0.32
CA VAL C 9 6.17 15.78 -1.80
C VAL C 9 5.37 16.97 -2.34
N GLY C 10 6.02 17.79 -3.14
CA GLY C 10 5.37 18.87 -3.89
C GLY C 10 5.84 18.76 -5.33
N ALA C 11 5.00 19.15 -6.29
CA ALA C 11 5.36 18.99 -7.71
C ALA C 11 6.23 20.15 -8.16
N MET C 12 5.81 21.38 -7.85
CA MET C 12 6.50 22.58 -8.38
C MET C 12 7.40 23.21 -7.34
N ALA C 13 8.35 24.01 -7.82
CA ALA C 13 9.28 24.75 -6.93
C ALA C 13 8.46 25.58 -5.94
N GLN C 14 7.43 26.27 -6.44
CA GLN C 14 6.58 27.17 -5.63
C GLN C 14 5.89 26.40 -4.49
N GLU C 15 5.53 25.14 -4.73
CA GLU C 15 4.82 24.34 -3.69
C GLU C 15 5.78 23.87 -2.59
N VAL C 16 7.10 23.81 -2.86
CA VAL C 16 8.04 23.34 -1.78
C VAL C 16 8.87 24.51 -1.22
N GLU C 17 8.77 25.71 -1.81
CA GLU C 17 9.65 26.86 -1.45
C GLU C 17 9.59 27.17 0.06
N ILE C 18 8.39 27.29 0.65
CA ILE C 18 8.24 27.64 2.09
C ILE C 18 8.98 26.62 2.96
N LEU C 19 8.66 25.33 2.80
CA LEU C 19 9.27 24.26 3.61
C LEU C 19 10.77 24.16 3.32
N LYS C 20 11.16 24.22 2.05
CA LYS C 20 12.60 24.17 1.66
C LYS C 20 13.39 25.25 2.40
N ASN C 21 12.91 26.50 2.37
CA ASN C 21 13.67 27.65 2.95
C ASN C 21 13.67 27.60 4.49
N LEU C 22 12.91 26.69 5.12
CA LEU C 22 12.91 26.62 6.61
C LEU C 22 13.81 25.47 7.07
N MET C 23 14.26 24.61 6.15
CA MET C 23 15.07 23.44 6.58
C MET C 23 16.50 23.89 6.91
N THR C 24 17.03 23.44 8.05
CA THR C 24 18.44 23.72 8.41
C THR C 24 19.25 22.46 8.10
N GLU C 25 20.57 22.60 7.92
CA GLU C 25 21.46 21.45 7.60
C GLU C 25 20.90 20.78 6.35
N ARG C 26 20.43 21.60 5.42
CA ARG C 26 19.74 21.09 4.21
C ARG C 26 20.76 20.59 3.18
N THR C 27 20.54 19.36 2.71
CA THR C 27 21.35 18.78 1.62
C THR C 27 20.39 18.64 0.44
N GLU C 28 20.91 18.77 -0.78
CA GLU C 28 20.13 18.69 -2.04
C GLU C 28 20.68 17.53 -2.86
N THR C 29 19.83 16.56 -3.21
CA THR C 29 20.22 15.40 -4.04
C THR C 29 19.34 15.40 -5.29
N ARG C 30 19.95 15.46 -6.47
CA ARG C 30 19.15 15.38 -7.72
C ARG C 30 19.17 13.93 -8.21
N VAL C 31 17.99 13.32 -8.37
CA VAL C 31 17.89 11.95 -8.95
C VAL C 31 16.99 12.09 -10.18
N ALA C 32 17.57 11.93 -11.37
CA ALA C 32 16.84 12.09 -12.66
C ALA C 32 16.09 13.43 -12.63
N SER C 33 14.76 13.40 -12.75
CA SER C 33 13.93 14.65 -12.80
C SER C 33 13.51 15.11 -11.39
N ALA C 34 14.02 14.45 -10.36
CA ALA C 34 13.58 14.77 -8.99
C ALA C 34 14.69 15.47 -8.21
N VAL C 35 14.28 16.37 -7.31
CA VAL C 35 15.21 17.01 -6.34
C VAL C 35 14.71 16.64 -4.95
N ILE C 36 15.59 16.03 -4.15
CA ILE C 36 15.24 15.63 -2.76
C ILE C 36 16.07 16.47 -1.80
N PHE C 37 15.40 17.17 -0.90
CA PHE C 37 16.09 17.97 0.14
C PHE C 37 15.95 17.22 1.46
N GLU C 38 17.07 17.06 2.17
CA GLU C 38 17.02 16.45 3.52
C GLU C 38 17.58 17.47 4.50
N GLY C 39 16.97 17.55 5.68
CA GLY C 39 17.42 18.50 6.71
C GLY C 39 16.43 18.54 7.86
N LYS C 40 16.50 19.60 8.66
CA LYS C 40 15.64 19.66 9.86
C LYS C 40 14.75 20.90 9.84
N ILE C 41 13.53 20.71 10.35
CA ILE C 41 12.54 21.79 10.62
C ILE C 41 12.14 21.62 12.09
N ASN C 42 12.48 22.60 12.92
CA ASN C 42 12.10 22.53 14.36
C ASN C 42 12.66 21.23 14.94
N GLY C 43 13.93 20.92 14.62
CA GLY C 43 14.67 19.74 15.11
C GLY C 43 14.17 18.40 14.56
N LYS C 44 13.20 18.41 13.64
CA LYS C 44 12.64 17.16 13.07
C LYS C 44 13.28 16.87 11.71
N ASP C 45 13.56 15.59 11.44
CA ASP C 45 14.14 15.16 10.15
C ASP C 45 13.06 15.20 9.07
N ILE C 46 13.35 15.90 7.97
CA ILE C 46 12.42 16.05 6.82
C ILE C 46 13.13 15.64 5.53
N ALA C 47 12.44 14.86 4.70
CA ALA C 47 12.87 14.53 3.32
C ALA C 47 11.83 15.19 2.41
N LEU C 48 12.24 16.24 1.69
CA LEU C 48 11.30 17.06 0.88
C LEU C 48 11.55 16.79 -0.61
N LEU C 49 10.56 16.22 -1.29
CA LEU C 49 10.68 15.91 -2.73
C LEU C 49 10.00 16.99 -3.57
N GLN C 50 10.77 17.54 -4.51
CA GLN C 50 10.24 18.41 -5.59
C GLN C 50 10.24 17.50 -6.83
N SER C 51 9.06 16.99 -7.20
CA SER C 51 8.99 15.91 -8.23
C SER C 51 8.92 16.42 -9.67
N GLY C 52 8.31 17.58 -9.89
CA GLY C 52 7.95 17.93 -11.27
C GLY C 52 6.48 17.55 -11.45
N ILE C 53 5.87 17.99 -12.55
CA ILE C 53 4.40 17.86 -12.78
C ILE C 53 4.01 16.55 -13.45
N GLY C 54 2.89 15.98 -12.97
CA GLY C 54 2.31 14.79 -13.61
C GLY C 54 2.63 13.50 -12.91
N LYS C 55 1.93 12.45 -13.34
CA LYS C 55 1.97 11.09 -12.73
C LYS C 55 3.36 10.47 -12.81
N VAL C 56 3.99 10.49 -13.98
CA VAL C 56 5.31 9.83 -14.13
C VAL C 56 6.37 10.62 -13.36
N ALA C 57 6.34 11.95 -13.40
CA ALA C 57 7.34 12.76 -12.65
C ALA C 57 7.20 12.45 -11.14
N ALA C 58 5.95 12.40 -10.69
CA ALA C 58 5.65 12.10 -9.27
C ALA C 58 6.14 10.67 -8.94
N ALA C 59 5.89 9.70 -9.84
CA ALA C 59 6.29 8.30 -9.58
C ALA C 59 7.83 8.18 -9.56
N ILE C 60 8.52 8.80 -10.50
CA ILE C 60 10.01 8.79 -10.48
C ILE C 60 10.47 9.35 -9.13
N GLY C 61 10.00 10.54 -8.78
CA GLY C 61 10.47 11.20 -7.55
C GLY C 61 10.09 10.45 -6.28
N THR C 62 8.87 9.92 -6.20
CA THR C 62 8.48 9.23 -4.93
C THR C 62 9.30 7.96 -4.80
N THR C 63 9.48 7.25 -5.92
CA THR C 63 10.32 6.03 -5.90
C THR C 63 11.73 6.42 -5.42
N ALA C 64 12.33 7.47 -6.00
CA ALA C 64 13.69 7.91 -5.56
C ALA C 64 13.67 8.31 -4.08
N LEU C 65 12.63 9.04 -3.66
CA LEU C 65 12.48 9.50 -2.24
C LEU C 65 12.47 8.29 -1.31
N LEU C 66 11.57 7.35 -1.56
CA LEU C 66 11.43 6.18 -0.66
C LEU C 66 12.71 5.35 -0.64
N GLN C 67 13.38 5.20 -1.78
CA GLN C 67 14.62 4.39 -1.81
C GLN C 67 15.78 5.14 -1.16
N LEU C 68 15.90 6.45 -1.36
CA LEU C 68 17.06 7.21 -0.80
C LEU C 68 16.84 7.60 0.67
N ALA C 69 15.75 8.30 0.98
CA ALA C 69 15.52 8.86 2.33
C ALA C 69 14.74 7.90 3.24
N LYS C 70 14.00 6.97 2.65
CA LYS C 70 13.18 6.00 3.42
C LYS C 70 12.36 6.72 4.49
N PRO C 71 11.49 7.69 4.15
CA PRO C 71 10.70 8.37 5.17
C PRO C 71 9.68 7.37 5.78
N ASP C 72 9.20 7.66 6.99
CA ASP C 72 8.20 6.82 7.68
C ASP C 72 6.81 7.13 7.13
N CYS C 73 6.61 8.33 6.56
CA CYS C 73 5.28 8.67 5.98
C CYS C 73 5.48 9.67 4.83
N VAL C 74 4.45 9.83 4.00
CA VAL C 74 4.52 10.83 2.89
C VAL C 74 3.28 11.73 2.96
N ILE C 75 3.54 13.04 2.99
CA ILE C 75 2.45 14.05 2.95
C ILE C 75 2.60 14.77 1.61
N ASN C 76 1.53 14.77 0.81
CA ASN C 76 1.56 15.46 -0.50
C ASN C 76 1.03 16.88 -0.26
N THR C 77 1.91 17.89 -0.41
CA THR C 77 1.58 19.32 -0.20
C THR C 77 1.38 20.03 -1.55
N GLY C 78 0.75 21.20 -1.56
CA GLY C 78 0.62 21.96 -2.83
C GLY C 78 -0.80 22.46 -3.10
N SER C 79 -1.04 22.74 -4.39
CA SER C 79 -2.31 23.33 -4.90
C SER C 79 -3.24 22.24 -5.40
N ALA C 80 -4.50 22.62 -5.63
CA ALA C 80 -5.48 21.64 -6.17
C ALA C 80 -6.64 22.44 -6.75
N GLY C 81 -7.36 21.83 -7.68
CA GLY C 81 -8.58 22.48 -8.20
C GLY C 81 -9.73 22.11 -7.29
N GLY C 82 -10.50 23.10 -6.84
CA GLY C 82 -11.65 22.85 -5.93
C GLY C 82 -12.91 22.65 -6.73
N VAL C 83 -13.35 21.40 -6.87
CA VAL C 83 -14.55 21.07 -7.69
C VAL C 83 -15.76 20.99 -6.76
N ALA C 84 -15.56 20.68 -5.48
CA ALA C 84 -16.69 20.59 -4.52
C ALA C 84 -17.25 21.98 -4.25
N LYS C 85 -18.56 22.04 -4.04
CA LYS C 85 -19.29 23.31 -3.75
C LYS C 85 -18.81 23.82 -2.39
N GLY C 86 -18.62 25.15 -2.24
CA GLY C 86 -18.17 25.75 -0.97
C GLY C 86 -16.66 25.92 -0.89
N LEU C 87 -15.89 25.27 -1.76
CA LEU C 87 -14.41 25.45 -1.70
C LEU C 87 -14.02 26.82 -2.27
N LYS C 88 -13.13 27.52 -1.57
CA LYS C 88 -12.63 28.84 -2.06
C LYS C 88 -11.10 28.79 -2.03
N VAL C 89 -10.47 29.66 -2.82
CA VAL C 89 -8.98 29.66 -2.89
C VAL C 89 -8.44 29.77 -1.46
N GLY C 90 -7.41 28.99 -1.13
CA GLY C 90 -6.81 29.02 0.23
C GLY C 90 -7.31 27.89 1.11
N ASP C 91 -8.51 27.37 0.82
CA ASP C 91 -9.12 26.28 1.64
C ASP C 91 -8.26 25.02 1.58
N ILE C 92 -8.19 24.29 2.69
CA ILE C 92 -7.41 23.04 2.80
C ILE C 92 -8.26 21.86 2.31
N VAL C 93 -7.69 20.99 1.48
CA VAL C 93 -8.33 19.71 1.05
C VAL C 93 -7.46 18.56 1.52
N ILE C 94 -8.05 17.61 2.25
CA ILE C 94 -7.36 16.42 2.79
C ILE C 94 -7.95 15.18 2.12
N SER C 95 -7.10 14.26 1.66
CA SER C 95 -7.58 13.03 0.99
C SER C 95 -8.03 11.97 2.00
N ASP C 96 -9.22 11.41 1.76
CA ASP C 96 -9.67 10.16 2.43
C ASP C 96 -9.18 9.05 1.49
N GLU C 97 -9.21 9.35 0.21
CA GLU C 97 -8.76 8.39 -0.81
C GLU C 97 -8.41 9.15 -2.08
N THR C 98 -7.71 8.47 -2.98
CA THR C 98 -7.32 9.07 -4.28
C THR C 98 -7.68 8.07 -5.38
N ARG C 99 -8.09 8.58 -6.52
CA ARG C 99 -8.44 7.76 -7.69
C ARG C 99 -7.98 8.50 -8.93
N TYR C 100 -7.59 7.76 -9.98
CA TYR C 100 -7.30 8.39 -11.28
C TYR C 100 -8.62 8.70 -12.00
N HIS C 101 -8.80 9.93 -12.46
CA HIS C 101 -10.02 10.25 -13.25
C HIS C 101 -9.75 9.93 -14.73
N ASP C 102 -8.51 9.60 -15.10
CA ASP C 102 -8.15 9.40 -16.52
C ASP C 102 -7.67 7.97 -16.78
N ALA C 103 -8.02 7.02 -15.90
CA ALA C 103 -7.59 5.63 -16.14
C ALA C 103 -8.81 4.81 -16.54
N ASP C 104 -8.67 4.00 -17.59
CA ASP C 104 -9.83 3.22 -18.04
C ASP C 104 -9.40 1.85 -18.58
N VAL C 105 -9.63 0.81 -17.76
CA VAL C 105 -9.40 -0.59 -18.22
C VAL C 105 -10.73 -1.33 -18.03
N THR C 106 -11.85 -0.62 -18.25
CA THR C 106 -13.20 -1.22 -18.08
C THR C 106 -13.40 -2.33 -19.11
N ALA C 107 -12.60 -2.32 -20.19
CA ALA C 107 -12.73 -3.38 -21.23
C ALA C 107 -12.48 -4.76 -20.60
N PHE C 108 -11.84 -4.84 -19.43
CA PHE C 108 -11.57 -6.16 -18.79
C PHE C 108 -12.27 -6.26 -17.44
N GLY C 109 -13.32 -5.47 -17.23
CA GLY C 109 -14.13 -5.57 -16.00
C GLY C 109 -13.62 -4.71 -14.85
N TYR C 110 -12.48 -4.03 -15.03
CA TYR C 110 -12.00 -3.15 -13.93
C TYR C 110 -12.93 -1.95 -13.77
N GLU C 111 -12.99 -1.43 -12.55
CA GLU C 111 -13.76 -0.21 -12.19
C GLU C 111 -13.11 1.01 -12.87
N LYS C 112 -13.90 2.03 -13.21
CA LYS C 112 -13.34 3.23 -13.89
C LYS C 112 -12.26 3.83 -12.96
N GLY C 113 -11.11 4.23 -13.52
CA GLY C 113 -10.03 4.83 -12.70
C GLY C 113 -9.10 3.78 -12.09
N GLN C 114 -9.50 2.51 -12.10
CA GLN C 114 -8.68 1.43 -11.46
C GLN C 114 -7.64 0.86 -12.44
N LEU C 115 -6.41 0.71 -11.97
CA LEU C 115 -5.37 0.04 -12.80
C LEU C 115 -5.21 -1.39 -12.29
N PRO C 116 -4.96 -2.36 -13.20
CA PRO C 116 -4.75 -3.74 -12.79
C PRO C 116 -3.70 -3.82 -11.69
N ALA C 117 -3.90 -4.77 -10.77
CA ALA C 117 -3.03 -5.05 -9.60
C ALA C 117 -3.17 -3.97 -8.53
N ASN C 118 -4.10 -3.02 -8.70
CA ASN C 118 -4.25 -1.94 -7.69
C ASN C 118 -5.71 -1.85 -7.28
N PRO C 119 -6.01 -1.32 -6.07
CA PRO C 119 -7.41 -1.13 -5.68
C PRO C 119 -7.96 0.00 -6.56
N ALA C 120 -9.28 0.04 -6.72
CA ALA C 120 -9.89 1.14 -7.51
C ALA C 120 -9.52 2.49 -6.88
N ALA C 121 -9.45 2.54 -5.54
CA ALA C 121 -9.13 3.78 -4.80
C ALA C 121 -8.00 3.51 -3.81
N PHE C 122 -7.00 4.42 -3.73
CA PHE C 122 -5.94 4.27 -2.71
C PHE C 122 -6.45 4.96 -1.43
N LEU C 123 -6.63 4.19 -0.36
CA LEU C 123 -7.14 4.77 0.90
C LEU C 123 -6.00 5.50 1.59
N SER C 124 -6.23 6.78 1.92
CA SER C 124 -5.20 7.62 2.59
C SER C 124 -5.00 7.10 4.02
N ASP C 125 -3.87 7.40 4.65
CA ASP C 125 -3.65 6.94 6.04
C ASP C 125 -4.64 7.68 6.97
N LYS C 126 -5.38 6.93 7.79
CA LYS C 126 -6.42 7.56 8.65
C LYS C 126 -5.79 8.46 9.72
N LYS C 127 -4.72 8.00 10.38
CA LYS C 127 -4.07 8.81 11.45
C LYS C 127 -3.56 10.14 10.89
N LEU C 128 -2.98 10.12 9.68
CA LEU C 128 -2.44 11.38 9.09
C LEU C 128 -3.60 12.30 8.68
N ALA C 129 -4.64 11.74 8.07
CA ALA C 129 -5.81 12.54 7.63
C ALA C 129 -6.47 13.19 8.84
N ASP C 130 -6.60 12.45 9.96
CA ASP C 130 -7.25 12.98 11.19
C ASP C 130 -6.38 14.09 11.78
N LEU C 131 -5.05 13.90 11.79
CA LEU C 131 -4.13 14.93 12.36
C LEU C 131 -4.23 16.22 11.53
N ALA C 132 -4.22 16.08 10.20
CA ALA C 132 -4.34 17.23 9.29
C ALA C 132 -5.65 17.97 9.58
N GLN C 133 -6.78 17.25 9.65
CA GLN C 133 -8.09 17.94 9.89
C GLN C 133 -8.10 18.57 11.28
N GLU C 134 -7.58 17.84 12.28
CA GLU C 134 -7.50 18.35 13.68
C GLU C 134 -6.66 19.63 13.69
N MET C 135 -5.50 19.60 13.05
CA MET C 135 -4.59 20.77 13.00
C MET C 135 -5.28 21.93 12.26
N ALA C 136 -5.95 21.64 11.13
CA ALA C 136 -6.65 22.69 10.35
C ALA C 136 -7.70 23.36 11.22
N GLU C 137 -8.41 22.60 12.05
CA GLU C 137 -9.48 23.14 12.92
C GLU C 137 -8.85 24.03 14.01
N LYS C 138 -7.77 23.57 14.64
CA LYS C 138 -7.11 24.38 15.71
C LYS C 138 -6.55 25.68 15.10
N GLN C 139 -6.13 25.65 13.84
CA GLN C 139 -5.60 26.85 13.14
C GLN C 139 -6.75 27.73 12.63
N GLY C 140 -7.98 27.21 12.61
CA GLY C 140 -9.12 27.98 12.08
C GLY C 140 -9.10 28.05 10.56
N GLN C 141 -8.37 27.13 9.91
CA GLN C 141 -8.31 27.09 8.42
C GLN C 141 -9.55 26.36 7.88
N SER C 142 -10.23 26.93 6.88
CA SER C 142 -11.36 26.22 6.22
C SER C 142 -10.80 24.91 5.66
N VAL C 143 -11.40 23.78 6.02
CA VAL C 143 -10.87 22.45 5.62
C VAL C 143 -12.01 21.56 5.12
N LYS C 144 -11.72 20.78 4.08
CA LYS C 144 -12.67 19.81 3.47
C LYS C 144 -11.92 18.48 3.36
N ARG C 145 -12.59 17.35 3.55
CA ARG C 145 -11.92 16.04 3.50
C ARG C 145 -12.70 15.08 2.60
N GLY C 146 -12.02 14.44 1.64
CA GLY C 146 -12.76 13.53 0.74
C GLY C 146 -11.90 12.96 -0.39
N LEU C 147 -12.52 12.83 -1.56
CA LEU C 147 -11.92 12.19 -2.76
C LEU C 147 -11.08 13.19 -3.57
N ILE C 148 -9.83 12.84 -3.79
CA ILE C 148 -8.95 13.64 -4.69
C ILE C 148 -8.77 12.79 -5.95
N CYS C 149 -9.10 13.34 -7.11
CA CYS C 149 -8.88 12.62 -8.38
C CYS C 149 -7.67 13.23 -9.11
N SER C 150 -6.75 12.36 -9.54
CA SER C 150 -5.55 12.79 -10.28
C SER C 150 -5.66 12.39 -11.74
N GLY C 151 -4.96 13.13 -12.59
CA GLY C 151 -4.82 12.84 -14.02
C GLY C 151 -3.72 13.71 -14.62
N ASP C 152 -3.16 13.32 -15.75
CA ASP C 152 -2.14 14.15 -16.43
C ASP C 152 -2.84 15.27 -17.21
N SER C 153 -3.79 15.95 -16.57
CA SER C 153 -4.52 17.06 -17.20
C SER C 153 -4.75 18.20 -16.21
N PHE C 154 -4.57 19.43 -16.68
CA PHE C 154 -4.94 20.62 -15.89
C PHE C 154 -6.40 20.91 -16.25
N ILE C 155 -7.31 20.75 -15.31
CA ILE C 155 -8.78 20.90 -15.57
C ILE C 155 -9.13 22.40 -15.66
N ASN C 156 -9.66 22.82 -16.80
CA ASN C 156 -9.96 24.26 -17.00
C ASN C 156 -11.26 24.44 -17.79
N SER C 157 -12.30 23.66 -17.51
CA SER C 157 -13.62 23.92 -18.17
C SER C 157 -14.74 23.24 -17.38
N GLU C 158 -15.95 23.81 -17.41
CA GLU C 158 -17.12 23.18 -16.74
C GLU C 158 -17.37 21.82 -17.39
N ASP C 159 -17.12 21.70 -18.70
CA ASP C 159 -17.31 20.41 -19.42
C ASP C 159 -16.38 19.35 -18.82
N LYS C 160 -15.11 19.69 -18.63
CA LYS C 160 -14.14 18.69 -18.08
C LYS C 160 -14.52 18.37 -16.63
N ILE C 161 -14.92 19.39 -15.86
CA ILE C 161 -15.32 19.13 -14.44
C ILE C 161 -16.50 18.15 -14.43
N ALA C 162 -17.52 18.42 -15.27
CA ALA C 162 -18.73 17.57 -15.33
C ALA C 162 -18.40 16.14 -15.76
N GLN C 163 -17.46 15.96 -16.69
CA GLN C 163 -17.10 14.59 -17.16
C GLN C 163 -16.50 13.80 -15.98
N ILE C 164 -15.61 14.43 -15.20
CA ILE C 164 -14.99 13.77 -14.00
C ILE C 164 -16.09 13.44 -12.99
N GLN C 165 -17.01 14.38 -12.73
CA GLN C 165 -18.10 14.18 -11.73
C GLN C 165 -19.06 13.07 -12.20
N ALA C 166 -19.19 12.86 -13.51
CA ALA C 166 -20.10 11.79 -14.01
C ALA C 166 -19.48 10.42 -13.71
N ASP C 167 -18.15 10.33 -13.64
CA ASP C 167 -17.47 9.05 -13.31
C ASP C 167 -17.25 8.98 -11.79
N PHE C 168 -17.00 10.14 -11.16
CA PHE C 168 -16.70 10.20 -9.70
C PHE C 168 -17.51 11.31 -9.06
N PRO C 169 -18.81 11.05 -8.80
CA PRO C 169 -19.72 12.05 -8.23
C PRO C 169 -19.23 12.77 -6.97
N ASN C 170 -18.51 12.08 -6.09
CA ASN C 170 -18.08 12.69 -4.81
C ASN C 170 -16.72 13.39 -4.93
N VAL C 171 -16.22 13.61 -6.16
CA VAL C 171 -14.87 14.22 -6.33
C VAL C 171 -14.86 15.60 -5.66
N MET C 172 -13.90 15.80 -4.76
CA MET C 172 -13.73 17.06 -4.00
C MET C 172 -12.70 17.96 -4.69
N GLY C 173 -11.53 17.40 -4.99
CA GLY C 173 -10.46 18.19 -5.63
C GLY C 173 -9.80 17.42 -6.75
N VAL C 174 -9.16 18.15 -7.67
CA VAL C 174 -8.45 17.51 -8.81
C VAL C 174 -7.03 18.09 -8.86
N GLU C 175 -6.09 17.24 -9.23
CA GLU C 175 -4.69 17.71 -9.41
C GLU C 175 -3.98 16.66 -10.26
N MET C 176 -2.64 16.66 -10.29
CA MET C 176 -1.94 15.83 -11.30
C MET C 176 -0.91 14.87 -10.69
N GLU C 177 -0.80 14.75 -9.37
CA GLU C 177 0.23 13.82 -8.83
C GLU C 177 -0.28 12.93 -7.68
N ALA C 178 -1.29 13.38 -6.94
CA ALA C 178 -1.69 12.71 -5.69
C ALA C 178 -1.87 11.21 -5.84
N THR C 179 -2.67 10.78 -6.82
CA THR C 179 -2.97 9.33 -6.94
C THR C 179 -1.68 8.57 -7.33
N ALA C 180 -0.80 9.20 -8.09
CA ALA C 180 0.46 8.56 -8.50
C ALA C 180 1.33 8.36 -7.25
N ILE C 181 1.44 9.41 -6.43
CA ILE C 181 2.25 9.29 -5.17
C ILE C 181 1.60 8.22 -4.29
N ALA C 182 0.26 8.19 -4.24
CA ALA C 182 -0.43 7.16 -3.42
C ALA C 182 -0.11 5.78 -3.98
N GLN C 183 -0.07 5.63 -5.32
CA GLN C 183 0.22 4.31 -5.93
C GLN C 183 1.64 3.85 -5.54
N VAL C 184 2.62 4.76 -5.63
CA VAL C 184 4.00 4.39 -5.23
C VAL C 184 4.01 4.01 -3.74
N CYS C 185 3.33 4.79 -2.90
CA CYS C 185 3.33 4.54 -1.43
C CYS C 185 2.59 3.23 -1.15
N TYR C 186 1.52 2.95 -1.90
CA TYR C 186 0.81 1.65 -1.74
C TYR C 186 1.79 0.51 -2.05
N ALA C 187 2.53 0.61 -3.16
CA ALA C 187 3.48 -0.42 -3.63
C ALA C 187 4.64 -0.61 -2.65
N PHE C 188 5.10 0.47 -1.99
CA PHE C 188 6.19 0.38 -0.99
C PHE C 188 5.63 0.20 0.43
N ASN C 189 4.30 0.18 0.58
CA ASN C 189 3.66 0.03 1.91
C ASN C 189 4.08 1.18 2.85
N VAL C 190 3.90 2.44 2.42
CA VAL C 190 4.26 3.62 3.27
C VAL C 190 3.02 4.50 3.42
N PRO C 191 2.63 4.85 4.67
CA PRO C 191 1.46 5.71 4.91
C PRO C 191 1.50 7.01 4.08
N PHE C 192 0.36 7.37 3.50
CA PHE C 192 0.28 8.55 2.61
C PHE C 192 -0.98 9.37 2.86
N VAL C 193 -0.88 10.68 2.68
CA VAL C 193 -2.08 11.55 2.73
C VAL C 193 -1.81 12.79 1.88
N VAL C 194 -2.88 13.32 1.28
CA VAL C 194 -2.84 14.61 0.54
C VAL C 194 -3.24 15.70 1.52
N VAL C 195 -2.43 16.77 1.60
CA VAL C 195 -2.77 17.97 2.41
C VAL C 195 -2.47 19.18 1.51
N ARG C 196 -3.41 19.48 0.60
CA ARG C 196 -3.23 20.58 -0.39
C ARG C 196 -4.19 21.73 -0.08
N ALA C 197 -4.13 22.79 -0.89
CA ALA C 197 -5.03 23.94 -0.71
C ALA C 197 -5.50 24.40 -2.09
N ILE C 198 -6.69 25.00 -2.14
CA ILE C 198 -7.33 25.38 -3.43
C ILE C 198 -6.66 26.63 -4.02
N SER C 199 -6.37 26.56 -5.32
CA SER C 199 -5.75 27.67 -6.08
C SER C 199 -6.74 28.12 -7.15
N ASP C 200 -7.75 27.28 -7.43
CA ASP C 200 -8.73 27.57 -8.51
C ASP C 200 -9.94 26.63 -8.38
N GLY C 201 -10.95 26.82 -9.25
CA GLY C 201 -12.18 26.00 -9.24
C GLY C 201 -12.18 24.99 -10.38
N GLY C 202 -11.10 24.94 -11.17
CA GLY C 202 -10.97 23.99 -12.30
C GLY C 202 -11.90 24.33 -13.46
N ASP C 203 -12.49 25.52 -13.43
CA ASP C 203 -13.44 25.98 -14.49
C ASP C 203 -12.69 26.75 -15.58
N GLY C 204 -13.43 27.52 -16.40
CA GLY C 204 -12.84 28.29 -17.51
C GLY C 204 -11.88 29.38 -17.05
N LYS C 205 -11.84 29.68 -15.76
CA LYS C 205 -10.94 30.76 -15.23
C LYS C 205 -9.83 30.13 -14.39
N ALA C 206 -9.70 28.81 -14.46
CA ALA C 206 -8.71 28.09 -13.63
C ALA C 206 -7.27 28.56 -13.91
N SER C 207 -6.90 28.82 -15.17
CA SER C 207 -5.48 29.16 -15.43
C SER C 207 -5.13 30.53 -14.82
N ILE C 208 -6.04 31.51 -14.89
CA ILE C 208 -5.78 32.87 -14.31
C ILE C 208 -5.73 32.73 -12.79
N SER C 209 -6.75 32.07 -12.21
CA SER C 209 -6.86 31.87 -10.76
C SER C 209 -5.59 31.18 -10.23
N PHE C 210 -5.17 30.11 -10.91
CA PHE C 210 -3.97 29.35 -10.50
C PHE C 210 -2.73 30.26 -10.45
N GLU C 211 -2.51 31.10 -11.47
CA GLU C 211 -1.33 32.02 -11.51
C GLU C 211 -1.42 33.01 -10.35
N GLU C 212 -2.64 33.42 -9.98
CA GLU C 212 -2.82 34.43 -8.90
C GLU C 212 -2.81 33.80 -7.52
N PHE C 213 -3.31 32.56 -7.35
CA PHE C 213 -3.46 32.02 -5.98
C PHE C 213 -2.58 30.80 -5.70
N LEU C 214 -1.64 30.45 -6.59
CA LEU C 214 -0.75 29.31 -6.25
C LEU C 214 0.03 29.68 -4.98
N PRO C 215 0.54 30.92 -4.83
CA PRO C 215 1.31 31.28 -3.64
C PRO C 215 0.46 31.13 -2.36
N LEU C 216 -0.79 31.59 -2.42
CA LEU C 216 -1.71 31.47 -1.26
C LEU C 216 -1.88 29.99 -0.89
N ALA C 217 -2.12 29.14 -1.90
CA ALA C 217 -2.36 27.71 -1.65
C ALA C 217 -1.12 27.08 -1.02
N ALA C 218 0.07 27.44 -1.50
CA ALA C 218 1.35 26.90 -0.96
C ALA C 218 1.51 27.35 0.49
N LYS C 219 1.18 28.62 0.77
CA LYS C 219 1.34 29.17 2.15
C LYS C 219 0.38 28.46 3.11
N GLN C 220 -0.88 28.29 2.72
CA GLN C 220 -1.89 27.67 3.62
C GLN C 220 -1.54 26.18 3.80
N SER C 221 -1.20 25.49 2.70
CA SER C 221 -0.82 24.06 2.71
C SER C 221 0.43 23.87 3.57
N SER C 222 1.43 24.72 3.37
CA SER C 222 2.71 24.60 4.13
C SER C 222 2.47 24.87 5.62
N ALA C 223 1.60 25.83 5.96
CA ALA C 223 1.34 26.16 7.38
C ALA C 223 0.76 24.93 8.09
N LEU C 224 -0.16 24.22 7.43
CA LEU C 224 -0.76 23.01 8.06
C LEU C 224 0.29 21.90 8.14
N VAL C 225 1.07 21.71 7.07
CA VAL C 225 2.10 20.64 7.09
C VAL C 225 3.10 20.91 8.24
N LEU C 226 3.48 22.18 8.44
CA LEU C 226 4.47 22.51 9.53
C LEU C 226 3.89 22.10 10.90
N GLU C 227 2.59 22.33 11.11
CA GLU C 227 1.91 21.90 12.36
C GLU C 227 2.05 20.38 12.52
N MET C 228 1.74 19.64 11.44
CA MET C 228 1.80 18.16 11.49
C MET C 228 3.23 17.74 11.80
N ILE C 229 4.22 18.46 11.29
CA ILE C 229 5.64 18.07 11.52
C ILE C 229 5.94 18.10 13.02
N ASP C 230 5.43 19.12 13.72
CA ASP C 230 5.68 19.30 15.18
C ASP C 230 5.07 18.15 15.99
N ARG C 231 3.93 17.62 15.53
CA ARG C 231 3.21 16.53 16.25
C ARG C 231 3.74 15.13 15.91
N LEU C 232 4.39 14.95 14.76
CA LEU C 232 4.86 13.60 14.38
C LEU C 232 6.26 13.35 14.94
N SER C 233 6.40 12.32 15.78
CA SER C 233 7.71 11.98 16.42
C SER C 233 7.81 10.47 16.69
N SER C 234 9.03 10.01 16.98
CA SER C 234 9.32 8.58 17.29
C SER C 234 10.82 8.42 17.62
N ASN D 2 31.40 -3.01 -16.96
CA ASN D 2 32.02 -2.54 -18.25
C ASN D 2 31.31 -3.23 -19.44
N ALA D 3 30.99 -4.52 -19.32
CA ALA D 3 30.29 -5.27 -20.40
C ALA D 3 28.89 -4.68 -20.59
N MET D 4 28.44 -4.55 -21.85
CA MET D 4 27.13 -3.93 -22.10
C MET D 4 26.01 -4.72 -21.41
N LYS D 5 25.08 -4.00 -20.78
CA LYS D 5 23.91 -4.60 -20.12
C LYS D 5 22.66 -4.05 -20.83
N ILE D 6 21.82 -4.93 -21.36
CA ILE D 6 20.60 -4.50 -22.08
C ILE D 6 19.42 -4.55 -21.12
N GLY D 7 18.75 -3.43 -20.94
CA GLY D 7 17.52 -3.38 -20.14
C GLY D 7 16.32 -3.71 -21.03
N ILE D 8 15.38 -4.50 -20.51
CA ILE D 8 14.18 -4.87 -21.30
C ILE D 8 12.98 -4.69 -20.38
N VAL D 9 11.94 -4.00 -20.86
CA VAL D 9 10.75 -3.76 -19.99
C VAL D 9 9.50 -4.32 -20.67
N GLY D 10 8.75 -5.05 -19.87
CA GLY D 10 7.43 -5.57 -20.28
C GLY D 10 6.47 -5.31 -19.14
N ALA D 11 5.24 -4.98 -19.45
CA ALA D 11 4.26 -4.69 -18.39
C ALA D 11 3.73 -5.97 -17.75
N MET D 12 3.33 -6.95 -18.57
CA MET D 12 2.61 -8.14 -18.07
C MET D 12 3.53 -9.36 -17.97
N ALA D 13 3.15 -10.31 -17.11
CA ALA D 13 3.94 -11.55 -16.98
C ALA D 13 4.05 -12.21 -18.37
N GLN D 14 2.94 -12.24 -19.14
CA GLN D 14 2.98 -12.88 -20.48
C GLN D 14 3.94 -12.13 -21.39
N GLU D 15 4.13 -10.83 -21.18
CA GLU D 15 5.01 -10.10 -22.13
C GLU D 15 6.50 -10.35 -21.83
N VAL D 16 6.85 -10.78 -20.61
CA VAL D 16 8.31 -10.98 -20.27
C VAL D 16 8.64 -12.47 -20.12
N GLU D 17 7.65 -13.36 -20.16
CA GLU D 17 7.95 -14.77 -19.82
C GLU D 17 8.90 -15.43 -20.83
N ILE D 18 8.78 -15.13 -22.12
CA ILE D 18 9.71 -15.79 -23.10
C ILE D 18 11.15 -15.45 -22.73
N LEU D 19 11.46 -14.17 -22.53
CA LEU D 19 12.84 -13.75 -22.19
C LEU D 19 13.23 -14.28 -20.79
N LYS D 20 12.31 -14.19 -19.83
CA LYS D 20 12.55 -14.68 -18.44
C LYS D 20 13.02 -16.15 -18.49
N ASN D 21 12.39 -16.93 -19.37
CA ASN D 21 12.63 -18.40 -19.47
C ASN D 21 13.90 -18.70 -20.28
N LEU D 22 14.60 -17.70 -20.81
CA LEU D 22 15.86 -17.94 -21.56
C LEU D 22 17.05 -17.38 -20.78
N MET D 23 16.81 -16.80 -19.60
CA MET D 23 17.93 -16.19 -18.85
C MET D 23 18.68 -17.26 -18.04
N THR D 24 20.01 -17.19 -18.07
CA THR D 24 20.92 -18.09 -17.31
C THR D 24 21.48 -17.26 -16.16
N GLU D 25 22.07 -17.91 -15.16
CA GLU D 25 22.62 -17.21 -13.97
C GLU D 25 21.55 -16.23 -13.50
N ARG D 26 20.30 -16.67 -13.48
CA ARG D 26 19.20 -15.72 -13.23
C ARG D 26 19.02 -15.43 -11.73
N THR D 27 18.83 -14.14 -11.42
CA THR D 27 18.51 -13.65 -10.06
C THR D 27 17.20 -12.87 -10.21
N GLU D 28 16.41 -12.84 -9.13
CA GLU D 28 15.11 -12.13 -9.13
C GLU D 28 15.10 -11.17 -7.95
N THR D 29 14.76 -9.91 -8.21
CA THR D 29 14.65 -8.86 -7.17
C THR D 29 13.28 -8.19 -7.28
N ARG D 30 12.57 -8.09 -6.16
CA ARG D 30 11.25 -7.40 -6.11
C ARG D 30 11.48 -6.06 -5.44
N VAL D 31 11.06 -4.98 -6.11
CA VAL D 31 11.14 -3.61 -5.54
C VAL D 31 9.72 -3.07 -5.69
N ALA D 32 9.01 -2.90 -4.58
CA ALA D 32 7.62 -2.40 -4.63
C ALA D 32 6.80 -3.28 -5.61
N SER D 33 6.18 -2.66 -6.62
CA SER D 33 5.30 -3.34 -7.59
C SER D 33 6.09 -3.97 -8.74
N ALA D 34 7.43 -3.88 -8.72
CA ALA D 34 8.27 -4.32 -9.85
C ALA D 34 9.04 -5.61 -9.55
N VAL D 35 9.25 -6.40 -10.62
CA VAL D 35 10.08 -7.63 -10.58
C VAL D 35 11.20 -7.44 -11.59
N ILE D 36 12.44 -7.59 -11.14
CA ILE D 36 13.63 -7.40 -12.03
C ILE D 36 14.45 -8.69 -12.04
N PHE D 37 14.64 -9.25 -13.22
CA PHE D 37 15.50 -10.43 -13.36
C PHE D 37 16.84 -9.96 -13.92
N GLU D 38 17.93 -10.47 -13.36
CA GLU D 38 19.26 -10.19 -13.95
C GLU D 38 19.90 -11.54 -14.28
N GLY D 39 20.64 -11.57 -15.37
CA GLY D 39 21.29 -12.79 -15.82
C GLY D 39 21.77 -12.59 -17.23
N LYS D 40 21.90 -13.69 -17.96
CA LYS D 40 22.41 -13.58 -19.33
C LYS D 40 21.47 -14.31 -20.30
N ILE D 41 21.47 -13.85 -21.54
CA ILE D 41 20.80 -14.53 -22.68
C ILE D 41 21.88 -14.63 -23.76
N ASN D 42 22.21 -15.86 -24.17
CA ASN D 42 23.25 -16.12 -25.19
C ASN D 42 24.54 -15.39 -24.77
N GLY D 43 24.86 -15.43 -23.47
CA GLY D 43 26.09 -14.84 -22.92
C GLY D 43 26.05 -13.32 -22.72
N LYS D 44 24.96 -12.65 -23.07
CA LYS D 44 24.86 -11.16 -22.93
C LYS D 44 24.17 -10.79 -21.62
N ASP D 45 24.69 -9.80 -20.89
CA ASP D 45 24.06 -9.36 -19.61
C ASP D 45 22.70 -8.72 -19.91
N ILE D 46 21.69 -9.13 -19.15
CA ILE D 46 20.29 -8.64 -19.33
C ILE D 46 19.73 -8.18 -17.99
N ALA D 47 18.96 -7.10 -17.99
CA ALA D 47 18.18 -6.69 -16.80
C ALA D 47 16.74 -6.60 -17.30
N LEU D 48 15.91 -7.56 -16.88
CA LEU D 48 14.53 -7.68 -17.40
C LEU D 48 13.55 -7.22 -16.34
N LEU D 49 12.74 -6.22 -16.69
CA LEU D 49 11.74 -5.67 -15.75
C LEU D 49 10.33 -6.07 -16.17
N GLN D 50 9.58 -6.61 -15.20
CA GLN D 50 8.12 -6.87 -15.31
C GLN D 50 7.53 -5.74 -14.45
N SER D 51 6.96 -4.72 -15.09
CA SER D 51 6.58 -3.50 -14.32
C SER D 51 5.16 -3.54 -13.79
N GLY D 52 4.25 -4.27 -14.45
CA GLY D 52 2.83 -4.07 -14.14
C GLY D 52 2.28 -3.09 -15.16
N ILE D 53 0.96 -2.93 -15.19
CA ILE D 53 0.28 -2.12 -16.25
C ILE D 53 0.14 -0.63 -15.87
N GLY D 54 0.36 0.24 -16.86
CA GLY D 54 0.08 1.68 -16.68
C GLY D 54 1.32 2.51 -16.47
N LYS D 55 1.11 3.82 -16.54
CA LYS D 55 2.20 4.85 -16.49
C LYS D 55 2.95 4.81 -15.16
N VAL D 56 2.24 4.74 -14.03
CA VAL D 56 2.94 4.81 -12.71
C VAL D 56 3.68 3.50 -12.45
N ALA D 57 3.04 2.36 -12.73
CA ALA D 57 3.69 1.03 -12.53
C ALA D 57 4.96 1.00 -13.39
N ALA D 58 4.88 1.46 -14.65
CA ALA D 58 6.04 1.50 -15.55
C ALA D 58 7.12 2.45 -15.00
N ALA D 59 6.71 3.54 -14.35
CA ALA D 59 7.70 4.55 -13.87
C ALA D 59 8.40 4.06 -12.60
N ILE D 60 7.64 3.46 -11.68
CA ILE D 60 8.23 2.85 -10.46
C ILE D 60 9.26 1.83 -10.93
N GLY D 61 8.81 0.94 -11.82
CA GLY D 61 9.64 -0.19 -12.28
C GLY D 61 10.87 0.28 -13.03
N THR D 62 10.69 1.23 -13.95
CA THR D 62 11.86 1.67 -14.74
C THR D 62 12.84 2.43 -13.84
N THR D 63 12.32 3.21 -12.88
CA THR D 63 13.21 3.95 -11.95
C THR D 63 14.04 2.94 -11.15
N ALA D 64 13.37 1.90 -10.62
CA ALA D 64 14.07 0.86 -9.83
C ALA D 64 15.09 0.15 -10.71
N LEU D 65 14.71 -0.14 -11.95
CA LEU D 65 15.59 -0.86 -12.91
C LEU D 65 16.88 -0.06 -13.15
N LEU D 66 16.75 1.22 -13.50
CA LEU D 66 17.93 2.05 -13.83
C LEU D 66 18.80 2.23 -12.57
N GLN D 67 18.19 2.38 -11.39
CA GLN D 67 19.01 2.59 -10.17
C GLN D 67 19.67 1.29 -9.73
N LEU D 68 19.00 0.15 -9.92
CA LEU D 68 19.57 -1.13 -9.43
C LEU D 68 20.55 -1.71 -10.45
N ALA D 69 20.13 -1.85 -11.70
CA ALA D 69 20.89 -2.59 -12.74
C ALA D 69 21.77 -1.68 -13.60
N LYS D 70 21.44 -0.39 -13.75
CA LYS D 70 22.21 0.56 -14.60
C LYS D 70 22.41 0.01 -16.00
N PRO D 71 21.33 -0.40 -16.71
CA PRO D 71 21.46 -0.91 -18.07
C PRO D 71 21.95 0.21 -19.00
N ASP D 72 22.62 -0.14 -20.09
CA ASP D 72 23.15 0.86 -21.06
C ASP D 72 22.00 1.31 -21.96
N CYS D 73 20.96 0.49 -22.12
CA CYS D 73 19.82 0.93 -22.95
C CYS D 73 18.56 0.23 -22.45
N VAL D 74 17.41 0.68 -22.94
CA VAL D 74 16.12 0.08 -22.50
C VAL D 74 15.28 -0.16 -23.75
N ILE D 75 14.81 -1.41 -23.89
CA ILE D 75 13.91 -1.85 -24.99
C ILE D 75 12.59 -2.25 -24.34
N ASN D 76 11.50 -1.60 -24.71
CA ASN D 76 10.14 -1.93 -24.23
C ASN D 76 9.54 -2.97 -25.18
N THR D 77 9.31 -4.17 -24.66
CA THR D 77 8.72 -5.32 -25.41
C THR D 77 7.26 -5.52 -24.99
N GLY D 78 6.49 -6.28 -25.80
CA GLY D 78 5.09 -6.57 -25.42
C GLY D 78 4.11 -6.29 -26.54
N SER D 79 2.85 -6.08 -26.15
CA SER D 79 1.73 -5.92 -27.11
C SER D 79 1.34 -4.45 -27.31
N ALA D 80 0.50 -4.20 -28.31
CA ALA D 80 0.01 -2.85 -28.60
C ALA D 80 -1.23 -2.91 -29.48
N GLY D 81 -2.04 -1.86 -29.45
CA GLY D 81 -3.18 -1.75 -30.37
C GLY D 81 -2.70 -1.12 -31.66
N GLY D 82 -2.97 -1.78 -32.78
CA GLY D 82 -2.57 -1.27 -34.11
C GLY D 82 -3.64 -0.32 -34.63
N VAL D 83 -3.31 0.95 -34.83
CA VAL D 83 -4.35 1.91 -35.28
C VAL D 83 -4.05 2.32 -36.72
N ALA D 84 -2.78 2.33 -37.13
CA ALA D 84 -2.42 2.68 -38.53
C ALA D 84 -2.97 1.59 -39.45
N LYS D 85 -3.55 2.00 -40.59
CA LYS D 85 -4.13 1.03 -41.54
C LYS D 85 -3.03 0.06 -42.02
N GLY D 86 -3.40 -1.21 -42.21
CA GLY D 86 -2.46 -2.24 -42.68
C GLY D 86 -1.90 -3.09 -41.56
N LEU D 87 -2.03 -2.62 -40.31
CA LEU D 87 -1.49 -3.39 -39.16
C LEU D 87 -2.41 -4.58 -38.86
N LYS D 88 -1.81 -5.77 -38.80
CA LYS D 88 -2.51 -7.05 -38.48
C LYS D 88 -1.84 -7.61 -37.23
N VAL D 89 -2.56 -8.47 -36.49
CA VAL D 89 -2.04 -9.04 -35.21
C VAL D 89 -0.71 -9.73 -35.50
N GLY D 90 0.32 -9.46 -34.69
CA GLY D 90 1.62 -10.10 -34.90
C GLY D 90 2.61 -9.16 -35.57
N ASP D 91 2.11 -8.10 -36.19
CA ASP D 91 3.04 -7.13 -36.85
C ASP D 91 3.86 -6.39 -35.79
N ILE D 92 5.11 -6.10 -36.12
CA ILE D 92 6.03 -5.36 -35.22
C ILE D 92 5.77 -3.87 -35.38
N VAL D 93 5.75 -3.14 -34.26
CA VAL D 93 5.69 -1.65 -34.27
C VAL D 93 6.93 -1.16 -33.50
N ILE D 94 7.76 -0.36 -34.18
CA ILE D 94 8.97 0.26 -33.59
C ILE D 94 8.71 1.76 -33.38
N SER D 95 9.11 2.30 -32.24
CA SER D 95 8.86 3.75 -31.99
C SER D 95 9.99 4.60 -32.60
N ASP D 96 9.62 5.68 -33.27
CA ASP D 96 10.58 6.77 -33.62
C ASP D 96 10.42 7.81 -32.50
N GLU D 97 9.20 7.90 -31.95
CA GLU D 97 8.94 8.83 -30.84
C GLU D 97 7.72 8.32 -30.06
N THR D 98 7.59 8.79 -28.83
CA THR D 98 6.44 8.43 -28.00
C THR D 98 5.81 9.73 -27.48
N ARG D 99 4.50 9.69 -27.32
CA ARG D 99 3.74 10.85 -26.82
C ARG D 99 2.57 10.31 -26.00
N TYR D 100 2.20 11.05 -24.96
CA TYR D 100 0.99 10.67 -24.18
C TYR D 100 -0.25 11.15 -24.93
N HIS D 101 -1.21 10.26 -25.18
CA HIS D 101 -2.47 10.71 -25.82
C HIS D 101 -3.38 11.25 -24.71
N ASP D 102 -3.03 11.04 -23.44
CA ASP D 102 -3.97 11.47 -22.36
C ASP D 102 -3.36 12.60 -21.50
N ALA D 103 -2.30 13.28 -21.96
CA ALA D 103 -1.75 14.40 -21.16
C ALA D 103 -2.25 15.72 -21.76
N ASP D 104 -2.74 16.63 -20.91
CA ASP D 104 -3.23 17.94 -21.44
C ASP D 104 -2.94 19.07 -20.45
N VAL D 105 -1.93 19.88 -20.75
CA VAL D 105 -1.63 21.11 -19.97
C VAL D 105 -1.65 22.25 -21.00
N THR D 106 -2.55 22.12 -21.99
CA THR D 106 -2.69 23.19 -23.00
C THR D 106 -3.21 24.47 -22.31
N ALA D 107 -3.82 24.36 -21.13
CA ALA D 107 -4.29 25.58 -20.45
C ALA D 107 -3.10 26.54 -20.24
N PHE D 108 -1.88 26.01 -20.17
CA PHE D 108 -0.72 26.90 -19.96
C PHE D 108 0.15 26.95 -21.24
N GLY D 109 -0.40 26.56 -22.40
CA GLY D 109 0.36 26.72 -23.66
C GLY D 109 1.34 25.61 -23.95
N TYR D 110 1.27 24.49 -23.21
CA TYR D 110 2.10 23.34 -23.58
C TYR D 110 1.41 22.65 -24.75
N GLU D 111 2.20 21.92 -25.54
CA GLU D 111 1.65 21.17 -26.68
C GLU D 111 0.82 19.99 -26.13
N LYS D 112 -0.30 19.70 -26.78
CA LYS D 112 -1.12 18.52 -26.40
C LYS D 112 -0.21 17.29 -26.24
N GLY D 113 -0.37 16.55 -25.14
CA GLY D 113 0.43 15.34 -24.84
C GLY D 113 1.72 15.66 -24.10
N GLN D 114 2.12 16.93 -24.06
CA GLN D 114 3.41 17.30 -23.41
C GLN D 114 3.22 17.55 -21.90
N LEU D 115 4.17 17.07 -21.08
CA LEU D 115 4.21 17.42 -19.64
C LEU D 115 5.31 18.46 -19.48
N PRO D 116 5.10 19.50 -18.63
CA PRO D 116 6.12 20.50 -18.39
C PRO D 116 7.48 19.90 -18.00
N ALA D 117 8.55 20.49 -18.49
CA ALA D 117 9.95 20.09 -18.27
C ALA D 117 10.27 18.86 -19.11
N ASN D 118 9.38 18.53 -20.06
CA ASN D 118 9.63 17.38 -20.95
C ASN D 118 9.43 17.83 -22.38
N PRO D 119 10.09 17.17 -23.35
CA PRO D 119 9.86 17.43 -24.76
C PRO D 119 8.43 16.95 -25.05
N ALA D 120 7.80 17.56 -26.06
CA ALA D 120 6.40 17.19 -26.40
C ALA D 120 6.36 15.71 -26.77
N ALA D 121 7.44 15.24 -27.40
CA ALA D 121 7.58 13.83 -27.81
C ALA D 121 8.95 13.35 -27.38
N PHE D 122 9.01 12.14 -26.85
CA PHE D 122 10.34 11.57 -26.48
C PHE D 122 10.90 10.91 -27.73
N LEU D 123 12.08 11.35 -28.19
CA LEU D 123 12.67 10.75 -29.40
C LEU D 123 13.28 9.40 -29.05
N SER D 124 12.88 8.34 -29.77
CA SER D 124 13.47 7.00 -29.49
C SER D 124 14.92 7.00 -29.98
N ASP D 125 15.75 6.11 -29.43
CA ASP D 125 17.16 6.02 -29.87
C ASP D 125 17.19 5.52 -31.32
N LYS D 126 17.81 6.30 -32.21
CA LYS D 126 17.81 5.97 -33.66
C LYS D 126 18.57 4.67 -33.93
N LYS D 127 19.71 4.47 -33.27
CA LYS D 127 20.49 3.23 -33.53
C LYS D 127 19.69 2.00 -33.12
N LEU D 128 18.99 2.05 -31.98
CA LEU D 128 18.19 0.90 -31.54
C LEU D 128 17.02 0.69 -32.50
N ALA D 129 16.31 1.75 -32.88
CA ALA D 129 15.16 1.61 -33.81
C ALA D 129 15.66 1.05 -35.16
N ASP D 130 16.79 1.56 -35.65
CA ASP D 130 17.39 1.04 -36.92
C ASP D 130 17.72 -0.45 -36.77
N LEU D 131 18.34 -0.83 -35.64
CA LEU D 131 18.67 -2.25 -35.43
C LEU D 131 17.39 -3.10 -35.43
N ALA D 132 16.33 -2.61 -34.78
CA ALA D 132 15.08 -3.40 -34.71
C ALA D 132 14.52 -3.60 -36.13
N GLN D 133 14.54 -2.56 -36.95
CA GLN D 133 13.96 -2.66 -38.32
C GLN D 133 14.83 -3.58 -39.17
N GLU D 134 16.16 -3.46 -39.05
CA GLU D 134 17.11 -4.32 -39.81
C GLU D 134 16.81 -5.79 -39.47
N MET D 135 16.86 -6.16 -38.19
CA MET D 135 16.61 -7.56 -37.75
C MET D 135 15.22 -8.03 -38.21
N ALA D 136 14.19 -7.18 -38.10
CA ALA D 136 12.81 -7.56 -38.46
C ALA D 136 12.73 -7.84 -39.96
N GLU D 137 13.35 -6.98 -40.77
CA GLU D 137 13.36 -7.16 -42.24
C GLU D 137 14.17 -8.40 -42.59
N LYS D 138 15.29 -8.61 -41.89
CA LYS D 138 16.17 -9.78 -42.12
C LYS D 138 15.38 -11.09 -41.91
N GLN D 139 14.35 -11.08 -41.05
CA GLN D 139 13.52 -12.29 -40.78
C GLN D 139 12.19 -12.19 -41.53
N GLY D 140 12.06 -11.27 -42.50
CA GLY D 140 10.78 -11.10 -43.23
C GLY D 140 9.62 -10.88 -42.27
N GLN D 141 9.90 -10.25 -41.12
CA GLN D 141 8.87 -9.97 -40.08
C GLN D 141 8.18 -8.67 -40.49
N SER D 142 6.84 -8.67 -40.57
CA SER D 142 6.09 -7.44 -40.94
C SER D 142 6.33 -6.37 -39.88
N VAL D 143 6.86 -5.20 -40.29
CA VAL D 143 7.28 -4.13 -39.33
C VAL D 143 6.76 -2.75 -39.77
N LYS D 144 6.49 -1.89 -38.79
CA LYS D 144 6.04 -0.50 -39.05
C LYS D 144 6.72 0.37 -38.00
N ARG D 145 7.21 1.53 -38.40
CA ARG D 145 8.02 2.39 -37.51
C ARG D 145 7.38 3.79 -37.42
N GLY D 146 7.18 4.32 -36.22
CA GLY D 146 6.58 5.65 -36.13
C GLY D 146 6.20 6.04 -34.70
N LEU D 147 5.09 6.78 -34.58
CA LEU D 147 4.62 7.32 -33.29
C LEU D 147 3.84 6.27 -32.51
N ILE D 148 4.25 6.06 -31.27
CA ILE D 148 3.47 5.22 -30.30
C ILE D 148 2.88 6.20 -29.29
N CYS D 149 1.58 6.09 -29.03
CA CYS D 149 0.93 6.96 -28.03
C CYS D 149 0.57 6.12 -26.81
N SER D 150 0.93 6.58 -25.62
CA SER D 150 0.62 5.86 -24.38
C SER D 150 -0.47 6.59 -23.61
N GLY D 151 -1.18 5.83 -22.78
CA GLY D 151 -2.19 6.40 -21.88
C GLY D 151 -2.61 5.33 -20.87
N ASP D 152 -3.15 5.76 -19.73
CA ASP D 152 -3.65 4.82 -18.71
C ASP D 152 -5.01 4.26 -19.17
N SER D 153 -5.17 3.92 -20.45
CA SER D 153 -6.45 3.36 -20.91
C SER D 153 -6.25 2.22 -21.91
N PHE D 154 -7.08 1.19 -21.81
CA PHE D 154 -7.09 0.14 -22.84
C PHE D 154 -8.06 0.63 -23.92
N ILE D 155 -7.55 0.93 -25.10
CA ILE D 155 -8.38 1.51 -26.19
C ILE D 155 -9.28 0.40 -26.77
N ASN D 156 -10.60 0.58 -26.69
CA ASN D 156 -11.51 -0.49 -27.13
C ASN D 156 -12.73 0.08 -27.87
N SER D 157 -12.55 1.10 -28.71
CA SER D 157 -13.68 1.59 -29.54
C SER D 157 -13.16 2.49 -30.66
N GLU D 158 -13.91 2.54 -31.78
CA GLU D 158 -13.56 3.42 -32.92
C GLU D 158 -13.60 4.89 -32.48
N ASP D 159 -14.53 5.25 -31.58
CA ASP D 159 -14.63 6.65 -31.10
C ASP D 159 -13.36 7.04 -30.34
N LYS D 160 -12.84 6.16 -29.48
CA LYS D 160 -11.63 6.49 -28.70
C LYS D 160 -10.45 6.60 -29.67
N ILE D 161 -10.37 5.69 -30.64
CA ILE D 161 -9.28 5.77 -31.66
C ILE D 161 -9.41 7.09 -32.41
N ALA D 162 -10.64 7.41 -32.85
CA ALA D 162 -10.86 8.66 -33.62
C ALA D 162 -10.36 9.85 -32.80
N GLN D 163 -10.72 9.94 -31.50
CA GLN D 163 -10.29 11.10 -30.67
C GLN D 163 -8.76 11.14 -30.56
N ILE D 164 -8.12 9.98 -30.38
CA ILE D 164 -6.64 9.96 -30.31
C ILE D 164 -6.09 10.40 -31.66
N GLN D 165 -6.64 9.90 -32.76
CA GLN D 165 -6.13 10.31 -34.10
C GLN D 165 -6.35 11.80 -34.34
N ALA D 166 -7.44 12.37 -33.81
CA ALA D 166 -7.67 13.83 -34.00
C ALA D 166 -6.55 14.61 -33.29
N ASP D 167 -6.05 14.10 -32.15
CA ASP D 167 -5.00 14.84 -31.40
C ASP D 167 -3.62 14.47 -31.95
N PHE D 168 -3.47 13.23 -32.43
CA PHE D 168 -2.18 12.71 -32.93
C PHE D 168 -2.45 12.00 -34.25
N PRO D 169 -2.57 12.76 -35.36
CA PRO D 169 -2.96 12.16 -36.65
C PRO D 169 -2.07 11.00 -37.12
N ASN D 170 -0.77 11.02 -36.82
CA ASN D 170 0.16 9.97 -37.30
C ASN D 170 0.28 8.82 -36.29
N VAL D 171 -0.63 8.73 -35.31
CA VAL D 171 -0.46 7.64 -34.31
C VAL D 171 -0.48 6.29 -35.03
N MET D 172 0.49 5.44 -34.71
CA MET D 172 0.64 4.13 -35.36
C MET D 172 0.08 3.06 -34.43
N GLY D 173 0.44 3.18 -33.15
CA GLY D 173 0.00 2.20 -32.14
C GLY D 173 -0.26 2.88 -30.81
N VAL D 174 -1.10 2.23 -30.02
CA VAL D 174 -1.43 2.72 -28.65
C VAL D 174 -1.14 1.60 -27.65
N GLU D 175 -0.69 1.98 -26.47
CA GLU D 175 -0.45 1.02 -25.37
C GLU D 175 -0.44 1.85 -24.08
N MET D 176 0.06 1.31 -22.96
CA MET D 176 -0.15 1.98 -21.66
C MET D 176 1.16 2.24 -20.89
N GLU D 177 2.32 2.02 -21.49
CA GLU D 177 3.55 2.21 -20.67
C GLU D 177 4.69 2.84 -21.46
N ALA D 178 4.66 2.74 -22.79
CA ALA D 178 5.86 3.12 -23.58
C ALA D 178 6.35 4.54 -23.28
N THR D 179 5.45 5.52 -23.31
CA THR D 179 5.84 6.94 -23.10
C THR D 179 6.32 7.15 -21.66
N ALA D 180 5.73 6.45 -20.69
CA ALA D 180 6.20 6.55 -19.29
C ALA D 180 7.64 6.02 -19.19
N ILE D 181 7.94 4.89 -19.81
CA ILE D 181 9.34 4.34 -19.76
C ILE D 181 10.28 5.34 -20.46
N ALA D 182 9.80 5.95 -21.55
CA ALA D 182 10.62 6.94 -22.29
C ALA D 182 10.91 8.14 -21.39
N GLN D 183 9.91 8.57 -20.60
CA GLN D 183 10.07 9.76 -19.73
C GLN D 183 11.10 9.43 -18.65
N VAL D 184 11.00 8.24 -18.05
CA VAL D 184 12.05 7.86 -17.06
C VAL D 184 13.41 7.83 -17.76
N CYS D 185 13.50 7.19 -18.93
CA CYS D 185 14.80 7.05 -19.64
C CYS D 185 15.32 8.42 -20.04
N TYR D 186 14.41 9.34 -20.37
CA TYR D 186 14.81 10.72 -20.72
C TYR D 186 15.40 11.39 -19.48
N ALA D 187 14.71 11.28 -18.34
CA ALA D 187 15.18 11.90 -17.09
C ALA D 187 16.53 11.31 -16.65
N PHE D 188 16.77 10.04 -16.90
CA PHE D 188 18.05 9.39 -16.52
C PHE D 188 19.06 9.41 -17.67
N ASN D 189 18.69 9.93 -18.84
CA ASN D 189 19.61 10.00 -20.00
C ASN D 189 20.04 8.60 -20.45
N VAL D 190 19.09 7.67 -20.58
CA VAL D 190 19.36 6.29 -21.04
C VAL D 190 18.64 6.07 -22.38
N PRO D 191 19.34 5.59 -23.44
CA PRO D 191 18.72 5.35 -24.75
C PRO D 191 17.54 4.37 -24.64
N PHE D 192 16.46 4.68 -25.33
CA PHE D 192 15.19 3.90 -25.22
C PHE D 192 14.57 3.66 -26.59
N VAL D 193 13.83 2.54 -26.71
CA VAL D 193 13.07 2.28 -27.96
C VAL D 193 11.93 1.31 -27.62
N VAL D 194 10.81 1.45 -28.34
CA VAL D 194 9.68 0.51 -28.24
C VAL D 194 9.83 -0.51 -29.36
N VAL D 195 9.75 -1.80 -29.01
CA VAL D 195 9.72 -2.88 -30.03
C VAL D 195 8.56 -3.80 -29.61
N ARG D 196 7.35 -3.44 -30.02
CA ARG D 196 6.15 -4.20 -29.61
C ARG D 196 5.50 -4.86 -30.83
N ALA D 197 4.41 -5.58 -30.62
CA ALA D 197 3.72 -6.30 -31.71
C ALA D 197 2.21 -6.17 -31.48
N ILE D 198 1.46 -6.14 -32.56
CA ILE D 198 0.00 -5.90 -32.49
C ILE D 198 -0.76 -7.12 -31.97
N SER D 199 -1.67 -6.88 -31.04
CA SER D 199 -2.53 -7.92 -30.43
C SER D 199 -3.99 -7.64 -30.80
N ASP D 200 -4.27 -6.43 -31.28
CA ASP D 200 -5.66 -6.02 -31.60
C ASP D 200 -5.65 -4.67 -32.32
N GLY D 201 -6.82 -4.17 -32.72
CA GLY D 201 -6.92 -2.88 -33.43
C GLY D 201 -7.43 -1.75 -32.54
N GLY D 202 -7.53 -1.97 -31.22
CA GLY D 202 -8.03 -0.92 -30.31
C GLY D 202 -9.48 -0.53 -30.62
N ASP D 203 -10.23 -1.38 -31.33
CA ASP D 203 -11.65 -1.08 -31.66
C ASP D 203 -12.58 -1.84 -30.70
N GLY D 204 -13.86 -1.95 -31.06
CA GLY D 204 -14.86 -2.61 -30.19
C GLY D 204 -14.54 -4.08 -29.93
N LYS D 205 -13.71 -4.68 -30.80
CA LYS D 205 -13.34 -6.12 -30.70
C LYS D 205 -11.97 -6.29 -30.06
N ALA D 206 -11.34 -5.18 -29.61
CA ALA D 206 -9.96 -5.24 -29.09
C ALA D 206 -9.80 -6.22 -27.92
N SER D 207 -10.73 -6.21 -26.96
CA SER D 207 -10.52 -7.05 -25.76
C SER D 207 -10.49 -8.53 -26.14
N ILE D 208 -11.36 -8.96 -27.06
CA ILE D 208 -11.41 -10.40 -27.51
C ILE D 208 -10.16 -10.71 -28.32
N SER D 209 -9.80 -9.82 -29.25
CA SER D 209 -8.57 -10.03 -30.07
C SER D 209 -7.34 -10.14 -29.13
N PHE D 210 -7.26 -9.25 -28.15
CA PHE D 210 -6.15 -9.22 -27.18
C PHE D 210 -6.01 -10.60 -26.50
N GLU D 211 -7.12 -11.13 -26.00
CA GLU D 211 -7.11 -12.43 -25.31
C GLU D 211 -6.56 -13.53 -26.23
N GLU D 212 -6.83 -13.44 -27.54
CA GLU D 212 -6.32 -14.49 -28.46
C GLU D 212 -4.90 -14.18 -28.93
N PHE D 213 -4.59 -12.90 -29.19
CA PHE D 213 -3.30 -12.59 -29.87
C PHE D 213 -2.25 -11.95 -28.94
N LEU D 214 -2.55 -11.75 -27.65
CA LEU D 214 -1.48 -11.30 -26.74
C LEU D 214 -0.30 -12.27 -26.84
N PRO D 215 -0.51 -13.61 -26.79
CA PRO D 215 0.60 -14.55 -26.88
C PRO D 215 1.36 -14.41 -28.21
N LEU D 216 0.65 -14.23 -29.34
CA LEU D 216 1.35 -14.05 -30.64
C LEU D 216 2.21 -12.77 -30.59
N ALA D 217 1.65 -11.67 -30.07
CA ALA D 217 2.37 -10.38 -29.96
C ALA D 217 3.61 -10.55 -29.08
N ALA D 218 3.47 -11.22 -27.93
CA ALA D 218 4.63 -11.47 -27.03
C ALA D 218 5.67 -12.30 -27.77
N LYS D 219 5.24 -13.33 -28.49
CA LYS D 219 6.20 -14.20 -29.24
C LYS D 219 6.93 -13.40 -30.33
N GLN D 220 6.21 -12.61 -31.13
CA GLN D 220 6.85 -11.86 -32.25
C GLN D 220 7.79 -10.77 -31.68
N SER D 221 7.33 -10.05 -30.66
CA SER D 221 8.12 -8.98 -30.00
C SER D 221 9.38 -9.58 -29.36
N SER D 222 9.20 -10.63 -28.55
CA SER D 222 10.35 -11.29 -27.87
C SER D 222 11.34 -11.82 -28.90
N ALA D 223 10.84 -12.45 -29.98
CA ALA D 223 11.73 -13.00 -31.03
C ALA D 223 12.63 -11.90 -31.59
N LEU D 224 12.06 -10.71 -31.83
CA LEU D 224 12.85 -9.60 -32.44
C LEU D 224 13.82 -9.02 -31.39
N VAL D 225 13.40 -8.94 -30.13
CA VAL D 225 14.28 -8.40 -29.06
C VAL D 225 15.46 -9.37 -28.89
N LEU D 226 15.20 -10.67 -29.00
CA LEU D 226 16.30 -11.67 -28.89
C LEU D 226 17.30 -11.44 -30.02
N GLU D 227 16.83 -11.18 -31.25
CA GLU D 227 17.76 -10.91 -32.38
C GLU D 227 18.60 -9.67 -32.04
N MET D 228 17.98 -8.64 -31.43
CA MET D 228 18.69 -7.39 -31.06
C MET D 228 19.75 -7.69 -30.00
N ILE D 229 19.39 -8.44 -28.96
CA ILE D 229 20.37 -8.81 -27.89
C ILE D 229 21.65 -9.36 -28.52
N ASP D 230 21.51 -10.30 -29.46
CA ASP D 230 22.66 -10.95 -30.14
C ASP D 230 23.53 -9.95 -30.91
N ARG D 231 22.94 -8.90 -31.47
CA ARG D 231 23.73 -7.93 -32.30
C ARG D 231 24.34 -6.83 -31.43
N LEU D 232 23.70 -6.47 -30.33
CA LEU D 232 24.24 -5.41 -29.44
C LEU D 232 25.52 -5.94 -28.78
N SER D 233 26.61 -5.18 -28.86
CA SER D 233 27.94 -5.63 -28.34
C SER D 233 27.86 -5.92 -26.84
N ASN E 2 -2.76 -21.84 0.85
CA ASN E 2 -3.03 -21.90 -0.61
C ASN E 2 -4.18 -20.94 -0.96
N ALA E 3 -3.96 -20.06 -1.95
CA ALA E 3 -5.01 -19.13 -2.44
C ALA E 3 -6.05 -19.93 -3.23
N MET E 4 -7.18 -19.31 -3.61
CA MET E 4 -8.22 -20.06 -4.36
C MET E 4 -7.67 -20.57 -5.69
N LYS E 5 -8.08 -21.77 -6.09
CA LYS E 5 -7.63 -22.34 -7.39
C LYS E 5 -8.87 -22.63 -8.24
N ILE E 6 -8.96 -21.97 -9.40
CA ILE E 6 -10.15 -22.15 -10.29
C ILE E 6 -9.90 -23.35 -11.21
N GLY E 7 -10.81 -24.32 -11.19
CA GLY E 7 -10.72 -25.47 -12.09
C GLY E 7 -11.49 -25.16 -13.37
N ILE E 8 -10.86 -25.34 -14.53
CA ILE E 8 -11.58 -25.11 -15.82
C ILE E 8 -11.43 -26.37 -16.66
N VAL E 9 -12.54 -26.85 -17.22
CA VAL E 9 -12.51 -28.08 -18.04
C VAL E 9 -13.03 -27.77 -19.45
N GLY E 10 -12.25 -28.16 -20.45
CA GLY E 10 -12.67 -28.15 -21.87
C GLY E 10 -12.37 -29.50 -22.47
N ALA E 11 -13.16 -29.95 -23.44
CA ALA E 11 -12.96 -31.31 -23.99
C ALA E 11 -11.88 -31.29 -25.06
N MET E 12 -11.95 -30.30 -25.95
CA MET E 12 -11.04 -30.28 -27.13
C MET E 12 -9.91 -29.28 -26.94
N ALA E 13 -8.82 -29.51 -27.64
CA ALA E 13 -7.68 -28.56 -27.62
C ALA E 13 -8.17 -27.16 -27.97
N GLN E 14 -9.05 -27.05 -28.97
CA GLN E 14 -9.54 -25.73 -29.45
C GLN E 14 -10.32 -25.02 -28.34
N GLU E 15 -11.00 -25.77 -27.47
CA GLU E 15 -11.83 -25.17 -26.39
C GLU E 15 -10.95 -24.65 -25.24
N VAL E 16 -9.72 -25.16 -25.05
CA VAL E 16 -8.83 -24.68 -23.93
C VAL E 16 -7.69 -23.79 -24.47
N GLU E 17 -7.52 -23.69 -25.80
CA GLU E 17 -6.35 -23.00 -26.44
C GLU E 17 -6.18 -21.57 -25.89
N ILE E 18 -7.25 -20.76 -25.89
CA ILE E 18 -7.17 -19.34 -25.45
C ILE E 18 -6.73 -19.27 -23.98
N LEU E 19 -7.41 -19.96 -23.07
CA LEU E 19 -6.99 -19.92 -21.64
C LEU E 19 -5.58 -20.50 -21.49
N LYS E 20 -5.30 -21.62 -22.15
CA LYS E 20 -3.96 -22.26 -22.05
C LYS E 20 -2.85 -21.28 -22.46
N ASN E 21 -3.03 -20.56 -23.58
CA ASN E 21 -1.93 -19.68 -24.08
C ASN E 21 -1.78 -18.42 -23.23
N LEU E 22 -2.71 -18.16 -22.29
CA LEU E 22 -2.58 -16.95 -21.42
C LEU E 22 -1.98 -17.32 -20.05
N MET E 23 -1.84 -18.60 -19.75
CA MET E 23 -1.33 -18.99 -18.41
C MET E 23 0.20 -18.76 -18.34
N THR E 24 0.69 -18.17 -17.25
CA THR E 24 2.16 -18.03 -17.06
C THR E 24 2.59 -19.08 -16.06
N GLU E 25 3.89 -19.42 -16.04
CA GLU E 25 4.44 -20.46 -15.12
C GLU E 25 3.63 -21.73 -15.34
N ARG E 26 3.32 -22.00 -16.60
CA ARG E 26 2.43 -23.13 -16.97
C ARG E 26 3.19 -24.45 -16.92
N THR E 27 2.67 -25.41 -16.17
CA THR E 27 3.21 -26.78 -16.13
C THR E 27 2.14 -27.65 -16.80
N GLU E 28 2.55 -28.74 -17.43
CA GLU E 28 1.66 -29.65 -18.17
C GLU E 28 1.84 -31.06 -17.60
N THR E 29 0.76 -31.64 -17.09
CA THR E 29 0.78 -33.02 -16.55
C THR E 29 -0.19 -33.89 -17.38
N ARG E 30 0.33 -34.98 -17.94
CA ARG E 30 -0.57 -35.92 -18.68
C ARG E 30 -0.95 -37.03 -17.70
N VAL E 31 -2.25 -37.26 -17.50
CA VAL E 31 -2.72 -38.42 -16.68
C VAL E 31 -3.65 -39.21 -17.59
N ALA E 32 -3.22 -40.40 -18.00
CA ALA E 32 -4.00 -41.25 -18.95
C ALA E 32 -4.40 -40.40 -20.17
N SER E 33 -5.71 -40.22 -20.42
CA SER E 33 -6.22 -39.48 -21.61
C SER E 33 -6.38 -37.98 -21.34
N ALA E 34 -5.99 -37.53 -20.15
CA ALA E 34 -6.24 -36.13 -19.76
C ALA E 34 -4.93 -35.32 -19.75
N VAL E 35 -5.04 -34.04 -20.08
CA VAL E 35 -3.88 -33.11 -19.94
C VAL E 35 -4.32 -32.02 -18.98
N ILE E 36 -3.57 -31.85 -17.90
CA ILE E 36 -3.87 -30.80 -16.89
C ILE E 36 -2.77 -29.74 -16.95
N PHE E 37 -3.17 -28.49 -17.16
CA PHE E 37 -2.23 -27.35 -17.14
C PHE E 37 -2.44 -26.61 -15.83
N GLU E 38 -1.34 -26.26 -15.16
CA GLU E 38 -1.43 -25.44 -13.94
C GLU E 38 -0.53 -24.23 -14.14
N GLY E 39 -1.02 -23.07 -13.74
CA GLY E 39 -0.27 -21.82 -13.88
C GLY E 39 -1.13 -20.64 -13.48
N LYS E 40 -0.70 -19.45 -13.86
CA LYS E 40 -1.41 -18.22 -13.42
C LYS E 40 -1.97 -17.46 -14.62
N ILE E 41 -3.13 -16.87 -14.40
CA ILE E 41 -3.79 -15.90 -15.32
C ILE E 41 -4.11 -14.69 -14.46
N ASN E 42 -3.48 -13.55 -14.75
CA ASN E 42 -3.76 -12.31 -13.97
C ASN E 42 -3.48 -12.62 -12.49
N GLY E 43 -2.36 -13.29 -12.21
CA GLY E 43 -1.90 -13.64 -10.85
C GLY E 43 -2.77 -14.67 -10.13
N LYS E 44 -3.80 -15.21 -10.78
CA LYS E 44 -4.71 -16.19 -10.12
C LYS E 44 -4.27 -17.61 -10.48
N ASP E 45 -4.34 -18.56 -9.53
CA ASP E 45 -3.98 -19.97 -9.78
C ASP E 45 -5.09 -20.66 -10.58
N ILE E 46 -4.72 -21.24 -11.72
CA ILE E 46 -5.68 -21.96 -12.60
C ILE E 46 -5.19 -23.40 -12.82
N ALA E 47 -6.13 -24.34 -12.81
CA ALA E 47 -5.87 -25.74 -13.18
C ALA E 47 -6.80 -26.01 -14.37
N LEU E 48 -6.23 -26.14 -15.57
CA LEU E 48 -7.02 -26.23 -16.83
C LEU E 48 -6.96 -27.68 -17.34
N LEU E 49 -8.12 -28.33 -17.39
CA LEU E 49 -8.19 -29.73 -17.89
C LEU E 49 -8.65 -29.77 -19.35
N GLN E 50 -7.85 -30.45 -20.16
CA GLN E 50 -8.23 -30.81 -21.56
C GLN E 50 -8.57 -32.30 -21.46
N SER E 51 -9.87 -32.62 -21.41
CA SER E 51 -10.29 -34.02 -21.10
C SER E 51 -10.35 -34.94 -22.31
N GLY E 52 -10.66 -34.42 -23.49
CA GLY E 52 -11.04 -35.33 -24.58
C GLY E 52 -12.56 -35.42 -24.60
N ILE E 53 -13.13 -35.96 -25.66
CA ILE E 53 -14.60 -35.94 -25.91
C ILE E 53 -15.34 -37.10 -25.24
N GLY E 54 -16.52 -36.78 -24.71
CA GLY E 54 -17.44 -37.80 -24.18
C GLY E 54 -17.42 -37.91 -22.69
N LYS E 55 -18.39 -38.66 -22.15
CA LYS E 55 -18.66 -38.84 -20.71
C LYS E 55 -17.48 -39.48 -20.01
N VAL E 56 -16.97 -40.59 -20.53
CA VAL E 56 -15.85 -41.29 -19.83
C VAL E 56 -14.56 -40.47 -19.91
N ALA E 57 -14.25 -39.86 -21.06
CA ALA E 57 -13.02 -39.03 -21.13
C ALA E 57 -13.12 -37.90 -20.08
N ALA E 58 -14.30 -37.27 -20.01
CA ALA E 58 -14.52 -36.17 -19.05
C ALA E 58 -14.42 -36.68 -17.62
N ALA E 59 -14.97 -37.88 -17.32
CA ALA E 59 -14.93 -38.45 -15.97
C ALA E 59 -13.48 -38.79 -15.58
N ILE E 60 -12.71 -39.39 -16.48
CA ILE E 60 -11.28 -39.72 -16.20
C ILE E 60 -10.55 -38.40 -15.88
N GLY E 61 -10.70 -37.41 -16.75
CA GLY E 61 -9.95 -36.16 -16.58
C GLY E 61 -10.39 -35.36 -15.36
N THR E 62 -11.70 -35.29 -15.09
CA THR E 62 -12.15 -34.51 -13.91
C THR E 62 -11.65 -35.22 -12.64
N THR E 63 -11.73 -36.54 -12.62
CA THR E 63 -11.24 -37.31 -11.45
C THR E 63 -9.75 -37.00 -11.27
N ALA E 64 -8.96 -37.03 -12.35
CA ALA E 64 -7.51 -36.73 -12.25
C ALA E 64 -7.32 -35.29 -11.79
N LEU E 65 -8.09 -34.35 -12.36
CA LEU E 65 -8.01 -32.91 -12.00
C LEU E 65 -8.27 -32.74 -10.51
N LEU E 66 -9.39 -33.27 -10.02
CA LEU E 66 -9.72 -33.07 -8.60
C LEU E 66 -8.69 -33.74 -7.70
N GLN E 67 -8.20 -34.92 -8.08
CA GLN E 67 -7.20 -35.60 -7.22
C GLN E 67 -5.86 -34.88 -7.28
N LEU E 68 -5.43 -34.39 -8.45
CA LEU E 68 -4.08 -33.77 -8.55
C LEU E 68 -4.08 -32.29 -8.12
N ALA E 69 -4.92 -31.46 -8.75
CA ALA E 69 -4.91 -29.99 -8.56
C ALA E 69 -5.80 -29.55 -7.38
N LYS E 70 -6.80 -30.37 -7.04
CA LYS E 70 -7.76 -30.03 -5.94
C LYS E 70 -8.29 -28.61 -6.11
N PRO E 71 -8.93 -28.26 -7.25
CA PRO E 71 -9.46 -26.91 -7.42
C PRO E 71 -10.63 -26.69 -6.45
N ASP E 72 -10.91 -25.44 -6.11
CA ASP E 72 -12.01 -25.06 -5.20
C ASP E 72 -13.34 -25.09 -5.97
N CYS E 73 -13.29 -24.90 -7.29
CA CYS E 73 -14.53 -24.95 -8.12
C CYS E 73 -14.18 -25.48 -9.51
N VAL E 74 -15.21 -25.90 -10.27
CA VAL E 74 -14.97 -26.34 -11.67
C VAL E 74 -15.92 -25.57 -12.60
N ILE E 75 -15.34 -24.95 -13.63
CA ILE E 75 -16.12 -24.26 -14.68
C ILE E 75 -15.89 -25.04 -15.99
N ASN E 76 -16.97 -25.55 -16.57
CA ASN E 76 -16.89 -26.30 -17.85
C ASN E 76 -17.05 -25.29 -18.98
N THR E 77 -15.96 -25.05 -19.72
CA THR E 77 -15.94 -24.08 -20.86
C THR E 77 -16.07 -24.83 -22.20
N GLY E 78 -16.37 -24.10 -23.28
CA GLY E 78 -16.43 -24.75 -24.60
C GLY E 78 -17.67 -24.43 -25.41
N SER E 79 -17.98 -25.32 -26.34
CA SER E 79 -19.06 -25.19 -27.34
C SER E 79 -20.29 -25.98 -26.89
N ALA E 80 -21.42 -25.74 -27.54
CA ALA E 80 -22.65 -26.48 -27.21
C ALA E 80 -23.62 -26.32 -28.37
N GLY E 81 -24.56 -27.26 -28.50
CA GLY E 81 -25.61 -27.12 -29.52
C GLY E 81 -26.75 -26.35 -28.90
N GLY E 82 -27.20 -25.29 -29.56
CA GLY E 82 -28.29 -24.46 -29.04
C GLY E 82 -29.61 -24.99 -29.54
N VAL E 83 -30.39 -25.60 -28.64
CA VAL E 83 -31.70 -26.21 -29.01
C VAL E 83 -32.83 -25.24 -28.68
N ALA E 84 -32.64 -24.34 -27.71
CA ALA E 84 -33.69 -23.36 -27.34
C ALA E 84 -33.82 -22.30 -28.44
N LYS E 85 -35.05 -21.82 -28.69
CA LYS E 85 -35.28 -20.77 -29.72
C LYS E 85 -34.55 -19.49 -29.30
N GLY E 86 -34.05 -18.73 -30.29
CA GLY E 86 -33.36 -17.45 -30.03
C GLY E 86 -31.85 -17.62 -29.86
N LEU E 87 -31.38 -18.83 -29.60
CA LEU E 87 -29.90 -19.01 -29.45
C LEU E 87 -29.23 -18.89 -30.81
N LYS E 88 -28.15 -18.12 -30.88
CA LYS E 88 -27.39 -17.98 -32.15
C LYS E 88 -25.92 -18.29 -31.84
N VAL E 89 -25.15 -18.66 -32.86
CA VAL E 89 -23.72 -19.02 -32.66
C VAL E 89 -23.04 -17.86 -31.90
N GLY E 90 -22.26 -18.18 -30.85
CA GLY E 90 -21.57 -17.15 -30.05
C GLY E 90 -22.28 -16.86 -28.75
N ASP E 91 -23.60 -17.09 -28.69
CA ASP E 91 -24.39 -16.85 -27.45
C ASP E 91 -23.86 -17.72 -26.32
N ILE E 92 -23.90 -17.19 -25.10
CA ILE E 92 -23.42 -17.90 -23.88
C ILE E 92 -24.57 -18.75 -23.32
N VAL E 93 -24.28 -19.99 -22.93
CA VAL E 93 -25.28 -20.85 -22.23
C VAL E 93 -24.69 -21.22 -20.86
N ILE E 94 -25.43 -20.91 -19.79
CA ILE E 94 -25.00 -21.21 -18.39
C ILE E 94 -25.94 -22.26 -17.82
N SER E 95 -25.37 -23.29 -17.18
CA SER E 95 -26.23 -24.35 -16.60
C SER E 95 -26.84 -23.96 -15.25
N ASP E 96 -28.14 -24.21 -15.11
CA ASP E 96 -28.83 -24.19 -13.80
C ASP E 96 -28.71 -25.63 -13.29
N GLU E 97 -28.81 -26.57 -14.23
CA GLU E 97 -28.70 -27.99 -13.89
C GLU E 97 -28.26 -28.74 -15.15
N THR E 98 -27.82 -29.99 -14.96
CA THR E 98 -27.37 -30.86 -16.06
C THR E 98 -28.07 -32.21 -15.91
N ARG E 99 -28.44 -32.81 -17.02
CA ARG E 99 -29.06 -34.15 -17.01
C ARG E 99 -28.54 -34.93 -18.22
N TYR E 100 -28.41 -36.24 -18.07
CA TYR E 100 -28.09 -37.09 -19.24
C TYR E 100 -29.34 -37.27 -20.10
N HIS E 101 -29.24 -37.02 -21.40
CA HIS E 101 -30.41 -37.28 -22.28
C HIS E 101 -30.38 -38.74 -22.74
N ASP E 102 -29.28 -39.44 -22.50
CA ASP E 102 -29.12 -40.83 -23.03
C ASP E 102 -29.04 -41.85 -21.90
N ALA E 103 -29.54 -41.54 -20.70
CA ALA E 103 -29.50 -42.54 -19.60
C ALA E 103 -30.92 -43.04 -19.35
N ASP E 104 -31.07 -44.36 -19.18
CA ASP E 104 -32.43 -44.92 -18.99
C ASP E 104 -32.39 -46.17 -18.09
N VAL E 105 -32.79 -45.98 -16.83
CA VAL E 105 -32.96 -47.11 -15.89
C VAL E 105 -34.41 -47.06 -15.42
N THR E 106 -35.31 -46.62 -16.29
CA THR E 106 -36.76 -46.51 -15.97
C THR E 106 -37.29 -47.91 -15.62
N ALA E 107 -36.62 -48.96 -16.08
CA ALA E 107 -37.05 -50.35 -15.77
C ALA E 107 -37.13 -50.57 -14.27
N PHE E 108 -36.39 -49.79 -13.45
CA PHE E 108 -36.41 -49.98 -11.98
C PHE E 108 -37.00 -48.75 -11.29
N GLY E 109 -37.79 -47.96 -12.03
CA GLY E 109 -38.52 -46.82 -11.44
C GLY E 109 -37.72 -45.53 -11.43
N TYR E 110 -36.47 -45.53 -11.89
CA TYR E 110 -35.72 -44.25 -11.91
C TYR E 110 -36.31 -43.33 -12.97
N GLU E 111 -36.12 -42.03 -12.78
CA GLU E 111 -36.56 -40.96 -13.72
C GLU E 111 -35.70 -41.03 -14.98
N LYS E 112 -36.25 -40.64 -16.13
CA LYS E 112 -35.47 -40.67 -17.40
C LYS E 112 -34.21 -39.80 -17.20
N GLY E 113 -33.05 -40.28 -17.64
CA GLY E 113 -31.79 -39.51 -17.50
C GLY E 113 -31.10 -39.72 -16.16
N GLN E 114 -31.79 -40.32 -15.18
CA GLN E 114 -31.22 -40.50 -13.82
C GLN E 114 -30.45 -41.81 -13.69
N LEU E 115 -29.27 -41.74 -13.11
CA LEU E 115 -28.50 -42.98 -12.83
C LEU E 115 -28.67 -43.31 -11.35
N PRO E 116 -28.75 -44.61 -10.98
CA PRO E 116 -28.87 -44.99 -9.58
C PRO E 116 -27.78 -44.33 -8.73
N ALA E 117 -28.11 -43.99 -7.49
CA ALA E 117 -27.24 -43.34 -6.48
C ALA E 117 -26.98 -41.87 -6.83
N ASN E 118 -27.67 -41.33 -7.84
CA ASN E 118 -27.45 -39.91 -8.22
C ASN E 118 -28.80 -39.21 -8.33
N PRO E 119 -28.86 -37.87 -8.19
CA PRO E 119 -30.11 -37.16 -8.39
C PRO E 119 -30.43 -37.22 -9.90
N ALA E 120 -31.71 -37.13 -10.26
CA ALA E 120 -32.09 -37.12 -11.69
C ALA E 120 -31.36 -35.96 -12.39
N ALA E 121 -31.15 -34.84 -11.68
CA ALA E 121 -30.48 -33.66 -12.26
C ALA E 121 -29.37 -33.20 -11.32
N PHE E 122 -28.21 -32.80 -11.87
CA PHE E 122 -27.13 -32.24 -11.01
C PHE E 122 -27.36 -30.72 -10.99
N LEU E 123 -27.62 -30.18 -9.80
CA LEU E 123 -27.88 -28.72 -9.71
C LEU E 123 -26.55 -27.98 -9.76
N SER E 124 -26.42 -27.01 -10.68
CA SER E 124 -25.18 -26.24 -10.84
C SER E 124 -25.00 -25.31 -9.64
N ASP E 125 -23.77 -24.88 -9.35
CA ASP E 125 -23.55 -23.97 -8.18
C ASP E 125 -24.22 -22.63 -8.48
N LYS E 126 -25.07 -22.16 -7.56
CA LYS E 126 -25.85 -20.92 -7.80
C LYS E 126 -24.92 -19.69 -7.85
N LYS E 127 -23.92 -19.61 -6.97
CA LYS E 127 -23.03 -18.42 -6.94
C LYS E 127 -22.23 -18.33 -8.25
N LEU E 128 -21.78 -19.45 -8.79
CA LEU E 128 -20.99 -19.44 -10.05
C LEU E 128 -21.91 -19.07 -11.23
N ALA E 129 -23.10 -19.66 -11.27
CA ALA E 129 -24.04 -19.36 -12.38
C ALA E 129 -24.41 -17.88 -12.35
N ASP E 130 -24.66 -17.33 -11.16
CA ASP E 130 -25.03 -15.89 -11.00
C ASP E 130 -23.87 -15.00 -11.47
N LEU E 131 -22.62 -15.36 -11.12
CA LEU E 131 -21.44 -14.55 -11.52
C LEU E 131 -21.31 -14.57 -13.05
N ALA E 132 -21.50 -15.76 -13.64
CA ALA E 132 -21.43 -15.92 -15.11
C ALA E 132 -22.46 -15.00 -15.76
N GLN E 133 -23.72 -15.04 -15.32
CA GLN E 133 -24.75 -14.16 -15.94
C GLN E 133 -24.38 -12.69 -15.77
N GLU E 134 -24.08 -12.29 -14.54
CA GLU E 134 -23.69 -10.90 -14.20
C GLU E 134 -22.54 -10.47 -15.12
N MET E 135 -21.51 -11.30 -15.23
CA MET E 135 -20.34 -10.97 -16.10
C MET E 135 -20.77 -10.88 -17.56
N ALA E 136 -21.60 -11.82 -18.03
CA ALA E 136 -22.08 -11.82 -19.43
C ALA E 136 -22.88 -10.56 -19.70
N GLU E 137 -23.68 -10.11 -18.73
CA GLU E 137 -24.51 -8.89 -18.91
C GLU E 137 -23.60 -7.66 -18.93
N LYS E 138 -22.60 -7.61 -18.03
CA LYS E 138 -21.71 -6.42 -18.01
C LYS E 138 -20.91 -6.36 -19.32
N GLN E 139 -20.55 -7.51 -19.88
CA GLN E 139 -19.79 -7.56 -21.17
C GLN E 139 -20.73 -7.30 -22.35
N GLY E 140 -22.04 -7.35 -22.15
CA GLY E 140 -23.00 -7.20 -23.27
C GLY E 140 -23.05 -8.44 -24.15
N GLN E 141 -22.76 -9.62 -23.59
CA GLN E 141 -22.82 -10.91 -24.36
C GLN E 141 -24.24 -11.50 -24.24
N SER E 142 -24.84 -11.90 -25.37
CA SER E 142 -26.16 -12.58 -25.30
C SER E 142 -25.99 -13.83 -24.43
N VAL E 143 -26.82 -13.99 -23.40
CA VAL E 143 -26.67 -15.09 -22.42
C VAL E 143 -28.02 -15.73 -22.13
N LYS E 144 -28.03 -17.06 -22.00
CA LYS E 144 -29.26 -17.82 -21.66
C LYS E 144 -28.86 -18.81 -20.56
N ARG E 145 -29.76 -19.05 -19.61
CA ARG E 145 -29.44 -19.90 -18.44
C ARG E 145 -30.51 -20.97 -18.27
N GLY E 146 -30.10 -22.24 -18.11
CA GLY E 146 -31.12 -23.31 -17.96
C GLY E 146 -30.53 -24.72 -17.96
N LEU E 147 -31.27 -25.65 -18.58
CA LEU E 147 -30.93 -27.09 -18.60
C LEU E 147 -29.94 -27.41 -19.73
N ILE E 148 -28.84 -28.05 -19.36
CA ILE E 148 -27.87 -28.58 -20.35
C ILE E 148 -27.99 -30.10 -20.28
N CYS E 149 -28.28 -30.74 -21.41
CA CYS E 149 -28.35 -32.22 -21.48
C CYS E 149 -27.10 -32.76 -22.17
N SER E 150 -26.43 -33.71 -21.50
CA SER E 150 -25.22 -34.35 -22.08
C SER E 150 -25.56 -35.76 -22.56
N GLY E 151 -24.78 -36.24 -23.52
CA GLY E 151 -24.86 -37.61 -24.04
C GLY E 151 -23.61 -37.92 -24.85
N ASP E 152 -23.31 -39.20 -25.03
CA ASP E 152 -22.15 -39.58 -25.89
C ASP E 152 -22.58 -39.52 -27.36
N SER E 153 -23.29 -38.46 -27.73
CA SER E 153 -23.76 -38.28 -29.12
C SER E 153 -23.61 -36.82 -29.56
N PHE E 154 -23.20 -36.63 -30.81
CA PHE E 154 -23.21 -35.29 -31.43
C PHE E 154 -24.58 -35.16 -32.11
N ILE E 155 -25.43 -34.26 -31.61
CA ILE E 155 -26.84 -34.15 -32.09
C ILE E 155 -26.85 -33.38 -33.41
N ASN E 156 -27.27 -34.05 -34.50
CA ASN E 156 -27.20 -33.43 -35.85
C ASN E 156 -28.49 -33.72 -36.65
N SER E 157 -29.65 -33.69 -36.01
CA SER E 157 -30.90 -33.81 -36.79
C SER E 157 -32.07 -33.25 -35.97
N GLU E 158 -33.12 -32.76 -36.63
CA GLU E 158 -34.31 -32.24 -35.93
C GLU E 158 -35.01 -33.41 -35.24
N ASP E 159 -34.88 -34.63 -35.81
CA ASP E 159 -35.45 -35.85 -35.19
C ASP E 159 -34.74 -36.12 -33.85
N LYS E 160 -33.42 -36.04 -33.82
CA LYS E 160 -32.68 -36.28 -32.55
C LYS E 160 -33.02 -35.15 -31.57
N ILE E 161 -33.11 -33.91 -32.06
CA ILE E 161 -33.46 -32.76 -31.17
C ILE E 161 -34.84 -33.01 -30.55
N ALA E 162 -35.83 -33.34 -31.39
CA ALA E 162 -37.21 -33.60 -30.90
C ALA E 162 -37.24 -34.76 -29.90
N GLN E 163 -36.48 -35.82 -30.14
CA GLN E 163 -36.50 -36.99 -29.21
C GLN E 163 -36.04 -36.51 -27.81
N ILE E 164 -34.98 -35.70 -27.76
CA ILE E 164 -34.45 -35.15 -26.47
C ILE E 164 -35.51 -34.22 -25.84
N GLN E 165 -36.13 -33.35 -26.64
CA GLN E 165 -37.15 -32.39 -26.10
C GLN E 165 -38.38 -33.13 -25.59
N ALA E 166 -38.70 -34.31 -26.13
CA ALA E 166 -39.87 -35.07 -25.63
C ALA E 166 -39.59 -35.57 -24.21
N ASP E 167 -38.35 -35.96 -23.93
CA ASP E 167 -37.93 -36.42 -22.58
C ASP E 167 -37.62 -35.22 -21.69
N PHE E 168 -37.04 -34.16 -22.27
CA PHE E 168 -36.60 -32.97 -21.49
C PHE E 168 -37.06 -31.72 -22.19
N PRO E 169 -38.37 -31.37 -22.05
CA PRO E 169 -38.95 -30.20 -22.72
C PRO E 169 -38.19 -28.88 -22.54
N ASN E 170 -37.61 -28.62 -21.36
CA ASN E 170 -36.93 -27.31 -21.12
C ASN E 170 -35.46 -27.35 -21.54
N VAL E 171 -35.03 -28.37 -22.30
CA VAL E 171 -33.59 -28.48 -22.69
C VAL E 171 -33.18 -27.23 -23.48
N MET E 172 -32.13 -26.56 -23.00
CA MET E 172 -31.59 -25.32 -23.62
C MET E 172 -30.40 -25.65 -24.54
N GLY E 173 -29.44 -26.42 -24.05
CA GLY E 173 -28.27 -26.77 -24.86
C GLY E 173 -27.91 -28.24 -24.75
N VAL E 174 -27.20 -28.76 -25.74
CA VAL E 174 -26.76 -30.18 -25.70
C VAL E 174 -25.25 -30.22 -25.97
N GLU E 175 -24.58 -31.15 -25.29
CA GLU E 175 -23.15 -31.36 -25.55
C GLU E 175 -22.79 -32.75 -25.00
N MET E 176 -21.51 -33.04 -24.81
CA MET E 176 -21.12 -34.46 -24.53
C MET E 176 -20.31 -34.63 -23.25
N GLU E 177 -20.16 -33.60 -22.40
CA GLU E 177 -19.34 -33.83 -21.18
C GLU E 177 -19.93 -33.21 -19.91
N ALA E 178 -20.77 -32.18 -20.04
CA ALA E 178 -21.18 -31.36 -18.87
C ALA E 178 -21.75 -32.22 -17.73
N THR E 179 -22.75 -33.06 -18.02
CA THR E 179 -23.39 -33.85 -16.95
C THR E 179 -22.36 -34.81 -16.34
N ALA E 180 -21.44 -35.34 -17.14
CA ALA E 180 -20.40 -36.26 -16.59
C ALA E 180 -19.49 -35.49 -15.64
N ILE E 181 -19.07 -34.27 -16.04
CA ILE E 181 -18.20 -33.45 -15.13
C ILE E 181 -18.99 -33.14 -13.86
N ALA E 182 -20.26 -32.79 -14.00
CA ALA E 182 -21.12 -32.49 -12.84
C ALA E 182 -21.20 -33.73 -11.95
N GLN E 183 -21.39 -34.92 -12.54
CA GLN E 183 -21.47 -36.17 -11.72
C GLN E 183 -20.18 -36.36 -10.92
N VAL E 184 -19.03 -36.15 -11.55
CA VAL E 184 -17.74 -36.30 -10.81
C VAL E 184 -17.70 -35.25 -9.70
N CYS E 185 -18.06 -34.00 -10.02
CA CYS E 185 -18.02 -32.90 -9.00
C CYS E 185 -19.04 -33.18 -7.89
N TYR E 186 -20.21 -33.70 -8.25
CA TYR E 186 -21.19 -34.09 -7.20
C TYR E 186 -20.56 -35.13 -6.27
N ALA E 187 -19.93 -36.17 -6.84
CA ALA E 187 -19.35 -37.26 -6.04
C ALA E 187 -18.18 -36.76 -5.17
N PHE E 188 -17.40 -35.77 -5.65
CA PHE E 188 -16.28 -35.19 -4.86
C PHE E 188 -16.75 -33.98 -4.05
N ASN E 189 -18.03 -33.60 -4.16
CA ASN E 189 -18.58 -32.42 -3.44
C ASN E 189 -17.79 -31.14 -3.81
N VAL E 190 -17.66 -30.83 -5.10
CA VAL E 190 -16.95 -29.60 -5.59
C VAL E 190 -17.92 -28.77 -6.41
N PRO E 191 -18.10 -27.45 -6.12
CA PRO E 191 -19.00 -26.59 -6.89
C PRO E 191 -18.71 -26.62 -8.40
N PHE E 192 -19.77 -26.74 -9.21
CA PHE E 192 -19.60 -26.87 -10.68
C PHE E 192 -20.60 -25.99 -11.45
N VAL E 193 -20.18 -25.52 -12.62
CA VAL E 193 -21.14 -24.78 -13.50
C VAL E 193 -20.64 -24.92 -14.94
N VAL E 194 -21.59 -24.96 -15.88
CA VAL E 194 -21.29 -24.97 -17.34
C VAL E 194 -21.31 -23.51 -17.79
N VAL E 195 -20.27 -23.08 -18.50
CA VAL E 195 -20.23 -21.72 -19.11
C VAL E 195 -19.72 -21.92 -20.53
N ARG E 196 -20.63 -22.33 -21.42
CA ARG E 196 -20.24 -22.65 -22.82
C ARG E 196 -20.86 -21.61 -23.76
N ALA E 197 -20.55 -21.72 -25.06
CA ALA E 197 -21.14 -20.83 -26.07
C ALA E 197 -21.63 -21.70 -27.24
N ILE E 198 -22.59 -21.19 -28.00
CA ILE E 198 -23.22 -21.96 -29.10
C ILE E 198 -22.34 -21.99 -30.35
N SER E 199 -22.19 -23.17 -30.94
CA SER E 199 -21.42 -23.36 -32.19
C SER E 199 -22.36 -23.84 -33.30
N ASP E 200 -23.54 -24.31 -32.92
CA ASP E 200 -24.51 -24.88 -33.89
C ASP E 200 -25.90 -25.03 -33.25
N GLY E 201 -26.91 -25.40 -34.03
CA GLY E 201 -28.29 -25.62 -33.54
C GLY E 201 -28.60 -27.10 -33.32
N GLY E 202 -27.59 -27.98 -33.47
CA GLY E 202 -27.80 -29.43 -33.28
C GLY E 202 -28.74 -30.03 -34.34
N ASP E 203 -28.99 -29.30 -35.42
CA ASP E 203 -29.89 -29.75 -36.52
C ASP E 203 -29.06 -30.39 -37.67
N GLY E 204 -29.65 -30.45 -38.87
CA GLY E 204 -29.01 -31.08 -40.04
C GLY E 204 -27.76 -30.37 -40.52
N LYS E 205 -27.49 -29.13 -40.09
CA LYS E 205 -26.25 -28.46 -40.58
C LYS E 205 -25.27 -28.29 -39.42
N ALA E 206 -25.53 -28.98 -38.30
CA ALA E 206 -24.69 -28.81 -37.09
C ALA E 206 -23.22 -29.14 -37.37
N SER E 207 -22.94 -30.16 -38.18
CA SER E 207 -21.50 -30.53 -38.34
C SER E 207 -20.76 -29.43 -39.11
N ILE E 208 -21.41 -28.80 -40.10
CA ILE E 208 -20.80 -27.69 -40.89
C ILE E 208 -20.66 -26.47 -39.97
N SER E 209 -21.75 -26.13 -39.26
CA SER E 209 -21.79 -24.96 -38.35
C SER E 209 -20.70 -25.12 -37.27
N PHE E 210 -20.62 -26.31 -36.68
CA PHE E 210 -19.63 -26.60 -35.63
C PHE E 210 -18.21 -26.32 -36.15
N GLU E 211 -17.84 -26.84 -37.33
CA GLU E 211 -16.50 -26.61 -37.92
C GLU E 211 -16.25 -25.12 -38.14
N GLU E 212 -17.30 -24.36 -38.48
CA GLU E 212 -17.13 -22.91 -38.80
C GLU E 212 -17.13 -22.05 -37.52
N PHE E 213 -17.91 -22.42 -36.49
CA PHE E 213 -18.06 -21.50 -35.33
C PHE E 213 -17.49 -22.07 -34.03
N LEU E 214 -16.74 -23.18 -34.05
CA LEU E 214 -16.15 -23.64 -32.78
C LEU E 214 -15.21 -22.55 -32.25
N PRO E 215 -14.38 -21.89 -33.12
CA PRO E 215 -13.48 -20.85 -32.64
C PRO E 215 -14.26 -19.71 -31.97
N LEU E 216 -15.34 -19.26 -32.62
CA LEU E 216 -16.17 -18.18 -32.04
C LEU E 216 -16.65 -18.61 -30.65
N ALA E 217 -17.21 -19.82 -30.56
CA ALA E 217 -17.72 -20.32 -29.27
C ALA E 217 -16.60 -20.32 -28.24
N ALA E 218 -15.41 -20.82 -28.60
CA ALA E 218 -14.27 -20.88 -27.65
C ALA E 218 -13.89 -19.45 -27.24
N LYS E 219 -13.92 -18.52 -28.19
CA LYS E 219 -13.51 -17.12 -27.88
C LYS E 219 -14.52 -16.45 -26.92
N GLN E 220 -15.82 -16.57 -27.20
CA GLN E 220 -16.85 -15.94 -26.35
C GLN E 220 -16.87 -16.62 -24.97
N SER E 221 -16.82 -17.94 -24.96
CA SER E 221 -16.80 -18.74 -23.70
C SER E 221 -15.57 -18.36 -22.87
N SER E 222 -14.40 -18.26 -23.51
CA SER E 222 -13.16 -17.94 -22.78
C SER E 222 -13.20 -16.52 -22.24
N ALA E 223 -13.79 -15.58 -22.99
CA ALA E 223 -13.84 -14.17 -22.50
C ALA E 223 -14.65 -14.11 -21.20
N LEU E 224 -15.78 -14.81 -21.15
CA LEU E 224 -16.61 -14.79 -19.93
C LEU E 224 -15.85 -15.48 -18.78
N VAL E 225 -15.21 -16.62 -19.05
CA VAL E 225 -14.47 -17.34 -17.96
C VAL E 225 -13.34 -16.43 -17.44
N LEU E 226 -12.61 -15.74 -18.34
CA LEU E 226 -11.51 -14.86 -17.89
C LEU E 226 -12.05 -13.79 -16.93
N GLU E 227 -13.26 -13.27 -17.19
CA GLU E 227 -13.89 -12.27 -16.28
C GLU E 227 -14.15 -12.94 -14.93
N MET E 228 -14.70 -14.15 -14.95
CA MET E 228 -15.01 -14.85 -13.69
C MET E 228 -13.71 -15.10 -12.91
N ILE E 229 -12.61 -15.36 -13.61
CA ILE E 229 -11.32 -15.64 -12.93
C ILE E 229 -10.90 -14.42 -12.10
N ASP E 230 -11.05 -13.21 -12.66
CA ASP E 230 -10.63 -11.96 -11.97
C ASP E 230 -11.47 -11.69 -10.72
N ARG E 231 -12.71 -12.19 -10.69
CA ARG E 231 -13.64 -11.95 -9.54
C ARG E 231 -13.52 -13.01 -8.44
N LEU E 232 -13.16 -14.24 -8.80
CA LEU E 232 -13.16 -15.32 -7.76
C LEU E 232 -11.90 -15.24 -6.89
N SER E 233 -12.10 -15.22 -5.57
CA SER E 233 -11.03 -15.10 -4.55
C SER E 233 -11.18 -16.21 -3.50
N ASN F 2 5.70 -55.40 -5.79
CA ASN F 2 6.39 -56.19 -6.85
C ASN F 2 5.55 -57.45 -7.16
N ALA F 3 4.86 -58.01 -6.16
CA ALA F 3 4.00 -59.20 -6.39
C ALA F 3 2.79 -58.79 -7.24
N MET F 4 2.29 -59.70 -8.07
CA MET F 4 1.16 -59.32 -8.96
C MET F 4 -0.08 -58.93 -8.15
N LYS F 5 -0.75 -57.88 -8.61
CA LYS F 5 -1.99 -57.39 -7.97
C LYS F 5 -3.09 -57.42 -9.03
N ILE F 6 -4.17 -58.14 -8.74
CA ILE F 6 -5.32 -58.30 -9.69
C ILE F 6 -6.39 -57.28 -9.33
N GLY F 7 -6.75 -56.43 -10.29
CA GLY F 7 -7.88 -55.50 -10.10
C GLY F 7 -9.18 -56.18 -10.48
N ILE F 8 -10.22 -55.98 -9.69
CA ILE F 8 -11.56 -56.58 -10.01
C ILE F 8 -12.59 -55.47 -9.84
N VAL F 9 -13.43 -55.26 -10.87
CA VAL F 9 -14.45 -54.19 -10.82
C VAL F 9 -15.85 -54.80 -10.95
N GLY F 10 -16.73 -54.41 -10.04
CA GLY F 10 -18.15 -54.75 -10.09
C GLY F 10 -18.91 -53.47 -9.87
N ALA F 11 -20.07 -53.30 -10.49
CA ALA F 11 -20.84 -52.05 -10.32
C ALA F 11 -21.61 -52.05 -8.99
N MET F 12 -22.31 -53.15 -8.70
CA MET F 12 -23.25 -53.18 -7.56
C MET F 12 -22.65 -53.90 -6.35
N ALA F 13 -23.20 -53.59 -5.18
CA ALA F 13 -22.76 -54.28 -3.93
C ALA F 13 -22.90 -55.80 -4.12
N GLN F 14 -24.03 -56.26 -4.70
CA GLN F 14 -24.25 -57.71 -4.89
C GLN F 14 -23.20 -58.29 -5.84
N GLU F 15 -22.67 -57.51 -6.77
CA GLU F 15 -21.72 -58.11 -7.75
C GLU F 15 -20.32 -58.28 -7.11
N VAL F 16 -19.98 -57.53 -6.06
CA VAL F 16 -18.61 -57.64 -5.46
C VAL F 16 -18.68 -58.34 -4.09
N GLU F 17 -19.87 -58.60 -3.57
CA GLU F 17 -19.92 -59.08 -2.17
C GLU F 17 -19.23 -60.44 -2.00
N ILE F 18 -19.37 -61.37 -2.94
CA ILE F 18 -18.71 -62.71 -2.76
C ILE F 18 -17.20 -62.52 -2.63
N LEU F 19 -16.59 -61.76 -3.54
CA LEU F 19 -15.11 -61.54 -3.47
C LEU F 19 -14.77 -60.72 -2.22
N LYS F 20 -15.56 -59.68 -1.92
CA LYS F 20 -15.33 -58.84 -0.72
C LYS F 20 -15.25 -59.71 0.54
N ASN F 21 -16.15 -60.70 0.62
CA ASN F 21 -16.28 -61.55 1.82
C ASN F 21 -15.20 -62.64 1.88
N LEU F 22 -14.32 -62.74 0.87
CA LEU F 22 -13.22 -63.75 0.88
C LEU F 22 -11.87 -63.05 1.05
N MET F 23 -11.86 -61.72 1.09
CA MET F 23 -10.56 -61.02 1.22
C MET F 23 -10.05 -61.05 2.67
N THR F 24 -8.76 -61.31 2.83
CA THR F 24 -8.05 -61.31 4.14
C THR F 24 -7.21 -60.02 4.18
N GLU F 25 -6.73 -59.62 5.35
CA GLU F 25 -5.93 -58.38 5.52
C GLU F 25 -6.67 -57.26 4.77
N ARG F 26 -7.98 -57.21 4.90
CA ARG F 26 -8.77 -56.29 4.05
C ARG F 26 -8.75 -54.85 4.60
N THR F 27 -8.56 -53.91 3.70
CA THR F 27 -8.65 -52.46 3.99
C THR F 27 -9.73 -51.92 3.06
N GLU F 28 -10.40 -50.85 3.48
CA GLU F 28 -11.47 -50.23 2.68
C GLU F 28 -11.13 -48.75 2.51
N THR F 29 -11.16 -48.27 1.27
CA THR F 29 -10.92 -46.85 0.94
C THR F 29 -12.07 -46.33 0.08
N ARG F 30 -12.67 -45.22 0.49
CA ARG F 30 -13.75 -44.57 -0.27
C ARG F 30 -13.13 -43.36 -0.96
N VAL F 31 -13.34 -43.26 -2.27
CA VAL F 31 -12.89 -42.11 -3.10
C VAL F 31 -14.14 -41.69 -3.88
N ALA F 32 -14.67 -40.50 -3.59
CA ALA F 32 -15.89 -40.03 -4.29
C ALA F 32 -16.98 -41.10 -4.23
N SER F 33 -17.50 -41.53 -5.39
CA SER F 33 -18.61 -42.52 -5.47
C SER F 33 -18.10 -43.97 -5.44
N ALA F 34 -16.78 -44.15 -5.26
CA ALA F 34 -16.16 -45.49 -5.36
C ALA F 34 -15.72 -46.05 -4.01
N VAL F 35 -15.83 -47.38 -3.88
CA VAL F 35 -15.33 -48.11 -2.69
C VAL F 35 -14.27 -49.09 -3.18
N ILE F 36 -13.06 -49.01 -2.62
CA ILE F 36 -11.96 -49.91 -3.04
C ILE F 36 -11.48 -50.73 -1.83
N PHE F 37 -11.53 -52.05 -1.98
CA PHE F 37 -11.01 -52.95 -0.94
C PHE F 37 -9.65 -53.46 -1.42
N GLU F 38 -8.68 -53.51 -0.52
CA GLU F 38 -7.36 -54.09 -0.85
C GLU F 38 -7.11 -55.19 0.17
N GLY F 39 -6.46 -56.25 -0.28
CA GLY F 39 -6.18 -57.37 0.61
C GLY F 39 -5.79 -58.57 -0.22
N LYS F 40 -6.04 -59.75 0.29
CA LYS F 40 -5.64 -60.97 -0.44
C LYS F 40 -6.79 -61.96 -0.50
N ILE F 41 -6.79 -62.75 -1.57
CA ILE F 41 -7.67 -63.95 -1.72
C ILE F 41 -6.71 -65.10 -2.04
N ASN F 42 -6.71 -66.12 -1.19
CA ASN F 42 -5.84 -67.31 -1.34
C ASN F 42 -4.39 -66.83 -1.48
N GLY F 43 -3.98 -65.82 -0.72
CA GLY F 43 -2.59 -65.32 -0.71
C GLY F 43 -2.25 -64.39 -1.86
N LYS F 44 -3.19 -64.11 -2.76
CA LYS F 44 -2.93 -63.23 -3.94
C LYS F 44 -3.42 -61.81 -3.66
N ASP F 45 -2.60 -60.80 -3.96
CA ASP F 45 -3.00 -59.39 -3.73
C ASP F 45 -4.16 -59.04 -4.67
N ILE F 46 -5.21 -58.41 -4.12
CA ILE F 46 -6.43 -58.03 -4.87
C ILE F 46 -6.76 -56.57 -4.61
N ALA F 47 -7.24 -55.87 -5.64
CA ALA F 47 -7.79 -54.51 -5.46
C ALA F 47 -9.19 -54.60 -6.03
N LEU F 48 -10.20 -54.60 -5.16
CA LEU F 48 -11.61 -54.81 -5.58
C LEU F 48 -12.35 -53.48 -5.57
N LEU F 49 -12.89 -53.07 -6.71
CA LEU F 49 -13.63 -51.79 -6.82
C LEU F 49 -15.14 -52.04 -6.91
N GLN F 50 -15.90 -51.37 -6.05
CA GLN F 50 -17.38 -51.30 -6.17
C GLN F 50 -17.60 -49.91 -6.75
N SER F 51 -17.92 -49.82 -8.04
CA SER F 51 -17.93 -48.48 -8.70
C SER F 51 -19.27 -47.78 -8.62
N GLY F 52 -20.36 -48.55 -8.59
CA GLY F 52 -21.66 -47.93 -8.82
C GLY F 52 -22.04 -48.15 -10.28
N ILE F 53 -23.29 -47.85 -10.63
CA ILE F 53 -23.84 -48.16 -11.97
C ILE F 53 -23.57 -47.05 -12.99
N GLY F 54 -23.25 -47.46 -14.21
CA GLY F 54 -23.14 -46.49 -15.32
C GLY F 54 -21.72 -46.16 -15.70
N LYS F 55 -21.59 -45.52 -16.86
CA LYS F 55 -20.27 -45.21 -17.48
C LYS F 55 -19.45 -44.26 -16.60
N VAL F 56 -20.06 -43.20 -16.07
CA VAL F 56 -19.27 -42.19 -15.32
C VAL F 56 -18.86 -42.76 -13.96
N ALA F 57 -19.76 -43.47 -13.28
CA ALA F 57 -19.45 -44.09 -11.97
C ALA F 57 -18.30 -45.10 -12.18
N ALA F 58 -18.35 -45.87 -13.26
CA ALA F 58 -17.29 -46.87 -13.56
C ALA F 58 -15.97 -46.14 -13.91
N ALA F 59 -16.07 -44.99 -14.56
CA ALA F 59 -14.84 -44.26 -14.99
C ALA F 59 -14.18 -43.61 -13.77
N ILE F 60 -14.98 -42.99 -12.90
CA ILE F 60 -14.46 -42.39 -11.63
C ILE F 60 -13.76 -43.48 -10.83
N GLY F 61 -14.48 -44.59 -10.64
CA GLY F 61 -13.98 -45.68 -9.78
C GLY F 61 -12.75 -46.34 -10.37
N THR F 62 -12.77 -46.59 -11.68
CA THR F 62 -11.60 -47.27 -12.30
C THR F 62 -10.40 -46.32 -12.28
N THR F 63 -10.63 -45.02 -12.50
CA THR F 63 -9.50 -44.05 -12.47
C THR F 63 -8.89 -44.06 -11.06
N ALA F 64 -9.73 -43.99 -10.02
CA ALA F 64 -9.26 -44.00 -8.62
C ALA F 64 -8.55 -45.32 -8.32
N LEU F 65 -9.10 -46.43 -8.82
CA LEU F 65 -8.51 -47.77 -8.59
C LEU F 65 -7.10 -47.84 -9.19
N LEU F 66 -6.93 -47.42 -10.43
CA LEU F 66 -5.60 -47.54 -11.09
C LEU F 66 -4.61 -46.59 -10.41
N GLN F 67 -5.05 -45.40 -9.98
CA GLN F 67 -4.11 -44.43 -9.36
C GLN F 67 -3.76 -44.85 -7.94
N LEU F 68 -4.69 -45.45 -7.20
CA LEU F 68 -4.42 -45.82 -5.80
C LEU F 68 -3.71 -47.18 -5.73
N ALA F 69 -4.29 -48.22 -6.33
CA ALA F 69 -3.80 -49.60 -6.16
C ALA F 69 -2.79 -50.03 -7.24
N LYS F 70 -2.83 -49.45 -8.43
CA LYS F 70 -1.91 -49.81 -9.55
C LYS F 70 -1.98 -51.31 -9.82
N PRO F 71 -3.18 -51.89 -10.07
CA PRO F 71 -3.30 -53.31 -10.35
C PRO F 71 -2.61 -53.62 -11.69
N ASP F 72 -2.13 -54.85 -11.86
CA ASP F 72 -1.45 -55.25 -13.12
C ASP F 72 -2.50 -55.57 -14.18
N CYS F 73 -3.72 -55.87 -13.78
CA CYS F 73 -4.78 -56.12 -14.78
C CYS F 73 -6.13 -55.82 -14.15
N VAL F 74 -7.17 -55.71 -14.97
CA VAL F 74 -8.52 -55.44 -14.42
C VAL F 74 -9.50 -56.44 -15.03
N ILE F 75 -10.29 -57.08 -14.17
CA ILE F 75 -11.34 -58.06 -14.57
C ILE F 75 -12.66 -57.46 -14.10
N ASN F 76 -13.57 -57.20 -15.04
CA ASN F 76 -14.94 -56.70 -14.74
C ASN F 76 -15.83 -57.93 -14.48
N THR F 77 -16.31 -58.06 -13.24
CA THR F 77 -17.21 -59.17 -12.81
C THR F 77 -18.63 -58.63 -12.67
N GLY F 78 -19.63 -59.52 -12.62
CA GLY F 78 -21.01 -59.06 -12.41
C GLY F 78 -22.00 -59.65 -13.40
N SER F 79 -23.11 -58.96 -13.61
CA SER F 79 -24.23 -59.46 -14.44
C SER F 79 -24.28 -58.78 -15.80
N ALA F 80 -25.10 -59.34 -16.69
CA ALA F 80 -25.27 -58.81 -18.06
C ALA F 80 -26.55 -59.36 -18.69
N GLY F 81 -27.08 -58.63 -19.66
CA GLY F 81 -28.20 -59.13 -20.46
C GLY F 81 -27.67 -60.01 -21.57
N GLY F 82 -28.21 -61.22 -21.69
CA GLY F 82 -27.79 -62.14 -22.76
C GLY F 82 -28.65 -61.89 -23.98
N VAL F 83 -28.05 -61.46 -25.08
CA VAL F 83 -28.87 -61.15 -26.30
C VAL F 83 -28.57 -62.20 -27.36
N ALA F 84 -27.36 -62.79 -27.36
CA ALA F 84 -27.04 -63.84 -28.34
C ALA F 84 -27.93 -65.05 -28.07
N LYS F 85 -28.33 -65.76 -29.13
CA LYS F 85 -29.22 -66.94 -28.95
C LYS F 85 -28.48 -68.02 -28.16
N GLY F 86 -29.23 -68.75 -27.31
CA GLY F 86 -28.65 -69.85 -26.52
C GLY F 86 -28.21 -69.41 -25.13
N LEU F 87 -28.08 -68.10 -24.88
CA LEU F 87 -27.67 -67.65 -23.53
C LEU F 87 -28.82 -67.86 -22.55
N LYS F 88 -28.53 -68.48 -21.41
CA LYS F 88 -29.50 -68.73 -20.31
C LYS F 88 -28.93 -68.10 -19.05
N VAL F 89 -29.79 -67.82 -18.06
CA VAL F 89 -29.32 -67.14 -16.81
C VAL F 89 -28.23 -68.00 -16.19
N GLY F 90 -27.13 -67.38 -15.78
CA GLY F 90 -26.02 -68.14 -15.17
C GLY F 90 -24.89 -68.42 -16.15
N ASP F 91 -25.14 -68.31 -17.46
CA ASP F 91 -24.06 -68.56 -18.45
C ASP F 91 -23.01 -67.44 -18.35
N ILE F 92 -21.75 -67.82 -18.54
CA ILE F 92 -20.61 -66.86 -18.52
C ILE F 92 -20.52 -66.18 -19.88
N VAL F 93 -20.27 -64.87 -19.87
CA VAL F 93 -19.95 -64.13 -21.11
C VAL F 93 -18.57 -63.50 -20.88
N ILE F 94 -17.64 -63.79 -21.78
CA ILE F 94 -16.26 -63.24 -21.76
C ILE F 94 -16.11 -62.26 -22.92
N SER F 95 -15.52 -61.09 -22.69
CA SER F 95 -15.37 -60.12 -23.80
C SER F 95 -14.12 -60.42 -24.62
N ASP F 96 -14.28 -60.38 -25.95
CA ASP F 96 -13.12 -60.30 -26.88
C ASP F 96 -12.93 -58.81 -27.16
N GLU F 97 -14.04 -58.05 -27.13
CA GLU F 97 -13.96 -56.59 -27.34
C GLU F 97 -15.19 -55.94 -26.72
N THR F 98 -15.09 -54.63 -26.47
CA THR F 98 -16.23 -53.88 -25.92
C THR F 98 -16.49 -52.67 -26.82
N ARG F 99 -17.76 -52.31 -26.95
CA ARG F 99 -18.14 -51.13 -27.74
C ARG F 99 -19.33 -50.47 -27.06
N TYR F 100 -19.42 -49.15 -27.14
CA TYR F 100 -20.62 -48.44 -26.65
C TYR F 100 -21.76 -48.60 -27.65
N HIS F 101 -22.93 -49.07 -27.21
CA HIS F 101 -24.08 -49.14 -28.14
C HIS F 101 -24.75 -47.77 -28.15
N ASP F 102 -24.37 -46.86 -27.24
CA ASP F 102 -25.08 -45.56 -27.16
C ASP F 102 -24.14 -44.39 -27.52
N ALA F 103 -22.99 -44.63 -28.15
CA ALA F 103 -22.10 -43.51 -28.56
C ALA F 103 -22.28 -43.25 -30.06
N ASP F 104 -22.42 -41.99 -30.46
CA ASP F 104 -22.63 -41.68 -31.90
C ASP F 104 -22.03 -40.31 -32.25
N VAL F 105 -20.88 -40.35 -32.91
CA VAL F 105 -20.20 -39.15 -33.48
C VAL F 105 -20.04 -39.44 -34.98
N THR F 106 -20.99 -40.19 -35.55
CA THR F 106 -20.95 -40.45 -37.02
C THR F 106 -21.08 -39.12 -37.78
N ALA F 107 -21.59 -38.06 -37.14
CA ALA F 107 -21.71 -36.76 -37.86
C ALA F 107 -20.33 -36.34 -38.38
N PHE F 108 -19.26 -36.75 -37.69
CA PHE F 108 -17.90 -36.37 -38.11
C PHE F 108 -17.16 -37.60 -38.67
N GLY F 109 -17.88 -38.67 -39.02
CA GLY F 109 -17.19 -39.80 -39.70
C GLY F 109 -16.53 -40.79 -38.76
N TYR F 110 -16.81 -40.72 -37.46
CA TYR F 110 -16.32 -41.77 -36.55
C TYR F 110 -17.26 -42.96 -36.73
N GLU F 111 -16.75 -44.14 -36.41
CA GLU F 111 -17.55 -45.38 -36.50
C GLU F 111 -18.62 -45.33 -35.40
N LYS F 112 -19.80 -45.85 -35.68
CA LYS F 112 -20.87 -45.97 -34.65
C LYS F 112 -20.29 -46.64 -33.40
N GLY F 113 -20.49 -46.03 -32.24
CA GLY F 113 -20.01 -46.56 -30.94
C GLY F 113 -18.63 -46.04 -30.58
N GLN F 114 -17.94 -45.44 -31.55
CA GLN F 114 -16.55 -44.97 -31.30
C GLN F 114 -16.54 -43.53 -30.73
N LEU F 115 -15.71 -43.29 -29.72
CA LEU F 115 -15.48 -41.90 -29.22
C LEU F 115 -14.14 -41.44 -29.80
N PRO F 116 -14.04 -40.18 -30.27
CA PRO F 116 -12.78 -39.65 -30.81
C PRO F 116 -11.58 -39.90 -29.87
N ALA F 117 -10.42 -40.21 -30.45
CA ALA F 117 -9.15 -40.53 -29.75
C ALA F 117 -9.23 -41.92 -29.12
N ASN F 118 -10.24 -42.72 -29.50
CA ASN F 118 -10.32 -44.11 -28.99
C ASN F 118 -10.53 -45.05 -30.17
N PRO F 119 -10.13 -46.33 -30.03
CA PRO F 119 -10.41 -47.33 -31.04
C PRO F 119 -11.94 -47.51 -31.06
N ALA F 120 -12.49 -47.88 -32.20
CA ALA F 120 -13.95 -48.10 -32.31
C ALA F 120 -14.38 -49.15 -31.28
N ALA F 121 -13.49 -50.13 -31.03
CA ALA F 121 -13.76 -51.21 -30.08
C ALA F 121 -12.52 -51.39 -29.22
N PHE F 122 -12.72 -51.59 -27.92
CA PHE F 122 -11.55 -51.83 -27.03
C PHE F 122 -11.28 -53.34 -27.04
N LEU F 123 -10.08 -53.72 -27.46
CA LEU F 123 -9.73 -55.16 -27.55
C LEU F 123 -9.43 -55.67 -26.15
N SER F 124 -10.12 -56.74 -25.74
CA SER F 124 -9.89 -57.28 -24.37
C SER F 124 -8.55 -58.00 -24.37
N ASP F 125 -7.94 -58.16 -23.20
CA ASP F 125 -6.63 -58.87 -23.11
C ASP F 125 -6.86 -60.34 -23.49
N LYS F 126 -6.14 -60.81 -24.51
CA LYS F 126 -6.32 -62.19 -25.04
C LYS F 126 -5.93 -63.22 -23.98
N LYS F 127 -4.84 -62.97 -23.24
CA LYS F 127 -4.39 -63.97 -22.23
C LYS F 127 -5.44 -64.08 -21.12
N LEU F 128 -5.98 -62.96 -20.65
CA LEU F 128 -7.02 -63.03 -19.59
C LEU F 128 -8.27 -63.70 -20.13
N ALA F 129 -8.71 -63.34 -21.35
CA ALA F 129 -9.93 -63.95 -21.93
C ALA F 129 -9.72 -65.46 -22.12
N ASP F 130 -8.55 -65.87 -22.62
CA ASP F 130 -8.24 -67.31 -22.80
C ASP F 130 -8.26 -68.01 -21.44
N LEU F 131 -7.67 -67.38 -20.41
CA LEU F 131 -7.69 -67.99 -19.05
C LEU F 131 -9.13 -68.17 -18.58
N ALA F 132 -9.97 -67.13 -18.77
CA ALA F 132 -11.38 -67.22 -18.33
C ALA F 132 -12.07 -68.42 -19.00
N GLN F 133 -11.88 -68.57 -20.32
CA GLN F 133 -12.57 -69.66 -21.07
C GLN F 133 -12.01 -71.00 -20.62
N GLU F 134 -10.70 -71.08 -20.40
CA GLU F 134 -10.05 -72.34 -19.93
C GLU F 134 -10.68 -72.72 -18.58
N MET F 135 -10.62 -71.83 -17.58
CA MET F 135 -11.16 -72.14 -16.23
C MET F 135 -12.67 -72.47 -16.32
N ALA F 136 -13.41 -71.78 -17.18
CA ALA F 136 -14.87 -72.00 -17.29
C ALA F 136 -15.14 -73.41 -17.85
N GLU F 137 -14.42 -73.78 -18.91
CA GLU F 137 -14.60 -75.11 -19.56
C GLU F 137 -14.14 -76.21 -18.60
N LYS F 138 -13.06 -75.95 -17.86
CA LYS F 138 -12.49 -76.90 -16.86
C LYS F 138 -13.57 -77.27 -15.83
N GLN F 139 -14.50 -76.35 -15.54
CA GLN F 139 -15.57 -76.56 -14.53
C GLN F 139 -16.91 -76.86 -15.21
N GLY F 140 -16.92 -77.16 -16.52
CA GLY F 140 -18.18 -77.45 -17.24
C GLY F 140 -19.16 -76.30 -17.12
N GLN F 141 -18.65 -75.07 -17.00
CA GLN F 141 -19.47 -73.84 -16.88
C GLN F 141 -19.84 -73.38 -18.30
N SER F 142 -21.14 -73.19 -18.60
CA SER F 142 -21.55 -72.71 -19.95
C SER F 142 -20.95 -71.33 -20.19
N VAL F 143 -20.27 -71.14 -21.32
CA VAL F 143 -19.51 -69.89 -21.60
C VAL F 143 -19.65 -69.47 -23.07
N LYS F 144 -19.77 -68.16 -23.31
CA LYS F 144 -19.76 -67.58 -24.67
C LYS F 144 -18.76 -66.43 -24.63
N ARG F 145 -18.05 -66.23 -25.74
CA ARG F 145 -16.97 -65.23 -25.82
C ARG F 145 -17.24 -64.33 -27.04
N GLY F 146 -17.18 -63.02 -26.87
CA GLY F 146 -17.44 -62.16 -28.03
C GLY F 146 -17.59 -60.71 -27.64
N LEU F 147 -18.48 -60.02 -28.35
CA LEU F 147 -18.70 -58.56 -28.18
C LEU F 147 -19.63 -58.28 -27.02
N ILE F 148 -19.19 -57.40 -26.12
CA ILE F 148 -20.05 -56.88 -25.02
C ILE F 148 -20.30 -55.41 -25.34
N CYS F 149 -21.57 -55.01 -25.37
CA CYS F 149 -21.91 -53.59 -25.64
C CYS F 149 -22.40 -52.93 -24.35
N SER F 150 -21.85 -51.76 -24.06
CA SER F 150 -22.23 -51.02 -22.84
C SER F 150 -23.03 -49.77 -23.21
N GLY F 151 -23.84 -49.34 -22.27
CA GLY F 151 -24.61 -48.08 -22.41
C GLY F 151 -25.18 -47.68 -21.07
N ASP F 152 -25.48 -46.40 -20.89
CA ASP F 152 -26.11 -45.92 -19.64
C ASP F 152 -27.60 -46.29 -19.66
N SER F 153 -27.94 -47.51 -20.10
CA SER F 153 -29.37 -47.92 -20.09
C SER F 153 -29.52 -49.37 -19.66
N PHE F 154 -30.58 -49.65 -18.92
CA PHE F 154 -30.92 -51.05 -18.60
C PHE F 154 -31.83 -51.53 -19.74
N ILE F 155 -31.34 -52.47 -20.53
CA ILE F 155 -32.09 -52.94 -21.71
C ILE F 155 -33.28 -53.80 -21.26
N ASN F 156 -34.50 -53.37 -21.63
CA ASN F 156 -35.70 -54.09 -21.13
C ASN F 156 -36.78 -54.17 -22.20
N SER F 157 -36.42 -54.42 -23.46
CA SER F 157 -37.46 -54.61 -24.51
C SER F 157 -36.83 -55.21 -25.76
N GLU F 158 -37.65 -55.94 -26.52
CA GLU F 158 -37.21 -56.54 -27.81
C GLU F 158 -36.84 -55.41 -28.79
N ASP F 159 -37.56 -54.28 -28.72
CA ASP F 159 -37.28 -53.13 -29.62
C ASP F 159 -35.89 -52.54 -29.32
N LYS F 160 -35.53 -52.40 -28.05
CA LYS F 160 -34.21 -51.80 -27.72
C LYS F 160 -33.11 -52.80 -28.12
N ILE F 161 -33.37 -54.10 -27.96
CA ILE F 161 -32.38 -55.13 -28.38
C ILE F 161 -32.24 -55.07 -29.89
N ALA F 162 -33.38 -55.06 -30.60
CA ALA F 162 -33.34 -55.00 -32.08
C ALA F 162 -32.49 -53.81 -32.51
N GLN F 163 -32.70 -52.62 -31.94
CA GLN F 163 -31.91 -51.43 -32.36
C GLN F 163 -30.42 -51.63 -32.06
N ILE F 164 -30.09 -52.20 -30.89
CA ILE F 164 -28.66 -52.45 -30.56
C ILE F 164 -28.11 -53.45 -31.58
N GLN F 165 -28.86 -54.51 -31.88
CA GLN F 165 -28.38 -55.52 -32.87
C GLN F 165 -28.26 -54.93 -34.27
N ALA F 166 -29.13 -53.99 -34.63
CA ALA F 166 -29.03 -53.37 -35.96
C ALA F 166 -27.71 -52.59 -36.06
N ASP F 167 -27.23 -52.03 -34.94
CA ASP F 167 -25.96 -51.25 -34.98
C ASP F 167 -24.76 -52.16 -34.72
N PHE F 168 -24.94 -53.21 -33.93
CA PHE F 168 -23.85 -54.15 -33.58
C PHE F 168 -24.39 -55.57 -33.74
N PRO F 169 -24.44 -56.10 -34.98
CA PRO F 169 -25.08 -57.39 -35.25
C PRO F 169 -24.54 -58.57 -34.42
N ASN F 170 -23.26 -58.54 -34.05
CA ASN F 170 -22.65 -59.69 -33.30
C ASN F 170 -22.73 -59.47 -31.79
N VAL F 171 -23.53 -58.50 -31.34
CA VAL F 171 -23.55 -58.23 -29.87
C VAL F 171 -23.96 -59.51 -29.14
N MET F 172 -23.24 -59.84 -28.06
CA MET F 172 -23.47 -61.09 -27.30
C MET F 172 -24.20 -60.74 -26.01
N GLY F 173 -23.74 -59.68 -25.34
CA GLY F 173 -24.35 -59.24 -24.09
C GLY F 173 -24.31 -57.74 -23.96
N VAL F 174 -25.21 -57.22 -23.14
CA VAL F 174 -25.33 -55.77 -22.89
C VAL F 174 -25.22 -55.53 -21.38
N GLU F 175 -24.57 -54.44 -20.99
CA GLU F 175 -24.48 -54.05 -19.58
C GLU F 175 -24.16 -52.56 -19.55
N MET F 176 -23.75 -52.00 -18.41
CA MET F 176 -23.67 -50.53 -18.31
C MET F 176 -22.29 -50.02 -17.88
N GLU F 177 -21.25 -50.87 -17.82
CA GLU F 177 -19.95 -50.34 -17.29
C GLU F 177 -18.75 -50.90 -18.06
N ALA F 178 -18.88 -52.08 -18.65
CA ALA F 178 -17.70 -52.77 -19.23
C ALA F 178 -16.87 -51.87 -20.16
N THR F 179 -17.52 -51.23 -21.15
CA THR F 179 -16.77 -50.43 -22.14
C THR F 179 -16.13 -49.21 -21.47
N ALA F 180 -16.79 -48.65 -20.45
CA ALA F 180 -16.21 -47.50 -19.70
C ALA F 180 -14.94 -47.95 -18.98
N ILE F 181 -15.00 -49.08 -18.29
CA ILE F 181 -13.78 -49.59 -17.59
C ILE F 181 -12.69 -49.85 -18.65
N ALA F 182 -13.09 -50.40 -19.80
CA ALA F 182 -12.14 -50.69 -20.90
C ALA F 182 -11.49 -49.39 -21.38
N GLN F 183 -12.28 -48.32 -21.56
CA GLN F 183 -11.74 -47.01 -22.01
C GLN F 183 -10.73 -46.51 -20.97
N VAL F 184 -11.06 -46.58 -19.68
CA VAL F 184 -10.08 -46.15 -18.63
C VAL F 184 -8.83 -47.04 -18.73
N CYS F 185 -9.01 -48.35 -18.81
CA CYS F 185 -7.83 -49.25 -18.87
C CYS F 185 -7.01 -48.99 -20.13
N TYR F 186 -7.68 -48.59 -21.21
CA TYR F 186 -6.98 -48.29 -22.47
C TYR F 186 -6.14 -47.04 -22.28
N ALA F 187 -6.73 -46.02 -21.64
CA ALA F 187 -6.02 -44.73 -21.44
C ALA F 187 -4.84 -44.91 -20.48
N PHE F 188 -4.95 -45.85 -19.55
CA PHE F 188 -3.85 -46.10 -18.57
C PHE F 188 -2.94 -47.23 -19.03
N ASN F 189 -3.29 -47.88 -20.13
CA ASN F 189 -2.49 -49.02 -20.67
C ASN F 189 -2.50 -50.20 -19.70
N VAL F 190 -3.66 -50.59 -19.20
CA VAL F 190 -3.76 -51.75 -18.25
C VAL F 190 -4.62 -52.83 -18.91
N PRO F 191 -4.13 -54.10 -18.95
CA PRO F 191 -4.87 -55.21 -19.53
C PRO F 191 -6.24 -55.35 -18.87
N PHE F 192 -7.26 -55.58 -19.69
CA PHE F 192 -8.68 -55.63 -19.24
C PHE F 192 -9.45 -56.78 -19.87
N VAL F 193 -10.46 -57.29 -19.16
CA VAL F 193 -11.35 -58.34 -19.74
C VAL F 193 -12.66 -58.32 -18.94
N VAL F 194 -13.76 -58.62 -19.63
CA VAL F 194 -15.08 -58.77 -18.96
C VAL F 194 -15.29 -60.25 -18.69
N VAL F 195 -15.65 -60.59 -17.45
CA VAL F 195 -16.06 -61.97 -17.09
C VAL F 195 -17.36 -61.82 -16.30
N ARG F 196 -18.47 -61.70 -17.02
CA ARG F 196 -19.81 -61.53 -16.38
C ARG F 196 -20.68 -62.78 -16.62
N ALA F 197 -21.90 -62.76 -16.09
CA ALA F 197 -22.83 -63.91 -16.24
C ALA F 197 -24.22 -63.35 -16.49
N ILE F 198 -25.04 -64.12 -17.19
CA ILE F 198 -26.39 -63.64 -17.63
C ILE F 198 -27.37 -63.66 -16.46
N SER F 199 -28.09 -62.55 -16.29
CA SER F 199 -29.13 -62.41 -15.25
C SER F 199 -30.50 -62.30 -15.93
N ASP F 200 -30.52 -62.01 -17.23
CA ASP F 200 -31.79 -61.81 -17.99
C ASP F 200 -31.49 -61.73 -19.49
N GLY F 201 -32.53 -61.55 -20.31
CA GLY F 201 -32.36 -61.50 -21.77
C GLY F 201 -32.49 -60.08 -22.33
N GLY F 202 -32.54 -59.06 -21.48
CA GLY F 202 -32.68 -57.67 -21.94
C GLY F 202 -34.02 -57.42 -22.64
N ASP F 203 -35.00 -58.32 -22.45
CA ASP F 203 -36.34 -58.17 -23.11
C ASP F 203 -37.34 -57.54 -22.12
N GLY F 204 -38.63 -57.66 -22.42
CA GLY F 204 -39.69 -57.08 -21.56
C GLY F 204 -39.71 -57.68 -20.16
N LYS F 205 -39.16 -58.89 -20.02
CA LYS F 205 -39.15 -59.64 -18.72
C LYS F 205 -37.82 -59.43 -18.00
N ALA F 206 -36.92 -58.60 -18.55
CA ALA F 206 -35.55 -58.46 -18.01
C ALA F 206 -35.52 -58.01 -16.54
N SER F 207 -36.33 -57.02 -16.16
CA SER F 207 -36.22 -56.50 -14.77
C SER F 207 -36.62 -57.59 -13.76
N ILE F 208 -37.66 -58.37 -14.07
CA ILE F 208 -38.11 -59.46 -13.15
C ILE F 208 -37.04 -60.55 -13.12
N SER F 209 -36.54 -60.94 -14.29
CA SER F 209 -35.47 -61.97 -14.35
C SER F 209 -34.25 -61.48 -13.55
N PHE F 210 -33.87 -60.23 -13.76
CA PHE F 210 -32.70 -59.64 -13.06
C PHE F 210 -32.85 -59.80 -11.54
N GLU F 211 -34.02 -59.41 -11.01
CA GLU F 211 -34.27 -59.49 -9.55
C GLU F 211 -34.12 -60.93 -9.04
N GLU F 212 -34.51 -61.93 -9.83
CA GLU F 212 -34.34 -63.33 -9.36
C GLU F 212 -32.93 -63.86 -9.67
N PHE F 213 -32.34 -63.48 -10.80
CA PHE F 213 -31.10 -64.17 -11.23
C PHE F 213 -29.82 -63.32 -11.08
N LEU F 214 -29.92 -62.06 -10.62
CA LEU F 214 -28.67 -61.30 -10.34
C LEU F 214 -27.78 -62.09 -9.37
N PRO F 215 -28.32 -62.69 -8.27
CA PRO F 215 -27.47 -63.44 -7.33
C PRO F 215 -26.79 -64.63 -8.02
N LEU F 216 -27.51 -65.34 -8.91
CA LEU F 216 -26.89 -66.49 -9.65
C LEU F 216 -25.76 -65.95 -10.55
N ALA F 217 -26.01 -64.84 -11.24
CA ALA F 217 -25.01 -64.23 -12.14
C ALA F 217 -23.75 -63.87 -11.32
N ALA F 218 -23.95 -63.20 -10.18
CA ALA F 218 -22.83 -62.82 -9.29
C ALA F 218 -22.09 -64.08 -8.82
N LYS F 219 -22.83 -65.12 -8.43
CA LYS F 219 -22.18 -66.38 -7.97
C LYS F 219 -21.36 -67.04 -9.10
N GLN F 220 -21.91 -67.16 -10.31
CA GLN F 220 -21.18 -67.84 -11.42
C GLN F 220 -19.99 -66.96 -11.85
N SER F 221 -20.20 -65.65 -11.97
CA SER F 221 -19.12 -64.71 -12.37
C SER F 221 -17.99 -64.76 -11.32
N SER F 222 -18.35 -64.59 -10.05
CA SER F 222 -17.36 -64.55 -8.94
C SER F 222 -16.60 -65.88 -8.86
N ALA F 223 -17.30 -67.01 -9.01
CA ALA F 223 -16.66 -68.35 -8.94
C ALA F 223 -15.57 -68.45 -10.00
N LEU F 224 -15.86 -67.97 -11.21
CA LEU F 224 -14.88 -68.05 -12.33
C LEU F 224 -13.71 -67.07 -12.07
N VAL F 225 -13.99 -65.88 -11.56
CA VAL F 225 -12.90 -64.90 -11.29
C VAL F 225 -11.99 -65.48 -10.20
N LEU F 226 -12.56 -66.17 -9.22
CA LEU F 226 -11.74 -66.82 -8.16
C LEU F 226 -10.79 -67.83 -8.79
N GLU F 227 -11.28 -68.62 -9.75
CA GLU F 227 -10.42 -69.64 -10.42
C GLU F 227 -9.29 -68.90 -11.14
N MET F 228 -9.60 -67.72 -11.69
CA MET F 228 -8.59 -66.92 -12.44
C MET F 228 -7.53 -66.39 -11.45
N ILE F 229 -7.97 -65.85 -10.32
CA ILE F 229 -7.04 -65.34 -9.26
C ILE F 229 -6.00 -66.42 -8.96
N ASP F 230 -6.45 -67.63 -8.64
CA ASP F 230 -5.54 -68.78 -8.30
C ASP F 230 -4.53 -69.09 -9.40
N ARG F 231 -4.89 -68.89 -10.67
CA ARG F 231 -3.99 -69.26 -11.80
C ARG F 231 -3.04 -68.11 -12.19
N LEU F 232 -3.39 -66.85 -11.90
CA LEU F 232 -2.54 -65.71 -12.33
C LEU F 232 -1.24 -65.66 -11.51
N SER F 233 -0.10 -65.79 -12.22
CA SER F 233 1.29 -65.85 -11.70
C SER F 233 1.41 -66.94 -10.62
N HCS G . 8.15 25.81 15.13
CA HCS G . 7.93 27.08 14.38
CB HCS G . 8.85 28.19 14.89
CG HCS G . 8.80 28.42 16.39
SD HCS G . 8.18 30.06 16.84
C HCS G . 8.18 26.85 12.89
OXT HCS G . 7.98 27.74 12.06
O HCS G . 8.61 25.78 12.47
N9 ADE H . 5.98 35.89 45.56
C8 ADE H . 5.23 35.98 46.70
N7 ADE H . 4.02 36.42 46.51
C5 ADE H . 3.95 36.63 45.14
C6 ADE H . 2.93 37.09 44.29
N6 ADE H . 1.72 37.43 44.72
N1 ADE H . 3.20 37.19 42.97
C2 ADE H . 4.42 36.84 42.54
N3 ADE H . 5.47 36.40 43.24
C4 ADE H . 5.17 36.31 44.55
B BO3 I . 9.46 35.13 45.07
O1 BO3 I . 10.76 34.76 45.29
O2 BO3 I . 8.68 35.48 46.13
O3 BO3 I . 8.92 35.14 43.82
N9 ADE J . 9.87 37.09 16.10
C8 ADE J . 9.43 37.39 14.85
N7 ADE J . 8.17 37.77 14.80
C5 ADE J . 7.75 37.71 16.12
C6 ADE J . 6.52 37.98 16.75
N6 ADE J . 5.44 38.38 16.09
N1 ADE J . 6.45 37.81 18.10
C2 ADE J . 7.54 37.41 18.74
N3 ADE J . 8.75 37.12 18.27
C4 ADE J . 8.80 37.29 16.94
N HCS K . 11.81 43.99 46.12
CA HCS K . 10.38 44.09 46.51
CB HCS K . 9.66 42.74 46.34
CG HCS K . 9.43 42.31 44.89
SD HCS K . 8.90 40.59 44.72
C HCS K . 10.28 44.53 47.98
OXT HCS K . 9.19 44.86 48.47
O HCS K . 11.25 44.57 48.72
B BO3 L . 12.78 35.69 17.71
O1 BO3 L . 14.03 35.17 17.88
O2 BO3 L . 12.00 36.04 18.78
O3 BO3 L . 12.28 35.85 16.46
N9 ADE M . -3.74 21.92 -9.60
C8 ADE M . -4.33 23.09 -9.22
N7 ADE M . -5.40 23.39 -9.93
C5 ADE M . -5.52 22.34 -10.83
C6 ADE M . -6.44 22.07 -11.86
N6 ADE M . -7.47 22.86 -12.16
N1 ADE M . -6.25 20.93 -12.58
C2 ADE M . -5.21 20.14 -12.26
N3 ADE M . -4.28 20.30 -11.33
C4 ADE M . -4.48 21.43 -10.64
N HCS N . -6.52 -9.42 -17.33
CA HCS N . -6.48 -9.19 -18.82
CB HCS N . -5.33 -8.24 -19.19
CG HCS N . -5.35 -6.90 -18.47
SD HCS N . -5.28 -5.49 -19.59
C HCS N . -6.31 -10.53 -19.55
OXT HCS N . -7.28 -11.22 -19.83
O HCS N . -5.21 -10.95 -19.87
N HCS O . 3.89 24.69 -15.06
CA HCS O . 2.63 25.46 -15.30
CB HCS O . 1.50 24.97 -14.39
CG HCS O . 0.95 23.60 -14.72
SD HCS O . 0.13 22.76 -13.34
C HCS O . 2.91 26.95 -15.06
OXT HCS O . 2.71 27.51 -13.98
O HCS O . 3.35 27.66 -15.98
B BO3 P . -0.66 20.29 -8.72
O1 BO3 P . -1.24 21.52 -8.58
O2 BO3 P . 0.52 20.05 -8.07
O3 BO3 P . -1.26 19.36 -9.50
N9 ADE Q . -2.14 -3.07 -25.57
C8 ADE Q . -2.56 -3.92 -26.55
N7 ADE Q . -3.69 -3.54 -27.11
C5 ADE Q . -4.01 -2.36 -26.45
C6 ADE Q . -5.08 -1.47 -26.58
N6 ADE Q . -6.08 -1.61 -27.46
N1 ADE Q . -5.10 -0.38 -25.77
C2 ADE Q . -4.09 -0.22 -24.89
N3 ADE Q . -3.04 -1.00 -24.68
C4 ADE Q . -3.05 -2.07 -25.51
B BO3 R . 0.58 -3.10 -23.15
O1 BO3 R . -0.02 -1.88 -22.95
O2 BO3 R . 1.66 -3.50 -22.42
O3 BO3 R . 0.06 -3.94 -24.08
N9 ADE S . -21.18 -29.60 -28.98
C8 ADE S . -21.42 -28.58 -29.86
N7 ADE S . -22.44 -28.81 -30.65
C5 ADE S . -22.89 -30.07 -30.27
C6 ADE S . -23.95 -30.89 -30.73
N6 ADE S . -24.77 -30.53 -31.71
N1 ADE S . -24.11 -32.08 -30.13
C2 ADE S . -23.27 -32.43 -29.15
N3 ADE S . -22.25 -31.75 -28.63
C4 ADE S . -22.10 -30.56 -29.24
N HCS T . -32.27 -51.29 -7.59
CA HCS T . -32.44 -52.42 -8.56
CB HCS T . -31.21 -52.53 -9.47
CG HCS T . -30.83 -51.26 -10.23
SD HCS T . -30.34 -51.56 -11.94
C HCS T . -32.64 -53.72 -7.80
OXT HCS T . -33.76 -54.13 -7.49
O HCS T . -31.69 -54.43 -7.46
B BO3 U . -18.51 -30.32 -26.64
O1 BO3 U . -18.75 -29.51 -27.71
O2 BO3 U . -19.40 -31.30 -26.32
O3 BO3 U . -17.37 -30.15 -25.92
N9 ADE V . -27.09 -55.91 -16.54
C8 ADE V . -27.77 -57.08 -16.42
N7 ADE V . -28.79 -57.16 -17.24
C5 ADE V . -28.78 -55.95 -17.92
C6 ADE V . -29.62 -55.40 -18.92
N6 ADE V . -30.67 -56.02 -19.43
N1 ADE V . -29.32 -54.15 -19.37
C2 ADE V . -28.25 -53.53 -18.85
N3 ADE V . -27.41 -53.94 -17.92
C4 ADE V . -27.72 -55.17 -17.49
N HCS W . -13.18 -34.26 -33.10
CA HCS W . -14.20 -33.80 -34.10
CB HCS W . -15.38 -33.10 -33.40
CG HCS W . -16.28 -34.02 -32.58
SD HCS W . -17.33 -33.13 -31.39
C HCS W . -13.56 -32.84 -35.10
OXT HCS W . -13.39 -33.17 -36.27
O HCS W . -13.17 -31.72 -34.77
B BO3 X . -24.42 -54.44 -14.72
O1 BO3 X . -24.65 -53.59 -15.77
O2 BO3 X . -23.45 -54.19 -13.79
O3 BO3 X . -25.17 -55.57 -14.63
#